data_8HEL
# 
_entry.id   8HEL 
# 
_audit_conform.dict_name       mmcif_pdbx.dic 
_audit_conform.dict_version    5.399 
_audit_conform.dict_location   http://mmcif.pdb.org/dictionaries/ascii/mmcif_pdbx.dic 
# 
loop_
_database_2.database_id 
_database_2.database_code 
_database_2.pdbx_database_accession 
_database_2.pdbx_DOI 
PDB   8HEL         pdb_00008hel 10.2210/pdb8hel/pdb 
WWPDB D_1300028369 ?            ?                   
# 
loop_
_pdbx_audit_revision_history.ordinal 
_pdbx_audit_revision_history.data_content_type 
_pdbx_audit_revision_history.major_revision 
_pdbx_audit_revision_history.minor_revision 
_pdbx_audit_revision_history.revision_date 
1 'Structure model' 1 0 2024-05-08 
2 'Structure model' 1 1 2024-11-20 
# 
_pdbx_audit_revision_details.ordinal             1 
_pdbx_audit_revision_details.revision_ordinal    1 
_pdbx_audit_revision_details.data_content_type   'Structure model' 
_pdbx_audit_revision_details.provider            repository 
_pdbx_audit_revision_details.type                'Initial release' 
_pdbx_audit_revision_details.description         ? 
_pdbx_audit_revision_details.details             ? 
# 
loop_
_pdbx_audit_revision_group.ordinal 
_pdbx_audit_revision_group.revision_ordinal 
_pdbx_audit_revision_group.data_content_type 
_pdbx_audit_revision_group.group 
1 2 'Structure model' 'Database references' 
2 2 'Structure model' 'Structure summary'   
# 
loop_
_pdbx_audit_revision_category.ordinal 
_pdbx_audit_revision_category.revision_ordinal 
_pdbx_audit_revision_category.data_content_type 
_pdbx_audit_revision_category.category 
1 2 'Structure model' citation           
2 2 'Structure model' citation_author    
3 2 'Structure model' pdbx_entry_details 
# 
loop_
_pdbx_audit_revision_item.ordinal 
_pdbx_audit_revision_item.revision_ordinal 
_pdbx_audit_revision_item.data_content_type 
_pdbx_audit_revision_item.item 
1 2 'Structure model' '_citation.country'              
2 2 'Structure model' '_citation.journal_abbrev'       
3 2 'Structure model' '_citation.journal_id_ASTM'      
4 2 'Structure model' '_citation.journal_id_CSD'       
5 2 'Structure model' '_citation.journal_id_ISSN'      
6 2 'Structure model' '_citation.pdbx_database_id_DOI' 
7 2 'Structure model' '_citation.title'                
8 2 'Structure model' '_citation.year'                 
# 
_pdbx_database_status.status_code                     REL 
_pdbx_database_status.status_code_sf                  REL 
_pdbx_database_status.status_code_mr                  ? 
_pdbx_database_status.entry_id                        8HEL 
_pdbx_database_status.recvd_initial_deposition_date   2022-11-08 
_pdbx_database_status.SG_entry                        N 
_pdbx_database_status.deposit_site                    PDBJ 
_pdbx_database_status.process_site                    RCSB 
_pdbx_database_status.status_code_cs                  ? 
_pdbx_database_status.status_code_nmr_data            ? 
_pdbx_database_status.methods_development_category    ? 
_pdbx_database_status.pdb_format_compatible           Y 
# 
_pdbx_contact_author.id                 2 
_pdbx_contact_author.email              bae@snu.ac.kr 
_pdbx_contact_author.name_first         Euiyoung 
_pdbx_contact_author.name_last          Bae 
_pdbx_contact_author.name_mi            ? 
_pdbx_contact_author.role               'principal investigator/group leader' 
_pdbx_contact_author.identifier_ORCID   0000-0001-7865-0167 
# 
loop_
_audit_author.name 
_audit_author.pdbx_ordinal 
_audit_author.identifier_ORCID 
'Koo, J.' 1 ? 
'Bae, E.' 2 ? 
# 
_citation.abstract                  ? 
_citation.abstract_id_CAS           ? 
_citation.book_id_ISBN              ? 
_citation.book_publisher            ? 
_citation.book_publisher_city       ? 
_citation.book_title                ? 
_citation.coordinate_linkage        ? 
_citation.country                   UK 
_citation.database_id_Medline       ? 
_citation.details                   ? 
_citation.id                        primary 
_citation.journal_abbrev            Structure 
_citation.journal_id_ASTM           STRUE6 
_citation.journal_id_CSD            2005 
_citation.journal_id_ISSN           0969-2126 
_citation.journal_full              ? 
_citation.journal_issue             ? 
_citation.journal_volume            ? 
_citation.language                  ? 
_citation.page_first                ? 
_citation.page_last                 ? 
_citation.title                     'Structural and biochemical insights into the mechanism of the anti-CRISPR protein AcrIE3' 
_citation.year                      2024 
_citation.database_id_CSD           ? 
_citation.pdbx_database_id_DOI      10.1016/j.str.2024.10.024 
_citation.pdbx_database_id_PubMed   ? 
_citation.pdbx_database_id_patent   ? 
_citation.unpublished_flag          ? 
# 
loop_
_citation_author.citation_id 
_citation_author.name 
_citation_author.ordinal 
_citation_author.identifier_ORCID 
primary 'Koo, J.'    1 ? 
primary 'Lee, G.'    2 ? 
primary 'Park, C.'   3 ? 
primary 'Oh, H.'     4 ? 
primary 'Hong, S.H.' 5 ? 
primary 'Suh, J.Y.'  6 ? 
primary 'Bae, E.'    7 ? 
# 
loop_
_entity.id 
_entity.type 
_entity.src_method 
_entity.pdbx_description 
_entity.formula_weight 
_entity.pdbx_number_of_molecules 
_entity.pdbx_ec 
_entity.pdbx_mutation 
_entity.pdbx_fragment 
_entity.details 
1 polymer man AcrIE3 8850.677 1   ? ? ? ? 
2 water   nat water  18.015   110 ? ? ? ? 
# 
_entity_poly.entity_id                      1 
_entity_poly.type                           'polypeptide(L)' 
_entity_poly.nstd_linkage                   no 
_entity_poly.nstd_monomer                   no 
_entity_poly.pdbx_seq_one_letter_code       MKITNDTTTYEVAELMGSEADELDGRIMMGLLSRECVVDTDDLSEDQWLALIDESQKVRREQFESDEALEHHHHHH 
_entity_poly.pdbx_seq_one_letter_code_can   MKITNDTTTYEVAELMGSEADELDGRIMMGLLSRECVVDTDDLSEDQWLALIDESQKVRREQFESDEALEHHHHHH 
_entity_poly.pdbx_strand_id                 A 
_entity_poly.pdbx_target_identifier         ? 
# 
_pdbx_entity_nonpoly.entity_id   2 
_pdbx_entity_nonpoly.name        water 
_pdbx_entity_nonpoly.comp_id     HOH 
# 
loop_
_entity_poly_seq.entity_id 
_entity_poly_seq.num 
_entity_poly_seq.mon_id 
_entity_poly_seq.hetero 
1 1  MET n 
1 2  LYS n 
1 3  ILE n 
1 4  THR n 
1 5  ASN n 
1 6  ASP n 
1 7  THR n 
1 8  THR n 
1 9  THR n 
1 10 TYR n 
1 11 GLU n 
1 12 VAL n 
1 13 ALA n 
1 14 GLU n 
1 15 LEU n 
1 16 MET n 
1 17 GLY n 
1 18 SER n 
1 19 GLU n 
1 20 ALA n 
1 21 ASP n 
1 22 GLU n 
1 23 LEU n 
1 24 ASP n 
1 25 GLY n 
1 26 ARG n 
1 27 ILE n 
1 28 MET n 
1 29 MET n 
1 30 GLY n 
1 31 LEU n 
1 32 LEU n 
1 33 SER n 
1 34 ARG n 
1 35 GLU n 
1 36 CYS n 
1 37 VAL n 
1 38 VAL n 
1 39 ASP n 
1 40 THR n 
1 41 ASP n 
1 42 ASP n 
1 43 LEU n 
1 44 SER n 
1 45 GLU n 
1 46 ASP n 
1 47 GLN n 
1 48 TRP n 
1 49 LEU n 
1 50 ALA n 
1 51 LEU n 
1 52 ILE n 
1 53 ASP n 
1 54 GLU n 
1 55 SER n 
1 56 GLN n 
1 57 LYS n 
1 58 VAL n 
1 59 ARG n 
1 60 ARG n 
1 61 GLU n 
1 62 GLN n 
1 63 PHE n 
1 64 GLU n 
1 65 SER n 
1 66 ASP n 
1 67 GLU n 
1 68 ALA n 
1 69 LEU n 
1 70 GLU n 
1 71 HIS n 
1 72 HIS n 
1 73 HIS n 
1 74 HIS n 
1 75 HIS n 
1 76 HIS n 
# 
_entity_src_gen.entity_id                          1 
_entity_src_gen.pdbx_src_id                        1 
_entity_src_gen.pdbx_alt_source_flag               sample 
_entity_src_gen.pdbx_seq_type                      'Biological sequence' 
_entity_src_gen.pdbx_beg_seq_num                   1 
_entity_src_gen.pdbx_end_seq_num                   76 
_entity_src_gen.gene_src_common_name               ? 
_entity_src_gen.gene_src_genus                     ? 
_entity_src_gen.pdbx_gene_src_gene                 ? 
_entity_src_gen.gene_src_species                   ? 
_entity_src_gen.gene_src_strain                    ? 
_entity_src_gen.gene_src_tissue                    ? 
_entity_src_gen.gene_src_tissue_fraction           ? 
_entity_src_gen.gene_src_details                   ? 
_entity_src_gen.pdbx_gene_src_fragment             ? 
_entity_src_gen.pdbx_gene_src_scientific_name      'Pseudomonas phage DMS3' 
_entity_src_gen.pdbx_gene_src_ncbi_taxonomy_id     2913973 
_entity_src_gen.pdbx_gene_src_variant              ? 
_entity_src_gen.pdbx_gene_src_cell_line            ? 
_entity_src_gen.pdbx_gene_src_atcc                 ? 
_entity_src_gen.pdbx_gene_src_organ                ? 
_entity_src_gen.pdbx_gene_src_organelle            ? 
_entity_src_gen.pdbx_gene_src_cell                 ? 
_entity_src_gen.pdbx_gene_src_cellular_location    ? 
_entity_src_gen.host_org_common_name               ? 
_entity_src_gen.pdbx_host_org_scientific_name      'Escherichia coli BL21(DE3)' 
_entity_src_gen.pdbx_host_org_ncbi_taxonomy_id     469008 
_entity_src_gen.host_org_genus                     ? 
_entity_src_gen.pdbx_host_org_gene                 ? 
_entity_src_gen.pdbx_host_org_organ                ? 
_entity_src_gen.host_org_species                   ? 
_entity_src_gen.pdbx_host_org_tissue               ? 
_entity_src_gen.pdbx_host_org_tissue_fraction      ? 
_entity_src_gen.pdbx_host_org_strain               ? 
_entity_src_gen.pdbx_host_org_variant              ? 
_entity_src_gen.pdbx_host_org_cell_line            ? 
_entity_src_gen.pdbx_host_org_atcc                 ? 
_entity_src_gen.pdbx_host_org_culture_collection   ? 
_entity_src_gen.pdbx_host_org_cell                 ? 
_entity_src_gen.pdbx_host_org_organelle            ? 
_entity_src_gen.pdbx_host_org_cellular_location    ? 
_entity_src_gen.pdbx_host_org_vector_type          ? 
_entity_src_gen.pdbx_host_org_vector               ? 
_entity_src_gen.host_org_details                   ? 
_entity_src_gen.expression_system_id               ? 
_entity_src_gen.plasmid_name                       ? 
_entity_src_gen.plasmid_details                    ? 
_entity_src_gen.pdbx_description                   ? 
# 
loop_
_chem_comp.id 
_chem_comp.type 
_chem_comp.mon_nstd_flag 
_chem_comp.name 
_chem_comp.pdbx_synonyms 
_chem_comp.formula 
_chem_comp.formula_weight 
ALA 'L-peptide linking' y ALANINE         ? 'C3 H7 N O2'     89.093  
ARG 'L-peptide linking' y ARGININE        ? 'C6 H15 N4 O2 1' 175.209 
ASN 'L-peptide linking' y ASPARAGINE      ? 'C4 H8 N2 O3'    132.118 
ASP 'L-peptide linking' y 'ASPARTIC ACID' ? 'C4 H7 N O4'     133.103 
CYS 'L-peptide linking' y CYSTEINE        ? 'C3 H7 N O2 S'   121.158 
GLN 'L-peptide linking' y GLUTAMINE       ? 'C5 H10 N2 O3'   146.144 
GLU 'L-peptide linking' y 'GLUTAMIC ACID' ? 'C5 H9 N O4'     147.129 
GLY 'peptide linking'   y GLYCINE         ? 'C2 H5 N O2'     75.067  
HIS 'L-peptide linking' y HISTIDINE       ? 'C6 H10 N3 O2 1' 156.162 
HOH non-polymer         . WATER           ? 'H2 O'           18.015  
ILE 'L-peptide linking' y ISOLEUCINE      ? 'C6 H13 N O2'    131.173 
LEU 'L-peptide linking' y LEUCINE         ? 'C6 H13 N O2'    131.173 
LYS 'L-peptide linking' y LYSINE          ? 'C6 H15 N2 O2 1' 147.195 
MET 'L-peptide linking' y METHIONINE      ? 'C5 H11 N O2 S'  149.211 
PHE 'L-peptide linking' y PHENYLALANINE   ? 'C9 H11 N O2'    165.189 
SER 'L-peptide linking' y SERINE          ? 'C3 H7 N O3'     105.093 
THR 'L-peptide linking' y THREONINE       ? 'C4 H9 N O3'     119.119 
TRP 'L-peptide linking' y TRYPTOPHAN      ? 'C11 H12 N2 O2'  204.225 
TYR 'L-peptide linking' y TYROSINE        ? 'C9 H11 N O3'    181.189 
VAL 'L-peptide linking' y VALINE          ? 'C5 H11 N O2'    117.146 
# 
loop_
_pdbx_poly_seq_scheme.asym_id 
_pdbx_poly_seq_scheme.entity_id 
_pdbx_poly_seq_scheme.seq_id 
_pdbx_poly_seq_scheme.mon_id 
_pdbx_poly_seq_scheme.ndb_seq_num 
_pdbx_poly_seq_scheme.pdb_seq_num 
_pdbx_poly_seq_scheme.auth_seq_num 
_pdbx_poly_seq_scheme.pdb_mon_id 
_pdbx_poly_seq_scheme.auth_mon_id 
_pdbx_poly_seq_scheme.pdb_strand_id 
_pdbx_poly_seq_scheme.pdb_ins_code 
_pdbx_poly_seq_scheme.hetero 
A 1 1  MET 1  1  1  MET MET A . n 
A 1 2  LYS 2  2  2  LYS LYS A . n 
A 1 3  ILE 3  3  3  ILE ILE A . n 
A 1 4  THR 4  4  4  THR THR A . n 
A 1 5  ASN 5  5  5  ASN ASN A . n 
A 1 6  ASP 6  6  6  ASP ASP A . n 
A 1 7  THR 7  7  7  THR THR A . n 
A 1 8  THR 8  8  8  THR THR A . n 
A 1 9  THR 9  9  9  THR THR A . n 
A 1 10 TYR 10 10 10 TYR TYR A . n 
A 1 11 GLU 11 11 11 GLU GLU A . n 
A 1 12 VAL 12 12 12 VAL VAL A . n 
A 1 13 ALA 13 13 13 ALA ALA A . n 
A 1 14 GLU 14 14 14 GLU GLU A . n 
A 1 15 LEU 15 15 15 LEU LEU A . n 
A 1 16 MET 16 16 16 MET MET A . n 
A 1 17 GLY 17 17 17 GLY GLY A . n 
A 1 18 SER 18 18 18 SER SER A . n 
A 1 19 GLU 19 19 19 GLU GLU A . n 
A 1 20 ALA 20 20 20 ALA ALA A . n 
A 1 21 ASP 21 21 21 ASP ASP A . n 
A 1 22 GLU 22 22 22 GLU GLU A . n 
A 1 23 LEU 23 23 23 LEU LEU A . n 
A 1 24 ASP 24 24 24 ASP ASP A . n 
A 1 25 GLY 25 25 25 GLY GLY A . n 
A 1 26 ARG 26 26 26 ARG ARG A . n 
A 1 27 ILE 27 27 27 ILE ILE A . n 
A 1 28 MET 28 28 28 MET MET A . n 
A 1 29 MET 29 29 29 MET MET A . n 
A 1 30 GLY 30 30 30 GLY GLY A . n 
A 1 31 LEU 31 31 31 LEU LEU A . n 
A 1 32 LEU 32 32 32 LEU LEU A . n 
A 1 33 SER 33 33 33 SER SER A . n 
A 1 34 ARG 34 34 34 ARG ARG A . n 
A 1 35 GLU 35 35 35 GLU GLU A . n 
A 1 36 CYS 36 36 36 CYS CYS A . n 
A 1 37 VAL 37 37 37 VAL VAL A . n 
A 1 38 VAL 38 38 38 VAL VAL A . n 
A 1 39 ASP 39 39 39 ASP ASP A . n 
A 1 40 THR 40 40 40 THR THR A . n 
A 1 41 ASP 41 41 41 ASP ASP A . n 
A 1 42 ASP 42 42 42 ASP ASP A . n 
A 1 43 LEU 43 43 43 LEU LEU A . n 
A 1 44 SER 44 44 44 SER SER A . n 
A 1 45 GLU 45 45 45 GLU GLU A . n 
A 1 46 ASP 46 46 46 ASP ASP A . n 
A 1 47 GLN 47 47 47 GLN GLN A . n 
A 1 48 TRP 48 48 48 TRP TRP A . n 
A 1 49 LEU 49 49 49 LEU LEU A . n 
A 1 50 ALA 50 50 50 ALA ALA A . n 
A 1 51 LEU 51 51 51 LEU LEU A . n 
A 1 52 ILE 52 52 52 ILE ILE A . n 
A 1 53 ASP 53 53 53 ASP ASP A . n 
A 1 54 GLU 54 54 54 GLU GLU A . n 
A 1 55 SER 55 55 55 SER SER A . n 
A 1 56 GLN 56 56 56 GLN GLN A . n 
A 1 57 LYS 57 57 57 LYS LYS A . n 
A 1 58 VAL 58 58 58 VAL VAL A . n 
A 1 59 ARG 59 59 59 ARG ARG A . n 
A 1 60 ARG 60 60 60 ARG ARG A . n 
A 1 61 GLU 61 61 61 GLU GLU A . n 
A 1 62 GLN 62 62 62 GLN GLN A . n 
A 1 63 PHE 63 63 63 PHE PHE A . n 
A 1 64 GLU 64 64 64 GLU GLU A . n 
A 1 65 SER 65 65 65 SER SER A . n 
A 1 66 ASP 66 66 66 ASP ASP A . n 
A 1 67 GLU 67 67 67 GLU GLU A . n 
A 1 68 ALA 68 68 68 ALA ALA A . n 
A 1 69 LEU 69 69 ?  ?   ?   A . n 
A 1 70 GLU 70 70 ?  ?   ?   A . n 
A 1 71 HIS 71 71 ?  ?   ?   A . n 
A 1 72 HIS 72 72 ?  ?   ?   A . n 
A 1 73 HIS 73 73 ?  ?   ?   A . n 
A 1 74 HIS 74 74 ?  ?   ?   A . n 
A 1 75 HIS 75 75 ?  ?   ?   A . n 
A 1 76 HIS 76 76 ?  ?   ?   A . n 
# 
loop_
_pdbx_nonpoly_scheme.asym_id 
_pdbx_nonpoly_scheme.entity_id 
_pdbx_nonpoly_scheme.mon_id 
_pdbx_nonpoly_scheme.ndb_seq_num 
_pdbx_nonpoly_scheme.pdb_seq_num 
_pdbx_nonpoly_scheme.auth_seq_num 
_pdbx_nonpoly_scheme.pdb_mon_id 
_pdbx_nonpoly_scheme.auth_mon_id 
_pdbx_nonpoly_scheme.pdb_strand_id 
_pdbx_nonpoly_scheme.pdb_ins_code 
B 2 HOH 1   101 27  HOH HOH A . 
B 2 HOH 2   102 105 HOH HOH A . 
B 2 HOH 3   103 114 HOH HOH A . 
B 2 HOH 4   104 20  HOH HOH A . 
B 2 HOH 5   105 116 HOH HOH A . 
B 2 HOH 6   106 69  HOH HOH A . 
B 2 HOH 7   107 28  HOH HOH A . 
B 2 HOH 8   108 76  HOH HOH A . 
B 2 HOH 9   109 5   HOH HOH A . 
B 2 HOH 10  110 118 HOH HOH A . 
B 2 HOH 11  111 10  HOH HOH A . 
B 2 HOH 12  112 101 HOH HOH A . 
B 2 HOH 13  113 109 HOH HOH A . 
B 2 HOH 14  114 9   HOH HOH A . 
B 2 HOH 15  115 40  HOH HOH A . 
B 2 HOH 16  116 39  HOH HOH A . 
B 2 HOH 17  117 56  HOH HOH A . 
B 2 HOH 18  118 13  HOH HOH A . 
B 2 HOH 19  119 33  HOH HOH A . 
B 2 HOH 20  120 6   HOH HOH A . 
B 2 HOH 21  121 117 HOH HOH A . 
B 2 HOH 22  122 21  HOH HOH A . 
B 2 HOH 23  123 22  HOH HOH A . 
B 2 HOH 24  124 85  HOH HOH A . 
B 2 HOH 25  125 8   HOH HOH A . 
B 2 HOH 26  126 43  HOH HOH A . 
B 2 HOH 27  127 3   HOH HOH A . 
B 2 HOH 28  128 46  HOH HOH A . 
B 2 HOH 29  129 57  HOH HOH A . 
B 2 HOH 30  130 7   HOH HOH A . 
B 2 HOH 31  131 17  HOH HOH A . 
B 2 HOH 32  132 2   HOH HOH A . 
B 2 HOH 33  133 4   HOH HOH A . 
B 2 HOH 34  134 49  HOH HOH A . 
B 2 HOH 35  135 70  HOH HOH A . 
B 2 HOH 36  136 29  HOH HOH A . 
B 2 HOH 37  137 82  HOH HOH A . 
B 2 HOH 38  138 53  HOH HOH A . 
B 2 HOH 39  139 79  HOH HOH A . 
B 2 HOH 40  140 58  HOH HOH A . 
B 2 HOH 41  141 87  HOH HOH A . 
B 2 HOH 42  142 11  HOH HOH A . 
B 2 HOH 43  143 61  HOH HOH A . 
B 2 HOH 44  144 77  HOH HOH A . 
B 2 HOH 45  145 47  HOH HOH A . 
B 2 HOH 46  146 54  HOH HOH A . 
B 2 HOH 47  147 12  HOH HOH A . 
B 2 HOH 48  148 26  HOH HOH A . 
B 2 HOH 49  149 62  HOH HOH A . 
B 2 HOH 50  150 35  HOH HOH A . 
B 2 HOH 51  151 59  HOH HOH A . 
B 2 HOH 52  152 67  HOH HOH A . 
B 2 HOH 53  153 112 HOH HOH A . 
B 2 HOH 54  154 51  HOH HOH A . 
B 2 HOH 55  155 72  HOH HOH A . 
B 2 HOH 56  156 24  HOH HOH A . 
B 2 HOH 57  157 64  HOH HOH A . 
B 2 HOH 58  158 75  HOH HOH A . 
B 2 HOH 59  159 38  HOH HOH A . 
B 2 HOH 60  160 45  HOH HOH A . 
B 2 HOH 61  161 55  HOH HOH A . 
B 2 HOH 62  162 36  HOH HOH A . 
B 2 HOH 63  163 100 HOH HOH A . 
B 2 HOH 64  164 74  HOH HOH A . 
B 2 HOH 65  165 71  HOH HOH A . 
B 2 HOH 66  166 86  HOH HOH A . 
B 2 HOH 67  167 34  HOH HOH A . 
B 2 HOH 68  168 50  HOH HOH A . 
B 2 HOH 69  169 65  HOH HOH A . 
B 2 HOH 70  170 32  HOH HOH A . 
B 2 HOH 71  171 115 HOH HOH A . 
B 2 HOH 72  172 73  HOH HOH A . 
B 2 HOH 73  173 93  HOH HOH A . 
B 2 HOH 74  174 48  HOH HOH A . 
B 2 HOH 75  175 80  HOH HOH A . 
B 2 HOH 76  176 99  HOH HOH A . 
B 2 HOH 77  177 15  HOH HOH A . 
B 2 HOH 78  178 23  HOH HOH A . 
B 2 HOH 79  179 31  HOH HOH A . 
B 2 HOH 80  180 16  HOH HOH A . 
B 2 HOH 81  181 102 HOH HOH A . 
B 2 HOH 82  182 104 HOH HOH A . 
B 2 HOH 83  183 44  HOH HOH A . 
B 2 HOH 84  184 90  HOH HOH A . 
B 2 HOH 85  185 81  HOH HOH A . 
B 2 HOH 86  186 95  HOH HOH A . 
B 2 HOH 87  187 60  HOH HOH A . 
B 2 HOH 88  188 108 HOH HOH A . 
B 2 HOH 89  189 42  HOH HOH A . 
B 2 HOH 90  190 63  HOH HOH A . 
B 2 HOH 91  191 92  HOH HOH A . 
B 2 HOH 92  192 52  HOH HOH A . 
B 2 HOH 93  193 25  HOH HOH A . 
B 2 HOH 94  194 68  HOH HOH A . 
B 2 HOH 95  195 41  HOH HOH A . 
B 2 HOH 96  196 30  HOH HOH A . 
B 2 HOH 97  197 110 HOH HOH A . 
B 2 HOH 98  198 14  HOH HOH A . 
B 2 HOH 99  199 106 HOH HOH A . 
B 2 HOH 100 200 111 HOH HOH A . 
B 2 HOH 101 201 98  HOH HOH A . 
B 2 HOH 102 202 83  HOH HOH A . 
B 2 HOH 103 203 97  HOH HOH A . 
B 2 HOH 104 204 113 HOH HOH A . 
B 2 HOH 105 205 91  HOH HOH A . 
B 2 HOH 106 206 66  HOH HOH A . 
B 2 HOH 107 207 88  HOH HOH A . 
B 2 HOH 108 208 94  HOH HOH A . 
B 2 HOH 109 209 107 HOH HOH A . 
B 2 HOH 110 210 84  HOH HOH A . 
# 
loop_
_software.citation_id 
_software.classification 
_software.compiler_name 
_software.compiler_version 
_software.contact_author 
_software.contact_author_email 
_software.date 
_software.description 
_software.dependencies 
_software.hardware 
_software.language 
_software.location 
_software.mods 
_software.name 
_software.os 
_software.os_version 
_software.type 
_software.version 
_software.pdbx_ordinal 
? 'data scaling'    ? ? ? ? ? ? ? ? ? ? ? HKL-2000    ? ? ? .        1 
? 'data collection' ? ? ? ? ? ? ? ? ? ? ? HKL-2000    ? ? ? .        2 
? 'data scaling'    ? ? ? ? ? ? ? ? ? ? ? HKL-2000    ? ? ? .        3 
? 'model building'  ? ? ? ? ? ? ? ? ? ? ? PHENIX      ? ? ? 1.9_1692 4 
? phasing           ? ? ? ? ? ? ? ? ? ? ? PHENIX      ? ? ? 1.9_1692 5 
? refinement        ? ? ? ? ? ? ? ? ? ? ? PHENIX      ? ? ? 1.9_1692 6 
? 'data extraction' ? ? ? ? ? ? ? ? ? ? ? PDB_EXTRACT ? ? ? 3.27     7 
# 
_cell.angle_alpha                  90.00 
_cell.angle_alpha_esd              ? 
_cell.angle_beta                   90.00 
_cell.angle_beta_esd               ? 
_cell.angle_gamma                  90.00 
_cell.angle_gamma_esd              ? 
_cell.entry_id                     8HEL 
_cell.details                      ? 
_cell.formula_units_Z              ? 
_cell.length_a                     58.353 
_cell.length_a_esd                 ? 
_cell.length_b                     58.353 
_cell.length_b_esd                 ? 
_cell.length_c                     90.633 
_cell.length_c_esd                 ? 
_cell.volume                       ? 
_cell.volume_esd                   ? 
_cell.Z_PDB                        16 
_cell.reciprocal_angle_alpha       ? 
_cell.reciprocal_angle_beta        ? 
_cell.reciprocal_angle_gamma       ? 
_cell.reciprocal_angle_alpha_esd   ? 
_cell.reciprocal_angle_beta_esd    ? 
_cell.reciprocal_angle_gamma_esd   ? 
_cell.reciprocal_length_a          ? 
_cell.reciprocal_length_b          ? 
_cell.reciprocal_length_c          ? 
_cell.reciprocal_length_a_esd      ? 
_cell.reciprocal_length_b_esd      ? 
_cell.reciprocal_length_c_esd      ? 
_cell.pdbx_unique_axis             ? 
_cell.pdbx_esd_method              ? 
# 
_symmetry.entry_id                         8HEL 
_symmetry.cell_setting                     ? 
_symmetry.Int_Tables_number                98 
_symmetry.space_group_name_Hall            ? 
_symmetry.space_group_name_H-M             'I 41 2 2' 
_symmetry.pdbx_full_space_group_name_H-M   ? 
# 
_exptl.absorpt_coefficient_mu     ? 
_exptl.absorpt_correction_T_max   ? 
_exptl.absorpt_correction_T_min   ? 
_exptl.absorpt_correction_type    ? 
_exptl.absorpt_process_details    ? 
_exptl.entry_id                   8HEL 
_exptl.crystals_number            1 
_exptl.details                    ? 
_exptl.method                     'X-RAY DIFFRACTION' 
_exptl.method_details             ? 
# 
_exptl_crystal.colour                       ? 
_exptl_crystal.density_diffrn               ? 
_exptl_crystal.density_Matthews             2.18 
_exptl_crystal.density_method               ? 
_exptl_crystal.density_percent_sol          43.56 
_exptl_crystal.description                  ? 
_exptl_crystal.F_000                        ? 
_exptl_crystal.id                           1 
_exptl_crystal.preparation                  ? 
_exptl_crystal.size_max                     ? 
_exptl_crystal.size_mid                     ? 
_exptl_crystal.size_min                     ? 
_exptl_crystal.size_rad                     ? 
_exptl_crystal.colour_lustre                ? 
_exptl_crystal.colour_modifier              ? 
_exptl_crystal.colour_primary               ? 
_exptl_crystal.density_meas                 ? 
_exptl_crystal.density_meas_esd             ? 
_exptl_crystal.density_meas_gt              ? 
_exptl_crystal.density_meas_lt              ? 
_exptl_crystal.density_meas_temp            ? 
_exptl_crystal.density_meas_temp_esd        ? 
_exptl_crystal.density_meas_temp_gt         ? 
_exptl_crystal.density_meas_temp_lt         ? 
_exptl_crystal.pdbx_crystal_image_url       ? 
_exptl_crystal.pdbx_crystal_image_format    ? 
_exptl_crystal.pdbx_mosaicity               ? 
_exptl_crystal.pdbx_mosaicity_esd           ? 
_exptl_crystal.pdbx_mosaic_method           ? 
_exptl_crystal.pdbx_mosaic_block_size       ? 
_exptl_crystal.pdbx_mosaic_block_size_esd   ? 
# 
_exptl_crystal_grow.apparatus       ? 
_exptl_crystal_grow.atmosphere      ? 
_exptl_crystal_grow.crystal_id      1 
_exptl_crystal_grow.details         ? 
_exptl_crystal_grow.method          'VAPOR DIFFUSION' 
_exptl_crystal_grow.method_ref      ? 
_exptl_crystal_grow.pH              ? 
_exptl_crystal_grow.pressure        ? 
_exptl_crystal_grow.pressure_esd    ? 
_exptl_crystal_grow.seeding         ? 
_exptl_crystal_grow.seeding_ref     ? 
_exptl_crystal_grow.temp            277 
_exptl_crystal_grow.temp_details    ? 
_exptl_crystal_grow.temp_esd        ? 
_exptl_crystal_grow.time            ? 
_exptl_crystal_grow.pdbx_details    '1.25 M 1,6-hexanediol, 10 mM cobalt(II) chloride hexahydrate, 100 mM sodium acetate, pH 3.7' 
_exptl_crystal_grow.pdbx_pH_range   ? 
# 
_diffrn.ambient_environment              ? 
_diffrn.ambient_temp                     100 
_diffrn.ambient_temp_details             ? 
_diffrn.ambient_temp_esd                 ? 
_diffrn.crystal_id                       1 
_diffrn.crystal_support                  ? 
_diffrn.crystal_treatment                ? 
_diffrn.details                          ? 
_diffrn.id                               1 
_diffrn.ambient_pressure                 ? 
_diffrn.ambient_pressure_esd             ? 
_diffrn.ambient_pressure_gt              ? 
_diffrn.ambient_pressure_lt              ? 
_diffrn.ambient_temp_gt                  ? 
_diffrn.ambient_temp_lt                  ? 
_diffrn.pdbx_serial_crystal_experiment   N 
# 
_diffrn_detector.details                      ? 
_diffrn_detector.detector                     CCD 
_diffrn_detector.diffrn_id                    1 
_diffrn_detector.type                         'ADSC QUANTUM 270' 
_diffrn_detector.area_resol_mean              ? 
_diffrn_detector.dtime                        ? 
_diffrn_detector.pdbx_frames_total            ? 
_diffrn_detector.pdbx_collection_time_total   ? 
_diffrn_detector.pdbx_collection_date         2021-05-03 
_diffrn_detector.pdbx_frequency               ? 
# 
_diffrn_radiation.collimation                      ? 
_diffrn_radiation.diffrn_id                        1 
_diffrn_radiation.filter_edge                      ? 
_diffrn_radiation.inhomogeneity                    ? 
_diffrn_radiation.monochromator                    ? 
_diffrn_radiation.polarisn_norm                    ? 
_diffrn_radiation.polarisn_ratio                   ? 
_diffrn_radiation.probe                            ? 
_diffrn_radiation.type                             ? 
_diffrn_radiation.xray_symbol                      ? 
_diffrn_radiation.wavelength_id                    1 
_diffrn_radiation.pdbx_monochromatic_or_laue_m_l   M 
_diffrn_radiation.pdbx_wavelength_list             ? 
_diffrn_radiation.pdbx_wavelength                  ? 
_diffrn_radiation.pdbx_diffrn_protocol             'SINGLE WAVELENGTH' 
_diffrn_radiation.pdbx_analyzer                    ? 
_diffrn_radiation.pdbx_scattering_type             x-ray 
# 
_diffrn_radiation_wavelength.id           1 
_diffrn_radiation_wavelength.wavelength   0.9792 
_diffrn_radiation_wavelength.wt           1.0 
# 
_diffrn_source.current                     ? 
_diffrn_source.details                     ? 
_diffrn_source.diffrn_id                   1 
_diffrn_source.power                       ? 
_diffrn_source.size                        ? 
_diffrn_source.source                      SYNCHROTRON 
_diffrn_source.target                      ? 
_diffrn_source.type                        'PAL/PLS BEAMLINE 7A (6B, 6C1)' 
_diffrn_source.voltage                     ? 
_diffrn_source.take-off_angle              ? 
_diffrn_source.pdbx_wavelength_list        0.9792 
_diffrn_source.pdbx_wavelength             ? 
_diffrn_source.pdbx_synchrotron_beamline   '7A (6B, 6C1)' 
_diffrn_source.pdbx_synchrotron_site       PAL/PLS 
# 
_reflns.B_iso_Wilson_estimate                          ? 
_reflns.entry_id                                       8HEL 
_reflns.data_reduction_details                         ? 
_reflns.data_reduction_method                          ? 
_reflns.d_resolution_high                              1.33 
_reflns.d_resolution_low                               50.00 
_reflns.details                                        ? 
_reflns.limit_h_max                                    ? 
_reflns.limit_h_min                                    ? 
_reflns.limit_k_max                                    ? 
_reflns.limit_k_min                                    ? 
_reflns.limit_l_max                                    ? 
_reflns.limit_l_min                                    ? 
_reflns.number_all                                     ? 
_reflns.number_obs                                     18288 
_reflns.observed_criterion                             ? 
_reflns.observed_criterion_F_max                       ? 
_reflns.observed_criterion_F_min                       ? 
_reflns.observed_criterion_I_max                       ? 
_reflns.observed_criterion_I_min                       ? 
_reflns.observed_criterion_sigma_F                     ? 
_reflns.observed_criterion_sigma_I                     ? 
_reflns.percent_possible_obs                           99.9 
_reflns.R_free_details                                 ? 
_reflns.Rmerge_F_all                                   ? 
_reflns.Rmerge_F_obs                                   ? 
_reflns.Friedel_coverage                               ? 
_reflns.number_gt                                      ? 
_reflns.threshold_expression                           ? 
_reflns.pdbx_redundancy                                14.7 
_reflns.pdbx_Rmerge_I_obs                              0.963 
_reflns.pdbx_Rmerge_I_all                              ? 
_reflns.pdbx_Rsym_value                                ? 
_reflns.pdbx_netI_over_av_sigmaI                       ? 
_reflns.pdbx_netI_over_sigmaI                          8.1 
_reflns.pdbx_res_netI_over_av_sigmaI_2                 ? 
_reflns.pdbx_res_netI_over_sigmaI_2                    ? 
_reflns.pdbx_chi_squared                               0.031 
_reflns.pdbx_scaling_rejects                           ? 
_reflns.pdbx_d_res_high_opt                            ? 
_reflns.pdbx_d_res_low_opt                             ? 
_reflns.pdbx_d_res_opt_method                          ? 
_reflns.phase_calculation_details                      ? 
_reflns.pdbx_Rrim_I_all                                ? 
_reflns.pdbx_Rpim_I_all                                ? 
_reflns.pdbx_d_opt                                     ? 
_reflns.pdbx_number_measured_all                       502158 
_reflns.pdbx_diffrn_id                                 1 
_reflns.pdbx_ordinal                                   1 
_reflns.pdbx_CC_half                                   ? 
_reflns.pdbx_CC_star                                   ? 
_reflns.pdbx_R_split                                   ? 
_reflns.pdbx_aniso_diffraction_limit_axis_1_ortho[1]   ? 
_reflns.pdbx_aniso_diffraction_limit_axis_1_ortho[2]   ? 
_reflns.pdbx_aniso_diffraction_limit_axis_1_ortho[3]   ? 
_reflns.pdbx_aniso_diffraction_limit_axis_2_ortho[1]   ? 
_reflns.pdbx_aniso_diffraction_limit_axis_2_ortho[2]   ? 
_reflns.pdbx_aniso_diffraction_limit_axis_2_ortho[3]   ? 
_reflns.pdbx_aniso_diffraction_limit_axis_3_ortho[1]   ? 
_reflns.pdbx_aniso_diffraction_limit_axis_3_ortho[2]   ? 
_reflns.pdbx_aniso_diffraction_limit_axis_3_ortho[3]   ? 
_reflns.pdbx_aniso_diffraction_limit_1                 ? 
_reflns.pdbx_aniso_diffraction_limit_2                 ? 
_reflns.pdbx_aniso_diffraction_limit_3                 ? 
_reflns.pdbx_aniso_B_tensor_eigenvector_1_ortho[1]     ? 
_reflns.pdbx_aniso_B_tensor_eigenvector_1_ortho[2]     ? 
_reflns.pdbx_aniso_B_tensor_eigenvector_1_ortho[3]     ? 
_reflns.pdbx_aniso_B_tensor_eigenvector_2_ortho[1]     ? 
_reflns.pdbx_aniso_B_tensor_eigenvector_2_ortho[2]     ? 
_reflns.pdbx_aniso_B_tensor_eigenvector_2_ortho[3]     ? 
_reflns.pdbx_aniso_B_tensor_eigenvector_3_ortho[1]     ? 
_reflns.pdbx_aniso_B_tensor_eigenvector_3_ortho[2]     ? 
_reflns.pdbx_aniso_B_tensor_eigenvector_3_ortho[3]     ? 
_reflns.pdbx_aniso_B_tensor_eigenvalue_1               ? 
_reflns.pdbx_aniso_B_tensor_eigenvalue_2               ? 
_reflns.pdbx_aniso_B_tensor_eigenvalue_3               ? 
_reflns.pdbx_orthogonalization_convention              ? 
_reflns.pdbx_percent_possible_ellipsoidal              ? 
_reflns.pdbx_percent_possible_spherical                ? 
_reflns.pdbx_percent_possible_ellipsoidal_anomalous    ? 
_reflns.pdbx_percent_possible_spherical_anomalous      ? 
_reflns.pdbx_redundancy_anomalous                      ? 
_reflns.pdbx_CC_half_anomalous                         ? 
_reflns.pdbx_absDiff_over_sigma_anomalous              ? 
_reflns.pdbx_percent_possible_anomalous                ? 
_reflns.pdbx_observed_signal_threshold                 ? 
_reflns.pdbx_signal_type                               ? 
_reflns.pdbx_signal_details                            ? 
_reflns.pdbx_signal_software_id                        ? 
_reflns.pdbx_CC_split_method                           ? 
# 
loop_
_reflns_shell.d_res_high 
_reflns_shell.d_res_low 
_reflns_shell.meanI_over_sigI_all 
_reflns_shell.meanI_over_sigI_obs 
_reflns_shell.number_measured_all 
_reflns_shell.number_measured_obs 
_reflns_shell.number_possible 
_reflns_shell.number_unique_all 
_reflns_shell.number_unique_obs 
_reflns_shell.percent_possible_all 
_reflns_shell.percent_possible_obs 
_reflns_shell.Rmerge_F_all 
_reflns_shell.Rmerge_F_obs 
_reflns_shell.Rmerge_I_all 
_reflns_shell.Rmerge_I_obs 
_reflns_shell.meanI_over_sigI_gt 
_reflns_shell.meanI_over_uI_all 
_reflns_shell.meanI_over_uI_gt 
_reflns_shell.number_measured_gt 
_reflns_shell.number_unique_gt 
_reflns_shell.percent_possible_gt 
_reflns_shell.Rmerge_F_gt 
_reflns_shell.Rmerge_I_gt 
_reflns_shell.pdbx_redundancy 
_reflns_shell.pdbx_Rsym_value 
_reflns_shell.pdbx_chi_squared 
_reflns_shell.pdbx_netI_over_sigmaI_all 
_reflns_shell.pdbx_netI_over_sigmaI_obs 
_reflns_shell.pdbx_Rrim_I_all 
_reflns_shell.pdbx_Rpim_I_all 
_reflns_shell.pdbx_rejects 
_reflns_shell.pdbx_ordinal 
_reflns_shell.pdbx_diffrn_id 
_reflns_shell.pdbx_CC_half 
_reflns_shell.pdbx_CC_star 
_reflns_shell.pdbx_R_split 
_reflns_shell.pdbx_percent_possible_ellipsoidal 
_reflns_shell.pdbx_percent_possible_spherical 
_reflns_shell.pdbx_percent_possible_ellipsoidal_anomalous 
_reflns_shell.pdbx_percent_possible_spherical_anomalous 
_reflns_shell.pdbx_redundancy_anomalous 
_reflns_shell.pdbx_CC_half_anomalous 
_reflns_shell.pdbx_absDiff_over_sigma_anomalous 
_reflns_shell.pdbx_percent_possible_anomalous 
1.33 1.38  ? ? ? ? ? ? 3357 100.0 ? ? ? ? 1.889 ? ? ? ? ? ? ? ? 13.3 ? 1.005 ? ? ? ? ? 1  1 ? ? ? ? ? ? ? ? ? ? ? 
1.38 1.43  ? ? ? ? ? ? 3421 100.0 ? ? ? ? 1.574 ? ? ? ? ? ? ? ? 14.6 ? 1.052 ? ? ? ? ? 2  1 ? ? ? ? ? ? ? ? ? ? ? 
1.43 1.50  ? ? ? ? ? ? 3455 100.0 ? ? ? ? 1.022 ? ? ? ? ? ? ? ? 14.8 ? 1.091 ? ? ? ? ? 3  1 ? ? ? ? ? ? ? ? ? ? ? 
1.50 1.58  ? ? ? ? ? ? 3397 100.0 ? ? ? ? 0.634 ? ? ? ? ? ? ? ? 14.9 ? 1.021 ? ? ? ? ? 4  1 ? ? ? ? ? ? ? ? ? ? ? 
1.58 1.68  ? ? ? ? ? ? 3427 100.0 ? ? ? ? 0.444 ? ? ? ? ? ? ? ? 14.9 ? 1.027 ? ? ? ? ? 5  1 ? ? ? ? ? ? ? ? ? ? ? 
1.68 1.81  ? ? ? ? ? ? 3436 100.0 ? ? ? ? 0.310 ? ? ? ? ? ? ? ? 15.0 ? 1.060 ? ? ? ? ? 6  1 ? ? ? ? ? ? ? ? ? ? ? 
1.81 1.99  ? ? ? ? ? ? 3406 100.0 ? ? ? ? 0.201 ? ? ? ? ? ? ? ? 15.1 ? 0.964 ? ? ? ? ? 7  1 ? ? ? ? ? ? ? ? ? ? ? 
1.99 2.27  ? ? ? ? ? ? 3421 100.0 ? ? ? ? 0.127 ? ? ? ? ? ? ? ? 15.1 ? 0.986 ? ? ? ? ? 8  1 ? ? ? ? ? ? ? ? ? ? ? 
2.27 2.87  ? ? ? ? ? ? 3418 100.0 ? ? ? ? 0.087 ? ? ? ? ? ? ? ? 15.2 ? 0.958 ? ? ? ? ? 9  1 ? ? ? ? ? ? ? ? ? ? ? 
2.87 50.00 ? ? ? ? ? ? 3412 98.8  ? ? ? ? 0.067 ? ? ? ? ? ? ? ? 14.1 ? 0.963 ? ? ? ? ? 10 1 ? ? ? ? ? ? ? ? ? ? ? 
# 
_refine.aniso_B[1][1]                            ? 
_refine.aniso_B[1][2]                            ? 
_refine.aniso_B[1][3]                            ? 
_refine.aniso_B[2][2]                            ? 
_refine.aniso_B[2][3]                            ? 
_refine.aniso_B[3][3]                            ? 
_refine.B_iso_max                                ? 
_refine.B_iso_mean                               ? 
_refine.B_iso_min                                ? 
_refine.correlation_coeff_Fo_to_Fc               ? 
_refine.correlation_coeff_Fo_to_Fc_free          ? 
_refine.details                                  ? 
_refine.diff_density_max                         ? 
_refine.diff_density_max_esd                     ? 
_refine.diff_density_min                         ? 
_refine.diff_density_min_esd                     ? 
_refine.diff_density_rms                         ? 
_refine.diff_density_rms_esd                     ? 
_refine.entry_id                                 8HEL 
_refine.pdbx_refine_id                           'X-RAY DIFFRACTION' 
_refine.ls_abs_structure_details                 ? 
_refine.ls_abs_structure_Flack                   ? 
_refine.ls_abs_structure_Flack_esd               ? 
_refine.ls_abs_structure_Rogers                  ? 
_refine.ls_abs_structure_Rogers_esd              ? 
_refine.ls_d_res_high                            1.332 
_refine.ls_d_res_low                             25.077 
_refine.ls_extinction_coef                       ? 
_refine.ls_extinction_coef_esd                   ? 
_refine.ls_extinction_expression                 ? 
_refine.ls_extinction_method                     ? 
_refine.ls_goodness_of_fit_all                   ? 
_refine.ls_goodness_of_fit_all_esd               ? 
_refine.ls_goodness_of_fit_obs                   ? 
_refine.ls_goodness_of_fit_obs_esd               ? 
_refine.ls_hydrogen_treatment                    ? 
_refine.ls_matrix_type                           ? 
_refine.ls_number_constraints                    ? 
_refine.ls_number_parameters                     ? 
_refine.ls_number_reflns_all                     ? 
_refine.ls_number_reflns_obs                     18224 
_refine.ls_number_reflns_R_free                  1822 
_refine.ls_number_reflns_R_work                  ? 
_refine.ls_number_restraints                     ? 
_refine.ls_percent_reflns_obs                    99.73 
_refine.ls_percent_reflns_R_free                 10.00 
_refine.ls_R_factor_all                          ? 
_refine.ls_R_factor_obs                          0.1944 
_refine.ls_R_factor_R_free                       0.2292 
_refine.ls_R_factor_R_free_error                 ? 
_refine.ls_R_factor_R_free_error_details         ? 
_refine.ls_R_factor_R_work                       0.1906 
_refine.ls_R_Fsqd_factor_obs                     ? 
_refine.ls_R_I_factor_obs                        ? 
_refine.ls_redundancy_reflns_all                 ? 
_refine.ls_redundancy_reflns_obs                 ? 
_refine.ls_restrained_S_all                      ? 
_refine.ls_restrained_S_obs                      ? 
_refine.ls_shift_over_esd_max                    ? 
_refine.ls_shift_over_esd_mean                   ? 
_refine.ls_structure_factor_coef                 ? 
_refine.ls_weighting_details                     ? 
_refine.ls_weighting_scheme                      ? 
_refine.ls_wR_factor_all                         ? 
_refine.ls_wR_factor_obs                         ? 
_refine.ls_wR_factor_R_free                      ? 
_refine.ls_wR_factor_R_work                      ? 
_refine.occupancy_max                            ? 
_refine.occupancy_min                            ? 
_refine.solvent_model_details                    'FLAT BULK SOLVENT MODEL' 
_refine.solvent_model_param_bsol                 ? 
_refine.solvent_model_param_ksol                 ? 
_refine.pdbx_R_complete                          ? 
_refine.ls_R_factor_gt                           ? 
_refine.ls_goodness_of_fit_gt                    ? 
_refine.ls_goodness_of_fit_ref                   ? 
_refine.ls_shift_over_su_max                     ? 
_refine.ls_shift_over_su_max_lt                  ? 
_refine.ls_shift_over_su_mean                    ? 
_refine.ls_shift_over_su_mean_lt                 ? 
_refine.pdbx_ls_sigma_I                          ? 
_refine.pdbx_ls_sigma_F                          1.34 
_refine.pdbx_ls_sigma_Fsqd                       ? 
_refine.pdbx_data_cutoff_high_absF               ? 
_refine.pdbx_data_cutoff_high_rms_absF           ? 
_refine.pdbx_data_cutoff_low_absF                ? 
_refine.pdbx_isotropic_thermal_model             ? 
_refine.pdbx_ls_cross_valid_method               THROUGHOUT 
_refine.pdbx_method_to_determine_struct          SAD 
_refine.pdbx_starting_model                      ? 
_refine.pdbx_stereochemistry_target_values       ML 
_refine.pdbx_R_Free_selection_details            ? 
_refine.pdbx_stereochem_target_val_spec_case     ? 
_refine.pdbx_overall_ESU_R                       ? 
_refine.pdbx_overall_ESU_R_Free                  ? 
_refine.pdbx_solvent_vdw_probe_radii             1.11 
_refine.pdbx_solvent_ion_probe_radii             ? 
_refine.pdbx_solvent_shrinkage_radii             0.90 
_refine.pdbx_real_space_R                        ? 
_refine.pdbx_density_correlation                 ? 
_refine.pdbx_pd_number_of_powder_patterns        ? 
_refine.pdbx_pd_number_of_points                 ? 
_refine.pdbx_pd_meas_number_of_points            ? 
_refine.pdbx_pd_proc_ls_prof_R_factor            ? 
_refine.pdbx_pd_proc_ls_prof_wR_factor           ? 
_refine.pdbx_pd_Marquardt_correlation_coeff      ? 
_refine.pdbx_pd_Fsqrd_R_factor                   ? 
_refine.pdbx_pd_ls_matrix_band_width             ? 
_refine.pdbx_overall_phase_error                 23.27 
_refine.pdbx_overall_SU_R_free_Cruickshank_DPI   ? 
_refine.pdbx_overall_SU_R_free_Blow_DPI          ? 
_refine.pdbx_overall_SU_R_Blow_DPI               ? 
_refine.pdbx_TLS_residual_ADP_flag               ? 
_refine.pdbx_diffrn_id                           1 
_refine.overall_SU_B                             ? 
_refine.overall_SU_ML                            0.13 
_refine.overall_SU_R_Cruickshank_DPI             ? 
_refine.overall_SU_R_free                        ? 
_refine.overall_FOM_free_R_set                   ? 
_refine.overall_FOM_work_R_set                   ? 
_refine.pdbx_average_fsc_overall                 ? 
_refine.pdbx_average_fsc_work                    ? 
_refine.pdbx_average_fsc_free                    ? 
# 
_refine_hist.pdbx_refine_id                   'X-RAY DIFFRACTION' 
_refine_hist.cycle_id                         LAST 
_refine_hist.details                          ? 
_refine_hist.d_res_high                       1.332 
_refine_hist.d_res_low                        25.077 
_refine_hist.number_atoms_solvent             110 
_refine_hist.number_atoms_total               649 
_refine_hist.number_reflns_all                ? 
_refine_hist.number_reflns_obs                ? 
_refine_hist.number_reflns_R_free             ? 
_refine_hist.number_reflns_R_work             ? 
_refine_hist.R_factor_all                     ? 
_refine_hist.R_factor_obs                     ? 
_refine_hist.R_factor_R_free                  ? 
_refine_hist.R_factor_R_work                  ? 
_refine_hist.pdbx_number_residues_total       ? 
_refine_hist.pdbx_B_iso_mean_ligand           ? 
_refine_hist.pdbx_B_iso_mean_solvent          ? 
_refine_hist.pdbx_number_atoms_protein        539 
_refine_hist.pdbx_number_atoms_nucleic_acid   0 
_refine_hist.pdbx_number_atoms_ligand         0 
_refine_hist.pdbx_number_atoms_lipid          ? 
_refine_hist.pdbx_number_atoms_carb           ? 
_refine_hist.pdbx_pseudo_atom_details         ? 
# 
loop_
_refine_ls_restr.pdbx_refine_id 
_refine_ls_restr.criterion 
_refine_ls_restr.dev_ideal 
_refine_ls_restr.dev_ideal_target 
_refine_ls_restr.number 
_refine_ls_restr.rejects 
_refine_ls_restr.type 
_refine_ls_restr.weight 
_refine_ls_restr.pdbx_restraint_function 
'X-RAY DIFFRACTION' ? 0.006  ? 559 ? f_bond_d           ? ? 
'X-RAY DIFFRACTION' ? 0.835  ? 755 ? f_angle_d          ? ? 
'X-RAY DIFFRACTION' ? 12.313 ? 218 ? f_dihedral_angle_d ? ? 
'X-RAY DIFFRACTION' ? 0.031  ? 86  ? f_chiral_restr     ? ? 
'X-RAY DIFFRACTION' ? 0.003  ? 100 ? f_plane_restr      ? ? 
# 
loop_
_refine_ls_shell.pdbx_refine_id 
_refine_ls_shell.d_res_high 
_refine_ls_shell.d_res_low 
_refine_ls_shell.number_reflns_all 
_refine_ls_shell.number_reflns_obs 
_refine_ls_shell.number_reflns_R_free 
_refine_ls_shell.number_reflns_R_work 
_refine_ls_shell.percent_reflns_obs 
_refine_ls_shell.percent_reflns_R_free 
_refine_ls_shell.R_factor_all 
_refine_ls_shell.R_factor_obs 
_refine_ls_shell.R_factor_R_free 
_refine_ls_shell.R_factor_R_free_error 
_refine_ls_shell.R_factor_R_work 
_refine_ls_shell.redundancy_reflns_all 
_refine_ls_shell.redundancy_reflns_obs 
_refine_ls_shell.wR_factor_all 
_refine_ls_shell.wR_factor_obs 
_refine_ls_shell.wR_factor_R_free 
_refine_ls_shell.wR_factor_R_work 
_refine_ls_shell.pdbx_R_complete 
_refine_ls_shell.pdbx_total_number_of_bins_used 
_refine_ls_shell.pdbx_phase_error 
_refine_ls_shell.pdbx_fsc_work 
_refine_ls_shell.pdbx_fsc_free 
'X-RAY DIFFRACTION' 1.3320 1.3679 . . 134 1209 99.00  . . . 0.2881 . 0.2515 . . . . . . . . . . . 
'X-RAY DIFFRACTION' 1.3679 1.4082 . . 138 1244 100.00 . . . 0.3025 . 0.2377 . . . . . . . . . . . 
'X-RAY DIFFRACTION' 1.4082 1.4536 . . 139 1242 100.00 . . . 0.2579 . 0.2403 . . . . . . . . . . . 
'X-RAY DIFFRACTION' 1.4536 1.5056 . . 137 1241 100.00 . . . 0.2270 . 0.2003 . . . . . . . . . . . 
'X-RAY DIFFRACTION' 1.5056 1.5658 . . 139 1244 100.00 . . . 0.2294 . 0.1842 . . . . . . . . . . . 
'X-RAY DIFFRACTION' 1.5658 1.6371 . . 140 1255 100.00 . . . 0.2370 . 0.1764 . . . . . . . . . . . 
'X-RAY DIFFRACTION' 1.6371 1.7234 . . 137 1244 100.00 . . . 0.2248 . 0.1684 . . . . . . . . . . . 
'X-RAY DIFFRACTION' 1.7234 1.8313 . . 141 1268 100.00 . . . 0.2240 . 0.1743 . . . . . . . . . . . 
'X-RAY DIFFRACTION' 1.8313 1.9727 . . 141 1267 100.00 . . . 0.2256 . 0.1913 . . . . . . . . . . . 
'X-RAY DIFFRACTION' 1.9727 2.1711 . . 139 1259 100.00 . . . 0.2154 . 0.1821 . . . . . . . . . . . 
'X-RAY DIFFRACTION' 2.1711 2.4850 . . 142 1275 100.00 . . . 0.2090 . 0.1755 . . . . . . . . . . . 
'X-RAY DIFFRACTION' 2.4850 3.1299 . . 144 1295 100.00 . . . 0.2011 . 0.1911 . . . . . . . . . . . 
'X-RAY DIFFRACTION' 3.1299 25.077 . . 151 1359 98.00  . . . 0.2527 . 0.1977 . . . . . . . . . . . 
# 
_struct.entry_id                     8HEL 
_struct.title                        'Crystal Structure of Anti-CRISPR AcrIE3' 
_struct.pdbx_model_details           ? 
_struct.pdbx_formula_weight          ? 
_struct.pdbx_formula_weight_method   ? 
_struct.pdbx_model_type_details      ? 
_struct.pdbx_CASP_flag               N 
# 
_struct_keywords.entry_id        8HEL 
_struct_keywords.text            'Anti-CRISPR protein, VIRAL PROTEIN' 
_struct_keywords.pdbx_keywords   'VIRAL PROTEIN' 
# 
loop_
_struct_asym.id 
_struct_asym.pdbx_blank_PDB_chainid_flag 
_struct_asym.pdbx_modified 
_struct_asym.entity_id 
_struct_asym.details 
A N N 1 ? 
B N N 2 ? 
# 
_struct_ref.id                         1 
_struct_ref.db_name                    PDB 
_struct_ref.db_code                    8HEL 
_struct_ref.pdbx_db_accession          8HEL 
_struct_ref.pdbx_db_isoform            ? 
_struct_ref.entity_id                  1 
_struct_ref.pdbx_seq_one_letter_code   ? 
_struct_ref.pdbx_align_begin           1 
# 
_struct_ref_seq.align_id                      1 
_struct_ref_seq.ref_id                        1 
_struct_ref_seq.pdbx_PDB_id_code              8HEL 
_struct_ref_seq.pdbx_strand_id                A 
_struct_ref_seq.seq_align_beg                 1 
_struct_ref_seq.pdbx_seq_align_beg_ins_code   ? 
_struct_ref_seq.seq_align_end                 76 
_struct_ref_seq.pdbx_seq_align_end_ins_code   ? 
_struct_ref_seq.pdbx_db_accession             8HEL 
_struct_ref_seq.db_align_beg                  1 
_struct_ref_seq.pdbx_db_align_beg_ins_code    ? 
_struct_ref_seq.db_align_end                  76 
_struct_ref_seq.pdbx_db_align_end_ins_code    ? 
_struct_ref_seq.pdbx_auth_seq_align_beg       1 
_struct_ref_seq.pdbx_auth_seq_align_end       76 
# 
_pdbx_struct_assembly.id                   1 
_pdbx_struct_assembly.details              author_and_software_defined_assembly 
_pdbx_struct_assembly.method_details       PISA 
_pdbx_struct_assembly.oligomeric_details   monomeric 
_pdbx_struct_assembly.oligomeric_count     1 
# 
loop_
_pdbx_struct_assembly_prop.biol_id 
_pdbx_struct_assembly_prop.type 
_pdbx_struct_assembly_prop.value 
_pdbx_struct_assembly_prop.details 
1 'ABSA (A^2)' 0    ? 
1 MORE         0    ? 
1 'SSA (A^2)'  4750 ? 
# 
_pdbx_struct_assembly_gen.assembly_id       1 
_pdbx_struct_assembly_gen.oper_expression   1 
_pdbx_struct_assembly_gen.asym_id_list      A,B 
# 
_pdbx_struct_assembly_auth_evidence.id                     1 
_pdbx_struct_assembly_auth_evidence.assembly_id            1 
_pdbx_struct_assembly_auth_evidence.experimental_support   none 
_pdbx_struct_assembly_auth_evidence.details                ? 
# 
_pdbx_struct_oper_list.id                   1 
_pdbx_struct_oper_list.type                 'identity operation' 
_pdbx_struct_oper_list.name                 1_555 
_pdbx_struct_oper_list.symmetry_operation   x,y,z 
_pdbx_struct_oper_list.matrix[1][1]         1.0000000000 
_pdbx_struct_oper_list.matrix[1][2]         0.0000000000 
_pdbx_struct_oper_list.matrix[1][3]         0.0000000000 
_pdbx_struct_oper_list.vector[1]            0.0000000000 
_pdbx_struct_oper_list.matrix[2][1]         0.0000000000 
_pdbx_struct_oper_list.matrix[2][2]         1.0000000000 
_pdbx_struct_oper_list.matrix[2][3]         0.0000000000 
_pdbx_struct_oper_list.vector[2]            0.0000000000 
_pdbx_struct_oper_list.matrix[3][1]         0.0000000000 
_pdbx_struct_oper_list.matrix[3][2]         0.0000000000 
_pdbx_struct_oper_list.matrix[3][3]         1.0000000000 
_pdbx_struct_oper_list.vector[3]            0.0000000000 
# 
loop_
_struct_conf.conf_type_id 
_struct_conf.id 
_struct_conf.pdbx_PDB_helix_id 
_struct_conf.beg_label_comp_id 
_struct_conf.beg_label_asym_id 
_struct_conf.beg_label_seq_id 
_struct_conf.pdbx_beg_PDB_ins_code 
_struct_conf.end_label_comp_id 
_struct_conf.end_label_asym_id 
_struct_conf.end_label_seq_id 
_struct_conf.pdbx_end_PDB_ins_code 
_struct_conf.beg_auth_comp_id 
_struct_conf.beg_auth_asym_id 
_struct_conf.beg_auth_seq_id 
_struct_conf.end_auth_comp_id 
_struct_conf.end_auth_asym_id 
_struct_conf.end_auth_seq_id 
_struct_conf.pdbx_PDB_helix_class 
_struct_conf.details 
_struct_conf.pdbx_PDB_helix_length 
HELX_P HELX_P1 AA1 THR A 8  ? GLY A 17 ? THR A 8  GLY A 17 1 ? 10 
HELX_P HELX_P2 AA2 ASP A 21 ? GLU A 35 ? ASP A 21 GLU A 35 1 ? 15 
HELX_P HELX_P3 AA3 ASP A 39 ? LEU A 43 ? ASP A 39 LEU A 43 5 ? 5  
HELX_P HELX_P4 AA4 SER A 44 ? GLU A 67 ? SER A 44 GLU A 67 1 ? 24 
# 
_struct_conf_type.id          HELX_P 
_struct_conf_type.criteria    ? 
_struct_conf_type.reference   ? 
# 
_pdbx_entry_details.entry_id                   8HEL 
_pdbx_entry_details.compound_details           ? 
_pdbx_entry_details.source_details             ? 
_pdbx_entry_details.nonpolymer_details         ? 
_pdbx_entry_details.sequence_details           ? 
_pdbx_entry_details.has_ligand_of_interest     ? 
_pdbx_entry_details.has_protein_modification   N 
# 
loop_
_pdbx_struct_special_symmetry.id 
_pdbx_struct_special_symmetry.PDB_model_num 
_pdbx_struct_special_symmetry.auth_asym_id 
_pdbx_struct_special_symmetry.auth_comp_id 
_pdbx_struct_special_symmetry.auth_seq_id 
_pdbx_struct_special_symmetry.PDB_ins_code 
_pdbx_struct_special_symmetry.label_asym_id 
_pdbx_struct_special_symmetry.label_comp_id 
_pdbx_struct_special_symmetry.label_seq_id 
1 1 A HOH 111 ? B HOH . 
2 1 A HOH 112 ? B HOH . 
3 1 A HOH 159 ? B HOH . 
# 
loop_
_pdbx_distant_solvent_atoms.id 
_pdbx_distant_solvent_atoms.PDB_model_num 
_pdbx_distant_solvent_atoms.auth_atom_id 
_pdbx_distant_solvent_atoms.label_alt_id 
_pdbx_distant_solvent_atoms.auth_asym_id 
_pdbx_distant_solvent_atoms.auth_comp_id 
_pdbx_distant_solvent_atoms.auth_seq_id 
_pdbx_distant_solvent_atoms.PDB_ins_code 
_pdbx_distant_solvent_atoms.neighbor_macromolecule_distance 
_pdbx_distant_solvent_atoms.neighbor_ligand_distance 
1 1 O ? A HOH 209 ? 6.25 . 
2 1 O ? A HOH 210 ? 6.48 . 
# 
loop_
_pdbx_unobs_or_zero_occ_residues.id 
_pdbx_unobs_or_zero_occ_residues.PDB_model_num 
_pdbx_unobs_or_zero_occ_residues.polymer_flag 
_pdbx_unobs_or_zero_occ_residues.occupancy_flag 
_pdbx_unobs_or_zero_occ_residues.auth_asym_id 
_pdbx_unobs_or_zero_occ_residues.auth_comp_id 
_pdbx_unobs_or_zero_occ_residues.auth_seq_id 
_pdbx_unobs_or_zero_occ_residues.PDB_ins_code 
_pdbx_unobs_or_zero_occ_residues.label_asym_id 
_pdbx_unobs_or_zero_occ_residues.label_comp_id 
_pdbx_unobs_or_zero_occ_residues.label_seq_id 
1 1 Y 1 A LEU 69 ? A LEU 69 
2 1 Y 1 A GLU 70 ? A GLU 70 
3 1 Y 1 A HIS 71 ? A HIS 71 
4 1 Y 1 A HIS 72 ? A HIS 72 
5 1 Y 1 A HIS 73 ? A HIS 73 
6 1 Y 1 A HIS 74 ? A HIS 74 
7 1 Y 1 A HIS 75 ? A HIS 75 
8 1 Y 1 A HIS 76 ? A HIS 76 
# 
loop_
_chem_comp_atom.comp_id 
_chem_comp_atom.atom_id 
_chem_comp_atom.type_symbol 
_chem_comp_atom.pdbx_aromatic_flag 
_chem_comp_atom.pdbx_stereo_config 
_chem_comp_atom.pdbx_ordinal 
ALA N    N N N 1   
ALA CA   C N S 2   
ALA C    C N N 3   
ALA O    O N N 4   
ALA CB   C N N 5   
ALA OXT  O N N 6   
ALA H    H N N 7   
ALA H2   H N N 8   
ALA HA   H N N 9   
ALA HB1  H N N 10  
ALA HB2  H N N 11  
ALA HB3  H N N 12  
ALA HXT  H N N 13  
ARG N    N N N 14  
ARG CA   C N S 15  
ARG C    C N N 16  
ARG O    O N N 17  
ARG CB   C N N 18  
ARG CG   C N N 19  
ARG CD   C N N 20  
ARG NE   N N N 21  
ARG CZ   C N N 22  
ARG NH1  N N N 23  
ARG NH2  N N N 24  
ARG OXT  O N N 25  
ARG H    H N N 26  
ARG H2   H N N 27  
ARG HA   H N N 28  
ARG HB2  H N N 29  
ARG HB3  H N N 30  
ARG HG2  H N N 31  
ARG HG3  H N N 32  
ARG HD2  H N N 33  
ARG HD3  H N N 34  
ARG HE   H N N 35  
ARG HH11 H N N 36  
ARG HH12 H N N 37  
ARG HH21 H N N 38  
ARG HH22 H N N 39  
ARG HXT  H N N 40  
ASN N    N N N 41  
ASN CA   C N S 42  
ASN C    C N N 43  
ASN O    O N N 44  
ASN CB   C N N 45  
ASN CG   C N N 46  
ASN OD1  O N N 47  
ASN ND2  N N N 48  
ASN OXT  O N N 49  
ASN H    H N N 50  
ASN H2   H N N 51  
ASN HA   H N N 52  
ASN HB2  H N N 53  
ASN HB3  H N N 54  
ASN HD21 H N N 55  
ASN HD22 H N N 56  
ASN HXT  H N N 57  
ASP N    N N N 58  
ASP CA   C N S 59  
ASP C    C N N 60  
ASP O    O N N 61  
ASP CB   C N N 62  
ASP CG   C N N 63  
ASP OD1  O N N 64  
ASP OD2  O N N 65  
ASP OXT  O N N 66  
ASP H    H N N 67  
ASP H2   H N N 68  
ASP HA   H N N 69  
ASP HB2  H N N 70  
ASP HB3  H N N 71  
ASP HD2  H N N 72  
ASP HXT  H N N 73  
CYS N    N N N 74  
CYS CA   C N R 75  
CYS C    C N N 76  
CYS O    O N N 77  
CYS CB   C N N 78  
CYS SG   S N N 79  
CYS OXT  O N N 80  
CYS H    H N N 81  
CYS H2   H N N 82  
CYS HA   H N N 83  
CYS HB2  H N N 84  
CYS HB3  H N N 85  
CYS HG   H N N 86  
CYS HXT  H N N 87  
GLN N    N N N 88  
GLN CA   C N S 89  
GLN C    C N N 90  
GLN O    O N N 91  
GLN CB   C N N 92  
GLN CG   C N N 93  
GLN CD   C N N 94  
GLN OE1  O N N 95  
GLN NE2  N N N 96  
GLN OXT  O N N 97  
GLN H    H N N 98  
GLN H2   H N N 99  
GLN HA   H N N 100 
GLN HB2  H N N 101 
GLN HB3  H N N 102 
GLN HG2  H N N 103 
GLN HG3  H N N 104 
GLN HE21 H N N 105 
GLN HE22 H N N 106 
GLN HXT  H N N 107 
GLU N    N N N 108 
GLU CA   C N S 109 
GLU C    C N N 110 
GLU O    O N N 111 
GLU CB   C N N 112 
GLU CG   C N N 113 
GLU CD   C N N 114 
GLU OE1  O N N 115 
GLU OE2  O N N 116 
GLU OXT  O N N 117 
GLU H    H N N 118 
GLU H2   H N N 119 
GLU HA   H N N 120 
GLU HB2  H N N 121 
GLU HB3  H N N 122 
GLU HG2  H N N 123 
GLU HG3  H N N 124 
GLU HE2  H N N 125 
GLU HXT  H N N 126 
GLY N    N N N 127 
GLY CA   C N N 128 
GLY C    C N N 129 
GLY O    O N N 130 
GLY OXT  O N N 131 
GLY H    H N N 132 
GLY H2   H N N 133 
GLY HA2  H N N 134 
GLY HA3  H N N 135 
GLY HXT  H N N 136 
HIS N    N N N 137 
HIS CA   C N S 138 
HIS C    C N N 139 
HIS O    O N N 140 
HIS CB   C N N 141 
HIS CG   C Y N 142 
HIS ND1  N Y N 143 
HIS CD2  C Y N 144 
HIS CE1  C Y N 145 
HIS NE2  N Y N 146 
HIS OXT  O N N 147 
HIS H    H N N 148 
HIS H2   H N N 149 
HIS HA   H N N 150 
HIS HB2  H N N 151 
HIS HB3  H N N 152 
HIS HD1  H N N 153 
HIS HD2  H N N 154 
HIS HE1  H N N 155 
HIS HE2  H N N 156 
HIS HXT  H N N 157 
HOH O    O N N 158 
HOH H1   H N N 159 
HOH H2   H N N 160 
ILE N    N N N 161 
ILE CA   C N S 162 
ILE C    C N N 163 
ILE O    O N N 164 
ILE CB   C N S 165 
ILE CG1  C N N 166 
ILE CG2  C N N 167 
ILE CD1  C N N 168 
ILE OXT  O N N 169 
ILE H    H N N 170 
ILE H2   H N N 171 
ILE HA   H N N 172 
ILE HB   H N N 173 
ILE HG12 H N N 174 
ILE HG13 H N N 175 
ILE HG21 H N N 176 
ILE HG22 H N N 177 
ILE HG23 H N N 178 
ILE HD11 H N N 179 
ILE HD12 H N N 180 
ILE HD13 H N N 181 
ILE HXT  H N N 182 
LEU N    N N N 183 
LEU CA   C N S 184 
LEU C    C N N 185 
LEU O    O N N 186 
LEU CB   C N N 187 
LEU CG   C N N 188 
LEU CD1  C N N 189 
LEU CD2  C N N 190 
LEU OXT  O N N 191 
LEU H    H N N 192 
LEU H2   H N N 193 
LEU HA   H N N 194 
LEU HB2  H N N 195 
LEU HB3  H N N 196 
LEU HG   H N N 197 
LEU HD11 H N N 198 
LEU HD12 H N N 199 
LEU HD13 H N N 200 
LEU HD21 H N N 201 
LEU HD22 H N N 202 
LEU HD23 H N N 203 
LEU HXT  H N N 204 
LYS N    N N N 205 
LYS CA   C N S 206 
LYS C    C N N 207 
LYS O    O N N 208 
LYS CB   C N N 209 
LYS CG   C N N 210 
LYS CD   C N N 211 
LYS CE   C N N 212 
LYS NZ   N N N 213 
LYS OXT  O N N 214 
LYS H    H N N 215 
LYS H2   H N N 216 
LYS HA   H N N 217 
LYS HB2  H N N 218 
LYS HB3  H N N 219 
LYS HG2  H N N 220 
LYS HG3  H N N 221 
LYS HD2  H N N 222 
LYS HD3  H N N 223 
LYS HE2  H N N 224 
LYS HE3  H N N 225 
LYS HZ1  H N N 226 
LYS HZ2  H N N 227 
LYS HZ3  H N N 228 
LYS HXT  H N N 229 
MET N    N N N 230 
MET CA   C N S 231 
MET C    C N N 232 
MET O    O N N 233 
MET CB   C N N 234 
MET CG   C N N 235 
MET SD   S N N 236 
MET CE   C N N 237 
MET OXT  O N N 238 
MET H    H N N 239 
MET H2   H N N 240 
MET HA   H N N 241 
MET HB2  H N N 242 
MET HB3  H N N 243 
MET HG2  H N N 244 
MET HG3  H N N 245 
MET HE1  H N N 246 
MET HE2  H N N 247 
MET HE3  H N N 248 
MET HXT  H N N 249 
PHE N    N N N 250 
PHE CA   C N S 251 
PHE C    C N N 252 
PHE O    O N N 253 
PHE CB   C N N 254 
PHE CG   C Y N 255 
PHE CD1  C Y N 256 
PHE CD2  C Y N 257 
PHE CE1  C Y N 258 
PHE CE2  C Y N 259 
PHE CZ   C Y N 260 
PHE OXT  O N N 261 
PHE H    H N N 262 
PHE H2   H N N 263 
PHE HA   H N N 264 
PHE HB2  H N N 265 
PHE HB3  H N N 266 
PHE HD1  H N N 267 
PHE HD2  H N N 268 
PHE HE1  H N N 269 
PHE HE2  H N N 270 
PHE HZ   H N N 271 
PHE HXT  H N N 272 
SER N    N N N 273 
SER CA   C N S 274 
SER C    C N N 275 
SER O    O N N 276 
SER CB   C N N 277 
SER OG   O N N 278 
SER OXT  O N N 279 
SER H    H N N 280 
SER H2   H N N 281 
SER HA   H N N 282 
SER HB2  H N N 283 
SER HB3  H N N 284 
SER HG   H N N 285 
SER HXT  H N N 286 
THR N    N N N 287 
THR CA   C N S 288 
THR C    C N N 289 
THR O    O N N 290 
THR CB   C N R 291 
THR OG1  O N N 292 
THR CG2  C N N 293 
THR OXT  O N N 294 
THR H    H N N 295 
THR H2   H N N 296 
THR HA   H N N 297 
THR HB   H N N 298 
THR HG1  H N N 299 
THR HG21 H N N 300 
THR HG22 H N N 301 
THR HG23 H N N 302 
THR HXT  H N N 303 
TRP N    N N N 304 
TRP CA   C N S 305 
TRP C    C N N 306 
TRP O    O N N 307 
TRP CB   C N N 308 
TRP CG   C Y N 309 
TRP CD1  C Y N 310 
TRP CD2  C Y N 311 
TRP NE1  N Y N 312 
TRP CE2  C Y N 313 
TRP CE3  C Y N 314 
TRP CZ2  C Y N 315 
TRP CZ3  C Y N 316 
TRP CH2  C Y N 317 
TRP OXT  O N N 318 
TRP H    H N N 319 
TRP H2   H N N 320 
TRP HA   H N N 321 
TRP HB2  H N N 322 
TRP HB3  H N N 323 
TRP HD1  H N N 324 
TRP HE1  H N N 325 
TRP HE3  H N N 326 
TRP HZ2  H N N 327 
TRP HZ3  H N N 328 
TRP HH2  H N N 329 
TRP HXT  H N N 330 
TYR N    N N N 331 
TYR CA   C N S 332 
TYR C    C N N 333 
TYR O    O N N 334 
TYR CB   C N N 335 
TYR CG   C Y N 336 
TYR CD1  C Y N 337 
TYR CD2  C Y N 338 
TYR CE1  C Y N 339 
TYR CE2  C Y N 340 
TYR CZ   C Y N 341 
TYR OH   O N N 342 
TYR OXT  O N N 343 
TYR H    H N N 344 
TYR H2   H N N 345 
TYR HA   H N N 346 
TYR HB2  H N N 347 
TYR HB3  H N N 348 
TYR HD1  H N N 349 
TYR HD2  H N N 350 
TYR HE1  H N N 351 
TYR HE2  H N N 352 
TYR HH   H N N 353 
TYR HXT  H N N 354 
VAL N    N N N 355 
VAL CA   C N S 356 
VAL C    C N N 357 
VAL O    O N N 358 
VAL CB   C N N 359 
VAL CG1  C N N 360 
VAL CG2  C N N 361 
VAL OXT  O N N 362 
VAL H    H N N 363 
VAL H2   H N N 364 
VAL HA   H N N 365 
VAL HB   H N N 366 
VAL HG11 H N N 367 
VAL HG12 H N N 368 
VAL HG13 H N N 369 
VAL HG21 H N N 370 
VAL HG22 H N N 371 
VAL HG23 H N N 372 
VAL HXT  H N N 373 
# 
loop_
_chem_comp_bond.comp_id 
_chem_comp_bond.atom_id_1 
_chem_comp_bond.atom_id_2 
_chem_comp_bond.value_order 
_chem_comp_bond.pdbx_aromatic_flag 
_chem_comp_bond.pdbx_stereo_config 
_chem_comp_bond.pdbx_ordinal 
ALA N   CA   sing N N 1   
ALA N   H    sing N N 2   
ALA N   H2   sing N N 3   
ALA CA  C    sing N N 4   
ALA CA  CB   sing N N 5   
ALA CA  HA   sing N N 6   
ALA C   O    doub N N 7   
ALA C   OXT  sing N N 8   
ALA CB  HB1  sing N N 9   
ALA CB  HB2  sing N N 10  
ALA CB  HB3  sing N N 11  
ALA OXT HXT  sing N N 12  
ARG N   CA   sing N N 13  
ARG N   H    sing N N 14  
ARG N   H2   sing N N 15  
ARG CA  C    sing N N 16  
ARG CA  CB   sing N N 17  
ARG CA  HA   sing N N 18  
ARG C   O    doub N N 19  
ARG C   OXT  sing N N 20  
ARG CB  CG   sing N N 21  
ARG CB  HB2  sing N N 22  
ARG CB  HB3  sing N N 23  
ARG CG  CD   sing N N 24  
ARG CG  HG2  sing N N 25  
ARG CG  HG3  sing N N 26  
ARG CD  NE   sing N N 27  
ARG CD  HD2  sing N N 28  
ARG CD  HD3  sing N N 29  
ARG NE  CZ   sing N N 30  
ARG NE  HE   sing N N 31  
ARG CZ  NH1  sing N N 32  
ARG CZ  NH2  doub N N 33  
ARG NH1 HH11 sing N N 34  
ARG NH1 HH12 sing N N 35  
ARG NH2 HH21 sing N N 36  
ARG NH2 HH22 sing N N 37  
ARG OXT HXT  sing N N 38  
ASN N   CA   sing N N 39  
ASN N   H    sing N N 40  
ASN N   H2   sing N N 41  
ASN CA  C    sing N N 42  
ASN CA  CB   sing N N 43  
ASN CA  HA   sing N N 44  
ASN C   O    doub N N 45  
ASN C   OXT  sing N N 46  
ASN CB  CG   sing N N 47  
ASN CB  HB2  sing N N 48  
ASN CB  HB3  sing N N 49  
ASN CG  OD1  doub N N 50  
ASN CG  ND2  sing N N 51  
ASN ND2 HD21 sing N N 52  
ASN ND2 HD22 sing N N 53  
ASN OXT HXT  sing N N 54  
ASP N   CA   sing N N 55  
ASP N   H    sing N N 56  
ASP N   H2   sing N N 57  
ASP CA  C    sing N N 58  
ASP CA  CB   sing N N 59  
ASP CA  HA   sing N N 60  
ASP C   O    doub N N 61  
ASP C   OXT  sing N N 62  
ASP CB  CG   sing N N 63  
ASP CB  HB2  sing N N 64  
ASP CB  HB3  sing N N 65  
ASP CG  OD1  doub N N 66  
ASP CG  OD2  sing N N 67  
ASP OD2 HD2  sing N N 68  
ASP OXT HXT  sing N N 69  
CYS N   CA   sing N N 70  
CYS N   H    sing N N 71  
CYS N   H2   sing N N 72  
CYS CA  C    sing N N 73  
CYS CA  CB   sing N N 74  
CYS CA  HA   sing N N 75  
CYS C   O    doub N N 76  
CYS C   OXT  sing N N 77  
CYS CB  SG   sing N N 78  
CYS CB  HB2  sing N N 79  
CYS CB  HB3  sing N N 80  
CYS SG  HG   sing N N 81  
CYS OXT HXT  sing N N 82  
GLN N   CA   sing N N 83  
GLN N   H    sing N N 84  
GLN N   H2   sing N N 85  
GLN CA  C    sing N N 86  
GLN CA  CB   sing N N 87  
GLN CA  HA   sing N N 88  
GLN C   O    doub N N 89  
GLN C   OXT  sing N N 90  
GLN CB  CG   sing N N 91  
GLN CB  HB2  sing N N 92  
GLN CB  HB3  sing N N 93  
GLN CG  CD   sing N N 94  
GLN CG  HG2  sing N N 95  
GLN CG  HG3  sing N N 96  
GLN CD  OE1  doub N N 97  
GLN CD  NE2  sing N N 98  
GLN NE2 HE21 sing N N 99  
GLN NE2 HE22 sing N N 100 
GLN OXT HXT  sing N N 101 
GLU N   CA   sing N N 102 
GLU N   H    sing N N 103 
GLU N   H2   sing N N 104 
GLU CA  C    sing N N 105 
GLU CA  CB   sing N N 106 
GLU CA  HA   sing N N 107 
GLU C   O    doub N N 108 
GLU C   OXT  sing N N 109 
GLU CB  CG   sing N N 110 
GLU CB  HB2  sing N N 111 
GLU CB  HB3  sing N N 112 
GLU CG  CD   sing N N 113 
GLU CG  HG2  sing N N 114 
GLU CG  HG3  sing N N 115 
GLU CD  OE1  doub N N 116 
GLU CD  OE2  sing N N 117 
GLU OE2 HE2  sing N N 118 
GLU OXT HXT  sing N N 119 
GLY N   CA   sing N N 120 
GLY N   H    sing N N 121 
GLY N   H2   sing N N 122 
GLY CA  C    sing N N 123 
GLY CA  HA2  sing N N 124 
GLY CA  HA3  sing N N 125 
GLY C   O    doub N N 126 
GLY C   OXT  sing N N 127 
GLY OXT HXT  sing N N 128 
HIS N   CA   sing N N 129 
HIS N   H    sing N N 130 
HIS N   H2   sing N N 131 
HIS CA  C    sing N N 132 
HIS CA  CB   sing N N 133 
HIS CA  HA   sing N N 134 
HIS C   O    doub N N 135 
HIS C   OXT  sing N N 136 
HIS CB  CG   sing N N 137 
HIS CB  HB2  sing N N 138 
HIS CB  HB3  sing N N 139 
HIS CG  ND1  sing Y N 140 
HIS CG  CD2  doub Y N 141 
HIS ND1 CE1  doub Y N 142 
HIS ND1 HD1  sing N N 143 
HIS CD2 NE2  sing Y N 144 
HIS CD2 HD2  sing N N 145 
HIS CE1 NE2  sing Y N 146 
HIS CE1 HE1  sing N N 147 
HIS NE2 HE2  sing N N 148 
HIS OXT HXT  sing N N 149 
HOH O   H1   sing N N 150 
HOH O   H2   sing N N 151 
ILE N   CA   sing N N 152 
ILE N   H    sing N N 153 
ILE N   H2   sing N N 154 
ILE CA  C    sing N N 155 
ILE CA  CB   sing N N 156 
ILE CA  HA   sing N N 157 
ILE C   O    doub N N 158 
ILE C   OXT  sing N N 159 
ILE CB  CG1  sing N N 160 
ILE CB  CG2  sing N N 161 
ILE CB  HB   sing N N 162 
ILE CG1 CD1  sing N N 163 
ILE CG1 HG12 sing N N 164 
ILE CG1 HG13 sing N N 165 
ILE CG2 HG21 sing N N 166 
ILE CG2 HG22 sing N N 167 
ILE CG2 HG23 sing N N 168 
ILE CD1 HD11 sing N N 169 
ILE CD1 HD12 sing N N 170 
ILE CD1 HD13 sing N N 171 
ILE OXT HXT  sing N N 172 
LEU N   CA   sing N N 173 
LEU N   H    sing N N 174 
LEU N   H2   sing N N 175 
LEU CA  C    sing N N 176 
LEU CA  CB   sing N N 177 
LEU CA  HA   sing N N 178 
LEU C   O    doub N N 179 
LEU C   OXT  sing N N 180 
LEU CB  CG   sing N N 181 
LEU CB  HB2  sing N N 182 
LEU CB  HB3  sing N N 183 
LEU CG  CD1  sing N N 184 
LEU CG  CD2  sing N N 185 
LEU CG  HG   sing N N 186 
LEU CD1 HD11 sing N N 187 
LEU CD1 HD12 sing N N 188 
LEU CD1 HD13 sing N N 189 
LEU CD2 HD21 sing N N 190 
LEU CD2 HD22 sing N N 191 
LEU CD2 HD23 sing N N 192 
LEU OXT HXT  sing N N 193 
LYS N   CA   sing N N 194 
LYS N   H    sing N N 195 
LYS N   H2   sing N N 196 
LYS CA  C    sing N N 197 
LYS CA  CB   sing N N 198 
LYS CA  HA   sing N N 199 
LYS C   O    doub N N 200 
LYS C   OXT  sing N N 201 
LYS CB  CG   sing N N 202 
LYS CB  HB2  sing N N 203 
LYS CB  HB3  sing N N 204 
LYS CG  CD   sing N N 205 
LYS CG  HG2  sing N N 206 
LYS CG  HG3  sing N N 207 
LYS CD  CE   sing N N 208 
LYS CD  HD2  sing N N 209 
LYS CD  HD3  sing N N 210 
LYS CE  NZ   sing N N 211 
LYS CE  HE2  sing N N 212 
LYS CE  HE3  sing N N 213 
LYS NZ  HZ1  sing N N 214 
LYS NZ  HZ2  sing N N 215 
LYS NZ  HZ3  sing N N 216 
LYS OXT HXT  sing N N 217 
MET N   CA   sing N N 218 
MET N   H    sing N N 219 
MET N   H2   sing N N 220 
MET CA  C    sing N N 221 
MET CA  CB   sing N N 222 
MET CA  HA   sing N N 223 
MET C   O    doub N N 224 
MET C   OXT  sing N N 225 
MET CB  CG   sing N N 226 
MET CB  HB2  sing N N 227 
MET CB  HB3  sing N N 228 
MET CG  SD   sing N N 229 
MET CG  HG2  sing N N 230 
MET CG  HG3  sing N N 231 
MET SD  CE   sing N N 232 
MET CE  HE1  sing N N 233 
MET CE  HE2  sing N N 234 
MET CE  HE3  sing N N 235 
MET OXT HXT  sing N N 236 
PHE N   CA   sing N N 237 
PHE N   H    sing N N 238 
PHE N   H2   sing N N 239 
PHE CA  C    sing N N 240 
PHE CA  CB   sing N N 241 
PHE CA  HA   sing N N 242 
PHE C   O    doub N N 243 
PHE C   OXT  sing N N 244 
PHE CB  CG   sing N N 245 
PHE CB  HB2  sing N N 246 
PHE CB  HB3  sing N N 247 
PHE CG  CD1  doub Y N 248 
PHE CG  CD2  sing Y N 249 
PHE CD1 CE1  sing Y N 250 
PHE CD1 HD1  sing N N 251 
PHE CD2 CE2  doub Y N 252 
PHE CD2 HD2  sing N N 253 
PHE CE1 CZ   doub Y N 254 
PHE CE1 HE1  sing N N 255 
PHE CE2 CZ   sing Y N 256 
PHE CE2 HE2  sing N N 257 
PHE CZ  HZ   sing N N 258 
PHE OXT HXT  sing N N 259 
SER N   CA   sing N N 260 
SER N   H    sing N N 261 
SER N   H2   sing N N 262 
SER CA  C    sing N N 263 
SER CA  CB   sing N N 264 
SER CA  HA   sing N N 265 
SER C   O    doub N N 266 
SER C   OXT  sing N N 267 
SER CB  OG   sing N N 268 
SER CB  HB2  sing N N 269 
SER CB  HB3  sing N N 270 
SER OG  HG   sing N N 271 
SER OXT HXT  sing N N 272 
THR N   CA   sing N N 273 
THR N   H    sing N N 274 
THR N   H2   sing N N 275 
THR CA  C    sing N N 276 
THR CA  CB   sing N N 277 
THR CA  HA   sing N N 278 
THR C   O    doub N N 279 
THR C   OXT  sing N N 280 
THR CB  OG1  sing N N 281 
THR CB  CG2  sing N N 282 
THR CB  HB   sing N N 283 
THR OG1 HG1  sing N N 284 
THR CG2 HG21 sing N N 285 
THR CG2 HG22 sing N N 286 
THR CG2 HG23 sing N N 287 
THR OXT HXT  sing N N 288 
TRP N   CA   sing N N 289 
TRP N   H    sing N N 290 
TRP N   H2   sing N N 291 
TRP CA  C    sing N N 292 
TRP CA  CB   sing N N 293 
TRP CA  HA   sing N N 294 
TRP C   O    doub N N 295 
TRP C   OXT  sing N N 296 
TRP CB  CG   sing N N 297 
TRP CB  HB2  sing N N 298 
TRP CB  HB3  sing N N 299 
TRP CG  CD1  doub Y N 300 
TRP CG  CD2  sing Y N 301 
TRP CD1 NE1  sing Y N 302 
TRP CD1 HD1  sing N N 303 
TRP CD2 CE2  doub Y N 304 
TRP CD2 CE3  sing Y N 305 
TRP NE1 CE2  sing Y N 306 
TRP NE1 HE1  sing N N 307 
TRP CE2 CZ2  sing Y N 308 
TRP CE3 CZ3  doub Y N 309 
TRP CE3 HE3  sing N N 310 
TRP CZ2 CH2  doub Y N 311 
TRP CZ2 HZ2  sing N N 312 
TRP CZ3 CH2  sing Y N 313 
TRP CZ3 HZ3  sing N N 314 
TRP CH2 HH2  sing N N 315 
TRP OXT HXT  sing N N 316 
TYR N   CA   sing N N 317 
TYR N   H    sing N N 318 
TYR N   H2   sing N N 319 
TYR CA  C    sing N N 320 
TYR CA  CB   sing N N 321 
TYR CA  HA   sing N N 322 
TYR C   O    doub N N 323 
TYR C   OXT  sing N N 324 
TYR CB  CG   sing N N 325 
TYR CB  HB2  sing N N 326 
TYR CB  HB3  sing N N 327 
TYR CG  CD1  doub Y N 328 
TYR CG  CD2  sing Y N 329 
TYR CD1 CE1  sing Y N 330 
TYR CD1 HD1  sing N N 331 
TYR CD2 CE2  doub Y N 332 
TYR CD2 HD2  sing N N 333 
TYR CE1 CZ   doub Y N 334 
TYR CE1 HE1  sing N N 335 
TYR CE2 CZ   sing Y N 336 
TYR CE2 HE2  sing N N 337 
TYR CZ  OH   sing N N 338 
TYR OH  HH   sing N N 339 
TYR OXT HXT  sing N N 340 
VAL N   CA   sing N N 341 
VAL N   H    sing N N 342 
VAL N   H2   sing N N 343 
VAL CA  C    sing N N 344 
VAL CA  CB   sing N N 345 
VAL CA  HA   sing N N 346 
VAL C   O    doub N N 347 
VAL C   OXT  sing N N 348 
VAL CB  CG1  sing N N 349 
VAL CB  CG2  sing N N 350 
VAL CB  HB   sing N N 351 
VAL CG1 HG11 sing N N 352 
VAL CG1 HG12 sing N N 353 
VAL CG1 HG13 sing N N 354 
VAL CG2 HG21 sing N N 355 
VAL CG2 HG22 sing N N 356 
VAL CG2 HG23 sing N N 357 
VAL OXT HXT  sing N N 358 
# 
loop_
_pdbx_audit_support.funding_organization 
_pdbx_audit_support.country 
_pdbx_audit_support.grant_number 
_pdbx_audit_support.ordinal 
'Rural Development Administration'          'United States'      PJ01653401   1 
'National Research Foundation (NRF, Korea)' 'Korea, Republic Of' R1A4A1018890 2 
# 
_atom_sites.entry_id                    8HEL 
_atom_sites.Cartn_transf_matrix[1][1]   ? 
_atom_sites.Cartn_transf_matrix[1][2]   ? 
_atom_sites.Cartn_transf_matrix[1][3]   ? 
_atom_sites.Cartn_transf_matrix[2][1]   ? 
_atom_sites.Cartn_transf_matrix[2][2]   ? 
_atom_sites.Cartn_transf_matrix[2][3]   ? 
_atom_sites.Cartn_transf_matrix[3][1]   ? 
_atom_sites.Cartn_transf_matrix[3][2]   ? 
_atom_sites.Cartn_transf_matrix[3][3]   ? 
_atom_sites.Cartn_transf_vector[1]      ? 
_atom_sites.Cartn_transf_vector[2]      ? 
_atom_sites.Cartn_transf_vector[3]      ? 
_atom_sites.fract_transf_matrix[1][1]   -0.01054988 
_atom_sites.fract_transf_matrix[1][2]   -0.01005828 
_atom_sites.fract_transf_matrix[1][3]   -0.00901154 
_atom_sites.fract_transf_matrix[2][1]   0.00278839 
_atom_sites.fract_transf_matrix[2][2]   0.00956654 
_atom_sites.fract_transf_matrix[2][3]   -0.01394213 
_atom_sites.fract_transf_matrix[3][1]   0.00850790 
_atom_sites.fract_transf_matrix[3][2]   -0.00647046 
_atom_sites.fract_transf_matrix[3][3]   -0.00273822 
_atom_sites.fract_transf_vector[1]      -0.154457 
_atom_sites.fract_transf_vector[2]      -0.413321 
_atom_sites.fract_transf_vector[3]      -0.009378 
_atom_sites.solution_primary            ? 
_atom_sites.solution_secondary          ? 
_atom_sites.solution_hydrogens          ? 
_atom_sites.special_details             ? 
# 
loop_
_atom_type.symbol 
C 
N 
O 
S 
# 
loop_
_atom_site.group_PDB 
_atom_site.id 
_atom_site.type_symbol 
_atom_site.label_atom_id 
_atom_site.label_alt_id 
_atom_site.label_comp_id 
_atom_site.label_asym_id 
_atom_site.label_entity_id 
_atom_site.label_seq_id 
_atom_site.pdbx_PDB_ins_code 
_atom_site.Cartn_x 
_atom_site.Cartn_y 
_atom_site.Cartn_z 
_atom_site.occupancy 
_atom_site.B_iso_or_equiv 
_atom_site.pdbx_formal_charge 
_atom_site.auth_seq_id 
_atom_site.auth_comp_id 
_atom_site.auth_asym_id 
_atom_site.auth_atom_id 
_atom_site.pdbx_PDB_model_num 
ATOM   1   N N   . MET A 1 1  ? 2.071   -8.430  8.837   1.00 26.38  ? 1   MET A N   1 
ATOM   2   C CA  . MET A 1 1  ? 3.451   -8.236  8.409   1.00 25.62  ? 1   MET A CA  1 
ATOM   3   C C   . MET A 1 1  ? 4.057   -7.027  9.112   1.00 26.30  ? 1   MET A C   1 
ATOM   4   O O   . MET A 1 1  ? 3.421   -5.986  9.225   1.00 25.68  ? 1   MET A O   1 
ATOM   5   C CB  . MET A 1 1  ? 3.526   -8.053  6.893   1.00 26.03  ? 1   MET A CB  1 
ATOM   6   C CG  . MET A 1 1  ? 4.937   -8.135  6.328   1.00 29.21  ? 1   MET A CG  1 
ATOM   7   S SD  . MET A 1 1  ? 4.969   -7.926  4.537   1.00 32.43  ? 1   MET A SD  1 
ATOM   8   C CE  . MET A 1 1  ? 5.109   -6.150  4.411   1.00 30.60  ? 1   MET A CE  1 
ATOM   9   N N   . LYS A 1 2  ? 5.291   -7.158  9.577   1.00 28.20  ? 2   LYS A N   1 
ATOM   10  C CA  . LYS A 1 2  ? 5.978   -6.019  10.165  1.00 29.52  ? 2   LYS A CA  1 
ATOM   11  C C   . LYS A 1 2  ? 6.575   -5.143  9.059   1.00 27.83  ? 2   LYS A C   1 
ATOM   12  O O   . LYS A 1 2  ? 7.059   -5.648  8.046   1.00 28.94  ? 2   LYS A O   1 
ATOM   13  C CB  . LYS A 1 2  ? 7.064   -6.494  11.139  1.00 33.98  ? 2   LYS A CB  1 
ATOM   14  C CG  . LYS A 1 2  ? 6.524   -7.395  12.248  1.00 39.36  ? 2   LYS A CG  1 
ATOM   15  C CD  . LYS A 1 2  ? 7.595   -7.788  13.255  1.00 44.35  ? 2   LYS A CD  1 
ATOM   16  C CE  . LYS A 1 2  ? 7.890   -6.656  14.225  1.00 47.38  ? 2   LYS A CE  1 
ATOM   17  N NZ  . LYS A 1 2  ? 6.667   -6.237  14.968  1.00 49.37  ? 2   LYS A NZ  1 
ATOM   18  N N   . ILE A 1 3  ? 6.509   -3.829  9.247   1.00 25.86  ? 3   ILE A N   1 
ATOM   19  C CA  . ILE A 1 3  ? 7.104   -2.889  8.305   1.00 26.78  ? 3   ILE A CA  1 
ATOM   20  C C   . ILE A 1 3  ? 8.424   -2.348  8.863   1.00 26.22  ? 3   ILE A C   1 
ATOM   21  O O   . ILE A 1 3  ? 8.451   -1.731  9.930   1.00 28.87  ? 3   ILE A O   1 
ATOM   22  C CB  . ILE A 1 3  ? 6.152   -1.714  8.000   1.00 28.39  ? 3   ILE A CB  1 
ATOM   23  C CG1 . ILE A 1 3  ? 4.774   -2.224  7.558   1.00 28.21  ? 3   ILE A CG1 1 
ATOM   24  C CG2 . ILE A 1 3  ? 6.759   -0.790  6.952   1.00 30.35  ? 3   ILE A CG2 1 
ATOM   25  C CD1 . ILE A 1 3  ? 4.764   -2.959  6.225   1.00 28.38  ? 3   ILE A CD1 1 
ATOM   26  N N   . THR A 1 4  ? 9.523   -2.580  8.151   1.00 27.26  ? 4   THR A N   1 
ATOM   27  C CA  . THR A 1 4  ? 10.824  -2.076  8.578   1.00 27.65  ? 4   THR A CA  1 
ATOM   28  C C   . THR A 1 4  ? 11.492  -1.296  7.459   1.00 27.79  ? 4   THR A C   1 
ATOM   29  O O   . THR A 1 4  ? 10.961  -1.199  6.351   1.00 26.96  ? 4   THR A O   1 
ATOM   30  C CB  . THR A 1 4  ? 11.783  -3.203  8.998   1.00 28.61  ? 4   THR A CB  1 
ATOM   31  O OG1 . THR A 1 4  ? 12.191  -3.936  7.838   1.00 28.97  ? 4   THR A OG1 1 
ATOM   32  C CG2 . THR A 1 4  ? 11.132  -4.143  9.993   1.00 30.55  ? 4   THR A CG2 1 
ATOM   33  N N   . ASN A 1 5  ? 12.671  -0.758  7.750   1.00 28.29  ? 5   ASN A N   1 
ATOM   34  C CA  . ASN A 1 5  ? 13.437  -0.032  6.752   1.00 30.34  ? 5   ASN A CA  1 
ATOM   35  C C   . ASN A 1 5  ? 13.804  -0.888  5.544   1.00 28.60  ? 5   ASN A C   1 
ATOM   36  O O   . ASN A 1 5  ? 14.068  -0.357  4.467   1.00 30.18  ? 5   ASN A O   1 
ATOM   37  C CB  . ASN A 1 5  ? 14.717  0.526   7.372   1.00 33.12  ? 5   ASN A CB  1 
ATOM   38  C CG  . ASN A 1 5  ? 14.466  1.755   8.208   1.00 36.86  ? 5   ASN A CG  1 
ATOM   39  O OD1 . ASN A 1 5  ? 13.319  2.115   8.462   1.00 37.94  ? 5   ASN A OD1 1 
ATOM   40  N ND2 . ASN A 1 5  ? 15.535  2.404   8.653   1.00 39.47  ? 5   ASN A ND2 1 
ATOM   41  N N   . ASP A 1 6  ? 13.804  -2.209  5.715   1.00 26.35  ? 6   ASP A N   1 
ATOM   42  C CA  . ASP A 1 6  ? 14.148  -3.116  4.624   1.00 27.33  ? 6   ASP A CA  1 
ATOM   43  C C   . ASP A 1 6  ? 12.942  -3.724  3.935   1.00 26.98  ? 6   ASP A C   1 
ATOM   44  O O   . ASP A 1 6  ? 13.095  -4.553  3.040   1.00 29.73  ? 6   ASP A O   1 
ATOM   45  C CB  . ASP A 1 6  ? 15.048  -4.237  5.130   1.00 30.13  ? 6   ASP A CB  1 
ATOM   46  C CG  . ASP A 1 6  ? 16.460  -3.798  5.252   1.00 32.53  ? 6   ASP A CG  1 
ATOM   47  O OD1 . ASP A 1 6  ? 16.716  -2.656  4.825   1.00 33.76  ? 6   ASP A OD1 1 
ATOM   48  O OD2 . ASP A 1 6  ? 17.290  -4.571  5.769   1.00 33.17  ? 6   ASP A OD2 1 
ATOM   49  N N   . THR A 1 7  ? 11.745  -3.321  4.348   1.00 26.28  ? 7   THR A N   1 
ATOM   50  C CA  . THR A 1 7  ? 10.538  -3.804  3.695   1.00 25.24  ? 7   THR A CA  1 
ATOM   51  C C   . THR A 1 7  ? 10.545  -3.351  2.248   1.00 25.93  ? 7   THR A C   1 
ATOM   52  O O   . THR A 1 7  ? 10.887  -2.211  1.940   1.00 27.17  ? 7   THR A O   1 
ATOM   53  C CB  . THR A 1 7  ? 9.265   -3.307  4.397   1.00 25.09  ? 7   THR A CB  1 
ATOM   54  O OG1 . THR A 1 7  ? 9.201   -3.867  5.713   1.00 25.44  ? 7   THR A OG1 1 
ATOM   55  C CG2 . THR A 1 7  ? 8.019   -3.733  3.631   1.00 25.64  ? 7   THR A CG2 1 
ATOM   56  N N   . THR A 1 8  ? 10.173  -4.258  1.359   1.00 25.26  ? 8   THR A N   1 
ATOM   57  C CA  . THR A 1 8  ? 10.202  -3.960  -0.057  1.00 26.58  ? 8   THR A CA  1 
ATOM   58  C C   . THR A 1 8  ? 8.804   -3.718  -0.598  1.00 25.41  ? 8   THR A C   1 
ATOM   59  O O   . THR A 1 8  ? 7.807   -4.168  -0.020  1.00 23.98  ? 8   THR A O   1 
ATOM   60  C CB  . THR A 1 8  ? 10.837  -5.096  -0.847  1.00 26.58  ? 8   THR A CB  1 
ATOM   61  O OG1 . THR A 1 8  ? 9.986   -6.248  -0.773  1.00 25.68  ? 8   THR A OG1 1 
ATOM   62  C CG2 . THR A 1 8  ? 12.215  -5.438  -0.281  1.00 27.96  ? 8   THR A CG2 1 
ATOM   63  N N   . THR A 1 9  ? 8.734   -3.037  -1.737  1.00 25.77  ? 9   THR A N   1 
ATOM   64  C CA  . THR A 1 9  ? 7.456   -2.838  -2.404  1.00 25.13  ? 9   THR A CA  1 
ATOM   65  C C   . THR A 1 9  ? 6.855   -4.173  -2.810  1.00 24.15  ? 9   THR A C   1 
ATOM   66  O O   . THR A 1 9  ? 5.645   -4.311  -2.812  1.00 23.41  ? 9   THR A O   1 
ATOM   67  C CB  . THR A 1 9  ? 7.578   -1.954  -3.658  1.00 27.81  ? 9   THR A CB  1 
ATOM   68  O OG1 . THR A 1 9  ? 8.628   -2.457  -4.493  1.00 28.16  ? 9   THR A OG1 1 
ATOM   69  C CG2 . THR A 1 9  ? 7.870   -0.506  -3.272  1.00 28.42  ? 9   THR A CG2 1 
ATOM   70  N N   . TYR A 1 10 ? 7.694   -5.145  -3.170  1.00 23.28  ? 10  TYR A N   1 
ATOM   71  C CA  A TYR A 1 10 ? 7.226   -6.492  -3.545  0.47 22.53  ? 10  TYR A CA  1 
ATOM   72  C CA  B TYR A 1 10 ? 7.193   -6.444  -3.567  0.53 22.76  ? 10  TYR A CA  1 
ATOM   73  C C   . TYR A 1 10 ? 6.520   -7.163  -2.389  1.00 21.34  ? 10  TYR A C   1 
ATOM   74  O O   . TYR A 1 10 ? 5.479   -7.787  -2.555  1.00 20.85  ? 10  TYR A O   1 
ATOM   75  C CB  A TYR A 1 10 ? 8.378   -7.402  -4.014  0.47 22.96  ? 10  TYR A CB  1 
ATOM   76  C CB  B TYR A 1 10 ? 8.334   -7.260  -4.171  0.53 23.67  ? 10  TYR A CB  1 
ATOM   77  C CG  A TYR A 1 10 ? 7.955   -8.842  -4.350  0.47 24.44  ? 10  TYR A CG  1 
ATOM   78  C CG  B TYR A 1 10 ? 9.072   -6.498  -5.260  0.53 25.36  ? 10  TYR A CG  1 
ATOM   79  C CD1 A TYR A 1 10 ? 7.771   -9.800  -3.349  0.47 24.89  ? 10  TYR A CD1 1 
ATOM   80  C CD1 B TYR A 1 10 ? 8.453   -6.205  -6.471  0.53 26.23  ? 10  TYR A CD1 1 
ATOM   81  C CD2 A TYR A 1 10 ? 7.752   -9.240  -5.667  0.47 24.95  ? 10  TYR A CD2 1 
ATOM   82  C CD2 B TYR A 1 10 ? 10.376  -6.057  -5.073  0.53 26.52  ? 10  TYR A CD2 1 
ATOM   83  C CE1 A TYR A 1 10 ? 7.380   -11.096 -3.651  0.47 26.27  ? 10  TYR A CE1 1 
ATOM   84  C CE1 B TYR A 1 10 ? 9.112   -5.504  -7.468  0.53 26.97  ? 10  TYR A CE1 1 
ATOM   85  C CE2 A TYR A 1 10 ? 7.368   -10.545 -5.978  0.47 25.84  ? 10  TYR A CE2 1 
ATOM   86  C CE2 B TYR A 1 10 ? 11.046  -5.358  -6.067  0.53 24.67  ? 10  TYR A CE2 1 
ATOM   87  C CZ  A TYR A 1 10 ? 7.184   -11.467 -4.964  0.47 26.76  ? 10  TYR A CZ  1 
ATOM   88  C CZ  B TYR A 1 10 ? 10.408  -5.083  -7.262  0.53 26.64  ? 10  TYR A CZ  1 
ATOM   89  O OH  A TYR A 1 10 ? 6.806   -12.761 -5.260  0.47 29.27  ? 10  TYR A OH  1 
ATOM   90  O OH  B TYR A 1 10 ? 11.063  -4.388  -8.259  0.53 28.73  ? 10  TYR A OH  1 
ATOM   91  N N   . GLU A 1 11 ? 7.104   -7.049  -1.198  1.00 20.96  ? 11  GLU A N   1 
ATOM   92  C CA  . GLU A 1 11 ? 6.527   -7.667  -0.014  1.00 20.06  ? 11  GLU A CA  1 
ATOM   93  C C   . GLU A 1 11 ? 5.173   -7.045  0.320   1.00 18.99  ? 11  GLU A C   1 
ATOM   94  O O   . GLU A 1 11 ? 4.213   -7.739  0.668   1.00 19.71  ? 11  GLU A O   1 
ATOM   95  C CB  . GLU A 1 11 ? 7.487   -7.530  1.169   1.00 21.73  ? 11  GLU A CB  1 
ATOM   96  C CG  . GLU A 1 11 ? 8.677   -8.487  1.071   1.00 24.12  ? 11  GLU A CG  1 
ATOM   97  C CD  . GLU A 1 11 ? 9.934   -7.952  1.740   1.00 26.04  ? 11  GLU A CD  1 
ATOM   98  O OE1 . GLU A 1 11 ? 9.820   -7.025  2.556   1.00 27.11  ? 11  GLU A OE1 1 
ATOM   99  O OE2 . GLU A 1 11 ? 11.045  -8.455  1.465   1.00 29.09  ? 11  GLU A OE2 1 
ATOM   100 N N   . VAL A 1 12 ? 5.081   -5.728  0.201   1.00 18.41  ? 12  VAL A N   1 
ATOM   101 C CA  . VAL A 1 12 ? 3.803   -5.081  0.494   1.00 18.07  ? 12  VAL A CA  1 
ATOM   102 C C   . VAL A 1 12 ? 2.781   -5.385  -0.596  1.00 17.45  ? 12  VAL A C   1 
ATOM   103 O O   . VAL A 1 12 ? 1.597   -5.616  -0.303  1.00 17.03  ? 12  VAL A O   1 
ATOM   104 C CB  . VAL A 1 12 ? 3.975   -3.569  0.671   1.00 18.50  ? 12  VAL A CB  1 
ATOM   105 C CG1 . VAL A 1 12 ? 2.621   -2.911  0.947   1.00 20.33  ? 12  VAL A CG1 1 
ATOM   106 C CG2 . VAL A 1 12 ? 4.909   -3.304  1.830   1.00 20.40  ? 12  VAL A CG2 1 
ATOM   107 N N   . ALA A 1 13 ? 3.229   -5.401  -1.850  1.00 16.97  ? 13  ALA A N   1 
ATOM   108 C CA  . ALA A 1 13 ? 2.336   -5.801  -2.942  1.00 17.98  ? 13  ALA A CA  1 
ATOM   109 C C   . ALA A 1 13 ? 1.765   -7.203  -2.712  1.00 17.10  ? 13  ALA A C   1 
ATOM   110 O O   . ALA A 1 13 ? 0.552   -7.430  -2.849  1.00 17.32  ? 13  ALA A O   1 
ATOM   111 C CB  . ALA A 1 13 ? 3.051   -5.741  -4.280  1.00 18.92  ? 13  ALA A CB  1 
ATOM   112 N N   . GLU A 1 14 ? 2.620   -8.153  -2.343  1.00 17.94  ? 14  GLU A N   1 
ATOM   113 C CA  . GLU A 1 14 ? 2.125   -9.510  -2.158  1.00 19.74  ? 14  GLU A CA  1 
ATOM   114 C C   . GLU A 1 14 ? 1.131   -9.596  -1.005  1.00 18.09  ? 14  GLU A C   1 
ATOM   115 O O   . GLU A 1 14 ? 0.176   -10.384 -1.049  1.00 17.79  ? 14  GLU A O   1 
ATOM   116 C CB  . GLU A 1 14 ? 3.274   -10.485 -1.930  1.00 23.11  ? 14  GLU A CB  1 
ATOM   117 C CG  . GLU A 1 14 ? 3.954   -10.931 -3.221  1.00 29.87  ? 14  GLU A CG  1 
ATOM   118 C CD  . GLU A 1 14 ? 2.985   -11.536 -4.237  1.00 36.79  ? 14  GLU A CD  1 
ATOM   119 O OE1 . GLU A 1 14 ? 1.970   -12.140 -3.827  1.00 39.69  ? 14  GLU A OE1 1 
ATOM   120 O OE2 . GLU A 1 14 ? 3.242   -11.410 -5.453  1.00 39.32  ? 14  GLU A OE2 1 
ATOM   121 N N   . LEU A 1 15 ? 1.347   -8.771  0.015   1.00 17.53  ? 15  LEU A N   1 
ATOM   122 C CA  . LEU A 1 15 ? 0.410   -8.659  1.127   1.00 18.97  ? 15  LEU A CA  1 
ATOM   123 C C   . LEU A 1 15 ? -0.987  -8.281  0.617   1.00 18.66  ? 15  LEU A C   1 
ATOM   124 O O   . LEU A 1 15 ? -1.991  -8.740  1.147   1.00 19.55  ? 15  LEU A O   1 
ATOM   125 C CB  . LEU A 1 15 ? 0.910   -7.616  2.131   1.00 21.09  ? 15  LEU A CB  1 
ATOM   126 C CG  . LEU A 1 15 ? 0.287   -7.619  3.522   1.00 22.83  ? 15  LEU A CG  1 
ATOM   127 C CD1 . LEU A 1 15 ? 0.502   -8.953  4.215   1.00 22.34  ? 15  LEU A CD1 1 
ATOM   128 C CD2 . LEU A 1 15 ? 0.883   -6.475  4.315   1.00 23.33  ? 15  LEU A CD2 1 
ATOM   129 N N   . MET A 1 16 ? -1.033  -7.452  -0.421  1.00 19.05  ? 16  MET A N   1 
ATOM   130 C CA  . MET A 1 16 ? -2.285  -6.958  -0.983  1.00 19.19  ? 16  MET A CA  1 
ATOM   131 C C   . MET A 1 16 ? -2.959  -7.960  -1.913  1.00 21.28  ? 16  MET A C   1 
ATOM   132 O O   . MET A 1 16 ? -4.156  -7.896  -2.119  1.00 26.14  ? 16  MET A O   1 
ATOM   133 C CB  . MET A 1 16 ? -2.032  -5.654  -1.732  1.00 18.64  ? 16  MET A CB  1 
ATOM   134 C CG  . MET A 1 16 ? -1.512  -4.531  -0.853  1.00 17.78  ? 16  MET A CG  1 
ATOM   135 S SD  . MET A 1 16 ? -0.906  -3.128  -1.807  1.00 18.95  ? 16  MET A SD  1 
ATOM   136 C CE  . MET A 1 16 ? -2.423  -2.486  -2.500  1.00 20.82  ? 16  MET A CE  1 
ATOM   137 N N   . GLY A 1 17 ? -2.192  -8.880  -2.487  1.00 18.50  ? 17  GLY A N   1 
ATOM   138 C CA  . GLY A 1 17 ? -2.750  -9.875  -3.383  1.00 17.62  ? 17  GLY A CA  1 
ATOM   139 C C   . GLY A 1 17 ? -1.836  -10.161 -4.552  1.00 17.20  ? 17  GLY A C   1 
ATOM   140 O O   . GLY A 1 17 ? -1.008  -9.333  -4.932  1.00 17.80  ? 17  GLY A O   1 
ATOM   141 N N   . SER A 1 18 ? -1.973  -11.347 -5.131  1.00 17.41  ? 18  SER A N   1 
ATOM   142 C CA  . SER A 1 18 ? -1.034  -11.790 -6.160  1.00 18.82  ? 18  SER A CA  1 
ATOM   143 C C   . SER A 1 18 ? -1.094  -10.977 -7.464  1.00 19.96  ? 18  SER A C   1 
ATOM   144 O O   . SER A 1 18 ? -0.154  -11.024 -8.259  1.00 20.85  ? 18  SER A O   1 
ATOM   145 C CB  . SER A 1 18 ? -1.268  -13.267 -6.455  1.00 18.49  ? 18  SER A CB  1 
ATOM   146 O OG  . SER A 1 18 ? -2.584  -13.466 -6.930  1.00 20.58  ? 18  SER A OG  1 
ATOM   147 N N   . GLU A 1 19 ? -2.168  -10.216 -7.681  1.00 19.87  ? 19  GLU A N   1 
ATOM   148 C CA  . GLU A 1 19 ? -2.261  -9.380  -8.880  1.00 20.48  ? 19  GLU A CA  1 
ATOM   149 C C   . GLU A 1 19 ? -1.808  -7.945  -8.622  1.00 20.28  ? 19  GLU A C   1 
ATOM   150 O O   . GLU A 1 19 ? -1.750  -7.129  -9.546  1.00 22.67  ? 19  GLU A O   1 
ATOM   151 C CB  . GLU A 1 19 ? -3.685  -9.394  -9.449  1.00 21.07  ? 19  GLU A CB  1 
ATOM   152 C CG  . GLU A 1 19 ? -4.053  -10.758 -10.012 1.00 21.47  ? 19  GLU A CG  1 
ATOM   153 C CD  . GLU A 1 19 ? -5.459  -10.833 -10.580 1.00 24.50  ? 19  GLU A CD  1 
ATOM   154 O OE1 . GLU A 1 19 ? -6.247  -9.885  -10.380 1.00 27.93  ? 19  GLU A OE1 1 
ATOM   155 O OE2 . GLU A 1 19 ? -5.780  -11.852 -11.229 1.00 25.55  ? 19  GLU A OE2 1 
ATOM   156 N N   . ALA A 1 20 ? -1.494  -7.631  -7.368  1.00 19.03  ? 20  ALA A N   1 
ATOM   157 C CA  . ALA A 1 20 ? -0.949  -6.315  -7.053  1.00 17.89  ? 20  ALA A CA  1 
ATOM   158 C C   . ALA A 1 20 ? 0.462   -6.210  -7.625  1.00 18.61  ? 20  ALA A C   1 
ATOM   159 O O   . ALA A 1 20 ? 1.173   -7.208  -7.695  1.00 21.67  ? 20  ALA A O   1 
ATOM   160 C CB  . ALA A 1 20 ? -0.943  -6.085  -5.560  1.00 18.99  ? 20  ALA A CB  1 
ATOM   161 N N   . ASP A 1 21 ? 0.859   -5.015  -8.042  1.00 18.54  ? 21  ASP A N   1 
ATOM   162 C CA  . ASP A 1 21 ? 2.186   -4.832  -8.614  1.00 19.11  ? 21  ASP A CA  1 
ATOM   163 C C   . ASP A 1 21 ? 3.023   -3.880  -7.760  1.00 18.13  ? 21  ASP A C   1 
ATOM   164 O O   . ASP A 1 21 ? 2.604   -3.472  -6.679  1.00 18.65  ? 21  ASP A O   1 
ATOM   165 C CB  . ASP A 1 21 ? 2.092   -4.362  -10.073 1.00 19.52  ? 21  ASP A CB  1 
ATOM   166 C CG  . ASP A 1 21 ? 1.378   -3.034  -10.241 1.00 18.97  ? 21  ASP A CG  1 
ATOM   167 O OD1 . ASP A 1 21 ? 1.390   -2.191  -9.321  1.00 18.40  ? 21  ASP A OD1 1 
ATOM   168 O OD2 . ASP A 1 21 ? 0.801   -2.836  -11.332 1.00 22.59  ? 21  ASP A OD2 1 
ATOM   169 N N   . GLU A 1 22 ? 4.219   -3.552  -8.243  1.00 20.29  ? 22  GLU A N   1 
ATOM   170 C CA  . GLU A 1 22 ? 5.161   -2.744  -7.477  1.00 21.79  ? 22  GLU A CA  1 
ATOM   171 C C   . GLU A 1 22 ? 4.607   -1.363  -7.161  1.00 19.59  ? 22  GLU A C   1 
ATOM   172 O O   . GLU A 1 22 ? 4.908   -0.796  -6.114  1.00 20.38  ? 22  GLU A O   1 
ATOM   173 C CB  . GLU A 1 22 ? 6.488   -2.625  -8.244  1.00 29.07  ? 22  GLU A CB  1 
ATOM   174 C CG  . GLU A 1 22 ? 7.543   -1.690  -7.637  1.00 38.42  ? 22  GLU A CG  1 
ATOM   175 C CD  . GLU A 1 22 ? 7.331   -0.215  -7.970  1.00 47.04  ? 22  GLU A CD  1 
ATOM   176 O OE1 . GLU A 1 22 ? 6.849   0.094   -9.082  1.00 51.10  ? 22  GLU A OE1 1 
ATOM   177 O OE2 . GLU A 1 22 ? 7.656   0.636   -7.118  1.00 51.07  ? 22  GLU A OE2 1 
ATOM   178 N N   . LEU A 1 23 ? 3.797   -0.823  -8.065  1.00 19.22  ? 23  LEU A N   1 
ATOM   179 C CA  . LEU A 1 23 ? 3.209   0.483   -7.832  1.00 19.20  ? 23  LEU A CA  1 
ATOM   180 C C   . LEU A 1 23 ? 2.210   0.411   -6.678  1.00 18.14  ? 23  LEU A C   1 
ATOM   181 O O   . LEU A 1 23 ? 2.180   1.298   -5.828  1.00 18.76  ? 23  LEU A O   1 
ATOM   182 C CB  . LEU A 1 23 ? 2.541   1.005   -9.103  1.00 19.73  ? 23  LEU A CB  1 
ATOM   183 C CG  . LEU A 1 23 ? 1.809   2.339   -8.979  1.00 20.15  ? 23  LEU A CG  1 
ATOM   184 C CD1 . LEU A 1 23 ? 2.726   3.385   -8.396  1.00 21.53  ? 23  LEU A CD1 1 
ATOM   185 C CD2 . LEU A 1 23 ? 1.295   2.746   -10.341 1.00 22.32  ? 23  LEU A CD2 1 
ATOM   186 N N   . ASP A 1 24 ? 1.394   -0.636  -6.650  1.00 18.05  ? 24  ASP A N   1 
ATOM   187 C CA  . ASP A 1 24 ? 0.480   -0.852  -5.535  1.00 16.89  ? 24  ASP A CA  1 
ATOM   188 C C   . ASP A 1 24 ? 1.250   -0.907  -4.223  1.00 16.89  ? 24  ASP A C   1 
ATOM   189 O O   . ASP A 1 24 ? 0.839   -0.307  -3.222  1.00 17.75  ? 24  ASP A O   1 
ATOM   190 C CB  . ASP A 1 24 ? -0.310  -2.153  -5.720  1.00 17.48  ? 24  ASP A CB  1 
ATOM   191 C CG  . ASP A 1 24 ? -1.267  -2.096  -6.892  1.00 18.52  ? 24  ASP A CG  1 
ATOM   192 O OD1 . ASP A 1 24 ? -1.938  -1.058  -7.077  1.00 19.17  ? 24  ASP A OD1 1 
ATOM   193 O OD2 . ASP A 1 24 ? -1.330  -3.097  -7.637  1.00 19.67  ? 24  ASP A OD2 1 
ATOM   194 N N   . GLY A 1 25 ? 2.360   -1.641  -4.233  1.00 17.87  ? 25  GLY A N   1 
ATOM   195 C CA  . GLY A 1 25 ? 3.169   -1.780  -3.043  1.00 17.89  ? 25  GLY A CA  1 
ATOM   196 C C   . GLY A 1 25 ? 3.740   -0.452  -2.593  1.00 17.91  ? 25  GLY A C   1 
ATOM   197 O O   . GLY A 1 25 ? 3.742   -0.140  -1.399  1.00 18.70  ? 25  GLY A O   1 
ATOM   198 N N   . ARG A 1 26 ? 4.257   0.326   -3.540  1.00 17.95  ? 26  ARG A N   1 
ATOM   199 C CA  . ARG A 1 26 ? 4.825   1.626   -3.216  1.00 19.71  ? 26  ARG A CA  1 
ATOM   200 C C   . ARG A 1 26 ? 3.775   2.574   -2.616  1.00 18.77  ? 26  ARG A C   1 
ATOM   201 O O   . ARG A 1 26 ? 4.015   3.271   -1.623  1.00 20.85  ? 26  ARG A O   1 
ATOM   202 C CB  . ARG A 1 26 ? 5.441   2.250   -4.466  1.00 24.81  ? 26  ARG A CB  1 
ATOM   203 C CG  . ARG A 1 26 ? 6.023   3.632   -4.251  1.00 31.59  ? 26  ARG A CG  1 
ATOM   204 C CD  . ARG A 1 26 ? 6.770   4.071   -5.483  1.00 37.63  ? 26  ARG A CD  1 
ATOM   205 N NE  . ARG A 1 26 ? 7.754   3.065   -5.866  1.00 43.03  ? 26  ARG A NE  1 
ATOM   206 C CZ  . ARG A 1 26 ? 8.981   2.995   -5.360  1.00 47.89  ? 26  ARG A CZ  1 
ATOM   207 N NH1 . ARG A 1 26 ? 9.381   3.876   -4.452  1.00 49.77  ? 26  ARG A NH1 1 
ATOM   208 N NH2 . ARG A 1 26 ? 9.810   2.043   -5.762  1.00 49.86  ? 26  ARG A NH2 1 
ATOM   209 N N   . ILE A 1 27 ? 2.599   2.592   -3.224  1.00 18.84  ? 27  ILE A N   1 
ATOM   210 C CA  . ILE A 1 27 ? 1.519   3.448   -2.739  1.00 19.21  ? 27  ILE A CA  1 
ATOM   211 C C   . ILE A 1 27 ? 1.099   3.021   -1.339  1.00 19.21  ? 27  ILE A C   1 
ATOM   212 O O   . ILE A 1 27 ? 0.961   3.854   -0.441  1.00 20.09  ? 27  ILE A O   1 
ATOM   213 C CB  . ILE A 1 27 ? 0.327   3.407   -3.691  1.00 19.65  ? 27  ILE A CB  1 
ATOM   214 C CG1 . ILE A 1 27 ? 0.685   4.125   -4.992  1.00 21.44  ? 27  ILE A CG1 1 
ATOM   215 C CG2 . ILE A 1 27 ? -0.907  4.058   -3.037  1.00 21.20  ? 27  ILE A CG2 1 
ATOM   216 C CD1 . ILE A 1 27 ? -0.344  3.959   -6.083  1.00 22.66  ? 27  ILE A CD1 1 
ATOM   217 N N   . MET A 1 28 ? 0.912   1.716   -1.142  1.00 18.35  ? 28  MET A N   1 
ATOM   218 C CA  . MET A 1 28 ? 0.499   1.224   0.165   1.00 18.57  ? 28  MET A CA  1 
ATOM   219 C C   . MET A 1 28 ? 1.570   1.511   1.222   1.00 18.87  ? 28  MET A C   1 
ATOM   220 O O   . MET A 1 28 ? 1.243   1.833   2.366   1.00 20.84  ? 28  MET A O   1 
ATOM   221 C CB  . MET A 1 28 ? 0.171   -0.266  0.109   1.00 18.12  ? 28  MET A CB  1 
ATOM   222 C CG  . MET A 1 28 ? -0.202  -0.873  1.454   1.00 18.47  ? 28  MET A CG  1 
ATOM   223 S SD  . MET A 1 28 ? -1.696  -0.179  2.172   1.00 20.24  ? 28  MET A SD  1 
ATOM   224 C CE  . MET A 1 28 ? -2.910  -1.004  1.174   1.00 20.71  ? 28  MET A CE  1 
ATOM   225 N N   . MET A 1 29 ? 2.848   1.424   0.865   1.00 19.88  ? 29  MET A N   1 
ATOM   226 C CA  A MET A 1 29 ? 3.886   1.764   1.828   0.52 20.73  ? 29  MET A CA  1 
ATOM   227 C CA  B MET A 1 29 ? 3.899   1.755   1.815   0.48 22.17  ? 29  MET A CA  1 
ATOM   228 C C   . MET A 1 29 ? 3.758   3.213   2.271   1.00 22.34  ? 29  MET A C   1 
ATOM   229 O O   . MET A 1 29 ? 3.955   3.532   3.445   1.00 23.19  ? 29  MET A O   1 
ATOM   230 C CB  A MET A 1 29 ? 5.266   1.505   1.247   0.52 20.29  ? 29  MET A CB  1 
ATOM   231 C CB  B MET A 1 29 ? 5.275   1.509   1.200   0.48 24.75  ? 29  MET A CB  1 
ATOM   232 C CG  A MET A 1 29 ? 5.573   0.045   1.190   0.52 20.50  ? 29  MET A CG  1 
ATOM   233 C CG  B MET A 1 29 ? 6.404   1.583   2.204   0.48 28.20  ? 29  MET A CG  1 
ATOM   234 S SD  A MET A 1 29 ? 7.163   -0.307  0.467   0.52 23.30  ? 29  MET A SD  1 
ATOM   235 S SD  B MET A 1 29 ? 7.994   1.110   1.510   0.48 31.86  ? 29  MET A SD  1 
ATOM   236 C CE  A MET A 1 29 ? 8.257   0.142   1.815   0.52 24.12  ? 29  MET A CE  1 
ATOM   237 C CE  B MET A 1 29 ? 7.684   -0.601  1.078   0.48 32.02  ? 29  MET A CE  1 
ATOM   238 N N   . GLY A 1 30 ? 3.414   4.087   1.332   1.00 22.95  ? 30  GLY A N   1 
ATOM   239 C CA  . GLY A 1 30 ? 3.203   5.493   1.640   1.00 23.46  ? 30  GLY A CA  1 
ATOM   240 C C   . GLY A 1 30 ? 2.024   5.686   2.582   1.00 24.00  ? 30  GLY A C   1 
ATOM   241 O O   . GLY A 1 30 ? 2.091   6.490   3.525   1.00 25.37  ? 30  GLY A O   1 
ATOM   242 N N   . LEU A 1 31 ? 0.936   4.956   2.337   1.00 22.51  ? 31  LEU A N   1 
ATOM   243 C CA  . LEU A 1 31 ? -0.239  5.042   3.191   1.00 22.90  ? 31  LEU A CA  1 
ATOM   244 C C   . LEU A 1 31 ? 0.055   4.508   4.587   1.00 22.34  ? 31  LEU A C   1 
ATOM   245 O O   . LEU A 1 31 ? -0.302  5.130   5.587   1.00 23.70  ? 31  LEU A O   1 
ATOM   246 C CB  . LEU A 1 31 ? -1.406  4.286   2.562   1.00 22.55  ? 31  LEU A CB  1 
ATOM   247 C CG  . LEU A 1 31 ? -1.901  4.824   1.217   1.00 22.58  ? 31  LEU A CG  1 
ATOM   248 C CD1 . LEU A 1 31 ? -3.042  3.969   0.706   1.00 23.29  ? 31  LEU A CD1 1 
ATOM   249 C CD2 . LEU A 1 31 ? -2.331  6.287   1.294   1.00 24.13  ? 31  LEU A CD2 1 
ATOM   250 N N   . LEU A 1 32 ? 0.731   3.365   4.659   1.00 23.24  ? 32  LEU A N   1 
ATOM   251 C CA  . LEU A 1 32 ? 1.062   2.778   5.947   1.00 23.22  ? 32  LEU A CA  1 
ATOM   252 C C   . LEU A 1 32 ? 1.968   3.714   6.750   1.00 24.55  ? 32  LEU A C   1 
ATOM   253 O O   . LEU A 1 32 ? 1.826   3.831   7.964   1.00 26.14  ? 32  LEU A O   1 
ATOM   254 C CB  . LEU A 1 32 ? 1.738   1.416   5.757   1.00 22.39  ? 32  LEU A CB  1 
ATOM   255 C CG  . LEU A 1 32 ? 0.853   0.276   5.231   1.00 21.59  ? 32  LEU A CG  1 
ATOM   256 C CD1 . LEU A 1 32 ? 1.686   -0.959  4.916   1.00 23.29  ? 32  LEU A CD1 1 
ATOM   257 C CD2 . LEU A 1 32 ? -0.274  -0.087  6.205   1.00 22.70  ? 32  LEU A CD2 1 
ATOM   258 N N   . SER A 1 33 ? 2.884   4.391   6.067   1.00 25.13  ? 33  SER A N   1 
ATOM   259 C CA  . SER A 1 33 ? 3.779   5.348   6.718   1.00 27.01  ? 33  SER A CA  1 
ATOM   260 C C   . SER A 1 33 ? 3.000   6.534   7.278   1.00 27.95  ? 33  SER A C   1 
ATOM   261 O O   . SER A 1 33 ? 3.249   6.977   8.402   1.00 28.40  ? 33  SER A O   1 
ATOM   262 C CB  . SER A 1 33 ? 4.846   5.830   5.735   1.00 29.45  ? 33  SER A CB  1 
ATOM   263 O OG  . SER A 1 33 ? 5.674   6.814   6.326   1.00 33.53  ? 33  SER A OG  1 
ATOM   264 N N   . ARG A 1 34 ? 2.058   7.042   6.490   1.00 27.39  ? 34  ARG A N   1 
ATOM   265 C CA  . ARG A 1 34 ? 1.200   8.131   6.939   1.00 27.71  ? 34  ARG A CA  1 
ATOM   266 C C   . ARG A 1 34 ? 0.463   7.741   8.214   1.00 27.91  ? 34  ARG A C   1 
ATOM   267 O O   . ARG A 1 34 ? 0.356   8.532   9.160   1.00 30.67  ? 34  ARG A O   1 
ATOM   268 C CB  . ARG A 1 34 ? 0.190   8.508   5.853   1.00 27.52  ? 34  ARG A CB  1 
ATOM   269 C CG  . ARG A 1 34 ? -0.713  9.681   6.234   1.00 27.76  ? 34  ARG A CG  1 
ATOM   270 C CD  . ARG A 1 34 ? -1.830  9.845   5.217   1.00 27.87  ? 34  ARG A CD  1 
ATOM   271 N NE  . ARG A 1 34 ? -2.808  8.766   5.321   1.00 27.99  ? 34  ARG A NE  1 
ATOM   272 C CZ  . ARG A 1 34 ? -3.644  8.419   4.349   1.00 27.58  ? 34  ARG A CZ  1 
ATOM   273 N NH1 . ARG A 1 34 ? -3.612  9.052   3.186   1.00 28.64  ? 34  ARG A NH1 1 
ATOM   274 N NH2 . ARG A 1 34 ? -4.503  7.429   4.535   1.00 27.29  ? 34  ARG A NH2 1 
ATOM   275 N N   . GLU A 1 35 ? -0.024  6.505   8.235   1.00 27.14  ? 35  GLU A N   1 
ATOM   276 C CA  . GLU A 1 35 ? -0.830  5.998   9.341   1.00 29.07  ? 35  GLU A CA  1 
ATOM   277 C C   . GLU A 1 35 ? 0.019   5.472   10.497  1.00 30.90  ? 35  GLU A C   1 
ATOM   278 O O   . GLU A 1 35 ? -0.522  4.987   11.496  1.00 32.44  ? 35  GLU A O   1 
ATOM   279 C CB  . GLU A 1 35 ? -1.765  4.887   8.847   1.00 30.09  ? 35  GLU A CB  1 
ATOM   280 C CG  . GLU A 1 35 ? -2.705  5.293   7.723   1.00 32.52  ? 35  GLU A CG  1 
ATOM   281 C CD  . GLU A 1 35 ? -3.672  6.371   8.149   1.00 37.72  ? 35  GLU A CD  1 
ATOM   282 O OE1 . GLU A 1 35 ? -4.141  6.316   9.303   1.00 40.01  ? 35  GLU A OE1 1 
ATOM   283 O OE2 . GLU A 1 35 ? -3.969  7.271   7.336   1.00 40.34  ? 35  GLU A OE2 1 
ATOM   284 N N   . CYS A 1 36 ? 1.341   5.571   10.357  1.00 31.52  ? 36  CYS A N   1 
ATOM   285 C CA  . CYS A 1 36 ? 2.285   5.078   11.366  1.00 32.42  ? 36  CYS A CA  1 
ATOM   286 C C   . CYS A 1 36 ? 2.051   3.620   11.709  1.00 31.17  ? 36  CYS A C   1 
ATOM   287 O O   . CYS A 1 36 ? 2.157   3.214   12.862  1.00 32.46  ? 36  CYS A O   1 
ATOM   288 C CB  . CYS A 1 36 ? 2.224   5.919   12.638  1.00 35.12  ? 36  CYS A CB  1 
ATOM   289 S SG  . CYS A 1 36 ? 2.783   7.587   12.376  1.00 38.00  ? 36  CYS A SG  1 
ATOM   290 N N   . VAL A 1 37 ? 1.741   2.831   10.692  1.00 29.09  ? 37  VAL A N   1 
ATOM   291 C CA  . VAL A 1 37 ? 1.535   1.410   10.881  1.00 29.91  ? 37  VAL A CA  1 
ATOM   292 C C   . VAL A 1 37 ? 2.858   0.678   10.707  1.00 29.65  ? 37  VAL A C   1 
ATOM   293 O O   . VAL A 1 37 ? 3.435   0.676   9.619   1.00 31.65  ? 37  VAL A O   1 
ATOM   294 C CB  . VAL A 1 37 ? 0.502   0.859   9.895   1.00 30.20  ? 37  VAL A CB  1 
ATOM   295 C CG1 . VAL A 1 37 ? 0.373   -0.649  10.046  1.00 30.79  ? 37  VAL A CG1 1 
ATOM   296 C CG2 . VAL A 1 37 ? -0.836  1.533   10.116  1.00 30.66  ? 37  VAL A CG2 1 
ATOM   297 N N   . VAL A 1 38 ? 3.345   0.069   11.783  1.00 29.85  ? 38  VAL A N   1 
ATOM   298 C CA  . VAL A 1 38 ? 4.596   -0.683  11.724  1.00 30.16  ? 38  VAL A CA  1 
ATOM   299 C C   . VAL A 1 38 ? 4.344   -2.184  11.785  1.00 29.18  ? 38  VAL A C   1 
ATOM   300 O O   . VAL A 1 38 ? 5.268   -2.987  11.655  1.00 29.79  ? 38  VAL A O   1 
ATOM   301 C CB  . VAL A 1 38 ? 5.558   -0.287  12.865  1.00 32.60  ? 38  VAL A CB  1 
ATOM   302 C CG1 . VAL A 1 38 ? 5.946   1.180   12.752  1.00 33.68  ? 38  VAL A CG1 1 
ATOM   303 C CG2 . VAL A 1 38 ? 4.929   -0.577  14.219  1.00 32.52  ? 38  VAL A CG2 1 
ATOM   304 N N   . ASP A 1 39 ? 3.084   -2.555  11.980  1.00 28.03  ? 39  ASP A N   1 
ATOM   305 C CA  . ASP A 1 39 ? 2.654   -3.950  11.964  1.00 28.86  ? 39  ASP A CA  1 
ATOM   306 C C   . ASP A 1 39 ? 1.229   -3.994  11.434  1.00 26.85  ? 39  ASP A C   1 
ATOM   307 O O   . ASP A 1 39 ? 0.317   -3.498  12.088  1.00 27.96  ? 39  ASP A O   1 
ATOM   308 C CB  . ASP A 1 39 ? 2.740   -4.557  13.367  1.00 31.93  ? 39  ASP A CB  1 
ATOM   309 C CG  . ASP A 1 39 ? 2.492   -6.060  13.385  1.00 34.08  ? 39  ASP A CG  1 
ATOM   310 O OD1 . ASP A 1 39 ? 1.908   -6.595  12.421  1.00 34.51  ? 39  ASP A OD1 1 
ATOM   311 O OD2 . ASP A 1 39 ? 2.879   -6.704  14.388  1.00 36.81  ? 39  ASP A OD2 1 
ATOM   312 N N   . THR A 1 40 ? 1.026   -4.584  10.260  1.00 24.77  ? 40  THR A N   1 
ATOM   313 C CA  . THR A 1 40 ? -0.300  -4.556  9.653   1.00 24.32  ? 40  THR A CA  1 
ATOM   314 C C   . THR A 1 40 ? -1.328  -5.359  10.455  1.00 27.52  ? 40  THR A C   1 
ATOM   315 O O   . THR A 1 40 ? -2.526  -5.190  10.262  1.00 27.29  ? 40  THR A O   1 
ATOM   316 C CB  . THR A 1 40 ? -0.270  -5.054  8.188   1.00 23.83  ? 40  THR A CB  1 
ATOM   317 O OG1 . THR A 1 40 ? 0.229   -6.396  8.117   1.00 24.28  ? 40  THR A OG1 1 
ATOM   318 C CG2 . THR A 1 40 ? 0.604   -4.143  7.347   1.00 24.92  ? 40  THR A CG2 1 
ATOM   319 N N   . ASP A 1 41 ? -0.871  -6.200  11.378  1.00 31.39  ? 41  ASP A N   1 
ATOM   320 C CA  . ASP A 1 41 ? -1.795  -6.906  12.266  1.00 36.48  ? 41  ASP A CA  1 
ATOM   321 C C   . ASP A 1 41 ? -2.502  -5.955  13.228  1.00 36.17  ? 41  ASP A C   1 
ATOM   322 O O   . ASP A 1 41 ? -3.512  -6.315  13.837  1.00 37.56  ? 41  ASP A O   1 
ATOM   323 C CB  . ASP A 1 41 ? -1.064  -7.986  13.063  1.00 41.64  ? 41  ASP A CB  1 
ATOM   324 C CG  . ASP A 1 41 ? -0.551  -9.102  12.187  1.00 45.94  ? 41  ASP A CG  1 
ATOM   325 O OD1 . ASP A 1 41 ? -1.212  -9.406  11.173  1.00 47.07  ? 41  ASP A OD1 1 
ATOM   326 O OD2 . ASP A 1 41 ? 0.505   -9.678  12.518  1.00 48.74  ? 41  ASP A OD2 1 
ATOM   327 N N   . ASP A 1 42 ? -1.970  -4.744  13.371  1.00 34.56  ? 42  ASP A N   1 
ATOM   328 C CA  . ASP A 1 42 ? -2.583  -3.737  14.239  1.00 34.30  ? 42  ASP A CA  1 
ATOM   329 C C   . ASP A 1 42 ? -3.816  -3.110  13.585  1.00 33.29  ? 42  ASP A C   1 
ATOM   330 O O   . ASP A 1 42 ? -4.554  -2.357  14.219  1.00 35.33  ? 42  ASP A O   1 
ATOM   331 C CB  . ASP A 1 42 ? -1.571  -2.644  14.597  1.00 35.51  ? 42  ASP A CB  1 
ATOM   332 C CG  . ASP A 1 42 ? -0.378  -3.177  15.374  1.00 37.35  ? 42  ASP A CG  1 
ATOM   333 O OD1 . ASP A 1 42 ? -0.500  -4.243  16.007  1.00 38.68  ? 42  ASP A OD1 1 
ATOM   334 O OD2 . ASP A 1 42 ? 0.689   -2.527  15.352  1.00 37.76  ? 42  ASP A OD2 1 
ATOM   335 N N   . LEU A 1 43 ? -4.044  -3.427  12.317  1.00 30.48  ? 43  LEU A N   1 
ATOM   336 C CA  . LEU A 1 43 ? -5.184  -2.885  11.584  1.00 29.72  ? 43  LEU A CA  1 
ATOM   337 C C   . LEU A 1 43 ? -6.428  -3.742  11.754  1.00 29.46  ? 43  LEU A C   1 
ATOM   338 O O   . LEU A 1 43 ? -6.342  -4.967  11.790  1.00 30.49  ? 43  LEU A O   1 
ATOM   339 C CB  . LEU A 1 43 ? -4.854  -2.774  10.093  1.00 29.30  ? 43  LEU A CB  1 
ATOM   340 C CG  . LEU A 1 43 ? -3.706  -1.864  9.650   1.00 28.93  ? 43  LEU A CG  1 
ATOM   341 C CD1 . LEU A 1 43 ? -3.403  -2.072  8.173   1.00 28.89  ? 43  LEU A CD1 1 
ATOM   342 C CD2 . LEU A 1 43 ? -4.048  -0.408  9.924   1.00 30.66  ? 43  LEU A CD2 1 
ATOM   343 N N   . SER A 1 44 ? -7.589  -3.100  11.842  1.00 28.66  ? 44  SER A N   1 
ATOM   344 C CA  . SER A 1 44 ? -8.843  -3.823  11.725  1.00 27.88  ? 44  SER A CA  1 
ATOM   345 C C   . SER A 1 44 ? -9.069  -4.219  10.274  1.00 26.72  ? 44  SER A C   1 
ATOM   346 O O   . SER A 1 44 ? -8.410  -3.706  9.374   1.00 25.22  ? 44  SER A O   1 
ATOM   347 C CB  . SER A 1 44 ? -10.014 -2.974  12.212  1.00 29.10  ? 44  SER A CB  1 
ATOM   348 O OG  . SER A 1 44 ? -10.276 -1.932  11.289  1.00 30.61  ? 44  SER A OG  1 
ATOM   349 N N   . GLU A 1 45 ? -10.016 -5.120  10.040  1.00 26.44  ? 45  GLU A N   1 
ATOM   350 C CA  . GLU A 1 45 ? -10.344 -5.504  8.672   1.00 25.56  ? 45  GLU A CA  1 
ATOM   351 C C   . GLU A 1 45 ? -10.846 -4.294  7.891   1.00 25.06  ? 45  GLU A C   1 
ATOM   352 O O   . GLU A 1 45 ? -10.451 -4.093  6.748   1.00 23.60  ? 45  GLU A O   1 
ATOM   353 C CB  . GLU A 1 45 ? -11.384 -6.627  8.642   1.00 27.16  ? 45  GLU A CB  1 
ATOM   354 C CG  . GLU A 1 45 ? -11.705 -7.130  7.242   1.00 28.72  ? 45  GLU A CG  1 
ATOM   355 C CD  . GLU A 1 45 ? -10.552 -7.881  6.591   1.00 30.55  ? 45  GLU A CD  1 
ATOM   356 O OE1 . GLU A 1 45 ? -9.676  -8.394  7.317   1.00 33.46  ? 45  GLU A OE1 1 
ATOM   357 O OE2 . GLU A 1 45 ? -10.526 -7.966  5.340   1.00 31.10  ? 45  GLU A OE2 1 
ATOM   358 N N   . ASP A 1 46 ? -11.694 -3.483  8.516   1.00 24.63  ? 46  ASP A N   1 
ATOM   359 C CA  . ASP A 1 46 ? -12.214 -2.284  7.868   1.00 25.64  ? 46  ASP A CA  1 
ATOM   360 C C   . ASP A 1 46 ? -11.093 -1.337  7.488   1.00 24.36  ? 46  ASP A C   1 
ATOM   361 O O   . ASP A 1 46 ? -11.097 -0.784  6.393   1.00 24.08  ? 46  ASP A O   1 
ATOM   362 C CB  . ASP A 1 46 ? -13.217 -1.558  8.771   1.00 26.94  ? 46  ASP A CB  1 
ATOM   363 C CG  . ASP A 1 46 ? -14.556 -2.259  8.834   1.00 29.11  ? 46  ASP A CG  1 
ATOM   364 O OD1 . ASP A 1 46 ? -14.881 -3.015  7.893   1.00 28.92  ? 46  ASP A OD1 1 
ATOM   365 O OD2 . ASP A 1 46 ? -15.297 -2.048  9.816   1.00 31.53  ? 46  ASP A OD2 1 
ATOM   366 N N   . GLN A 1 47 ? -10.132 -1.156  8.392   1.00 23.83  ? 47  GLN A N   1 
ATOM   367 C CA  . GLN A 1 47 ? -9.016  -0.255  8.135   1.00 23.98  ? 47  GLN A CA  1 
ATOM   368 C C   . GLN A 1 47 ? -8.152  -0.754  6.994   1.00 21.41  ? 47  GLN A C   1 
ATOM   369 O O   . GLN A 1 47 ? -7.745  0.026   6.133   1.00 22.15  ? 47  GLN A O   1 
ATOM   370 C CB  . GLN A 1 47 ? -8.163  -0.074  9.383   1.00 25.88  ? 47  GLN A CB  1 
ATOM   371 C CG  . GLN A 1 47 ? -8.847  0.779   10.436  1.00 27.52  ? 47  GLN A CG  1 
ATOM   372 C CD  . GLN A 1 47 ? -8.129  0.768   11.767  1.00 30.01  ? 47  GLN A CD  1 
ATOM   373 O OE1 . GLN A 1 47 ? -7.476  -0.208  12.120  1.00 30.41  ? 47  GLN A OE1 1 
ATOM   374 N NE2 . GLN A 1 47 ? -8.275  1.849   12.530  1.00 31.89  ? 47  GLN A NE2 1 
ATOM   375 N N   . TRP A 1 48 ? -7.862  -2.053  6.989   1.00 21.73  ? 48  TRP A N   1 
ATOM   376 C CA  . TRP A 1 48 ? -7.037  -2.641  5.941   1.00 21.17  ? 48  TRP A CA  1 
ATOM   377 C C   . TRP A 1 48 ? -7.714  -2.478  4.586   1.00 19.91  ? 48  TRP A C   1 
ATOM   378 O O   . TRP A 1 48 ? -7.089  -2.024  3.628   1.00 19.83  ? 48  TRP A O   1 
ATOM   379 C CB  . TRP A 1 48 ? -6.753  -4.112  6.252   1.00 22.45  ? 48  TRP A CB  1 
ATOM   380 C CG  . TRP A 1 48 ? -6.023  -4.866  5.177   1.00 22.66  ? 48  TRP A CG  1 
ATOM   381 C CD1 . TRP A 1 48 ? -6.475  -5.967  4.507   1.00 23.96  ? 48  TRP A CD1 1 
ATOM   382 C CD2 . TRP A 1 48 ? -4.708  -4.593  4.646   1.00 21.14  ? 48  TRP A CD2 1 
ATOM   383 N NE1 . TRP A 1 48 ? -5.538  -6.388  3.598   1.00 23.64  ? 48  TRP A NE1 1 
ATOM   384 C CE2 . TRP A 1 48 ? -4.444  -5.568  3.669   1.00 23.55  ? 48  TRP A CE2 1 
ATOM   385 C CE3 . TRP A 1 48 ? -3.733  -3.618  4.909   1.00 22.52  ? 48  TRP A CE3 1 
ATOM   386 C CZ2 . TRP A 1 48 ? -3.252  -5.597  2.946   1.00 23.46  ? 48  TRP A CZ2 1 
ATOM   387 C CZ3 . TRP A 1 48 ? -2.544  -3.657  4.187   1.00 23.99  ? 48  TRP A CZ3 1 
ATOM   388 C CH2 . TRP A 1 48 ? -2.321  -4.639  3.220   1.00 23.90  ? 48  TRP A CH2 1 
ATOM   389 N N   . LEU A 1 49 ? -8.998  -2.813  4.513   1.00 20.62  ? 49  LEU A N   1 
ATOM   390 C CA  . LEU A 1 49 ? -9.726  -2.701  3.255   1.00 20.79  ? 49  LEU A CA  1 
ATOM   391 C C   . LEU A 1 49 ? -9.867  -1.245  2.817   1.00 20.22  ? 49  LEU A C   1 
ATOM   392 O O   . LEU A 1 49 ? -9.813  -0.953  1.628   1.00 19.00  ? 49  LEU A O   1 
ATOM   393 C CB  . LEU A 1 49 ? -11.100 -3.365  3.369   1.00 22.75  ? 49  LEU A CB  1 
ATOM   394 C CG  . LEU A 1 49 ? -11.052 -4.869  3.648   1.00 24.15  ? 49  LEU A CG  1 
ATOM   395 C CD1 . LEU A 1 49 ? -12.444 -5.466  3.731   1.00 25.38  ? 49  LEU A CD1 1 
ATOM   396 C CD2 . LEU A 1 49 ? -10.239 -5.625  2.594   1.00 24.40  ? 49  LEU A CD2 1 
ATOM   397 N N   . ALA A 1 50 ? -10.020 -0.332  3.775   1.00 20.50  ? 50  ALA A N   1 
ATOM   398 C CA  . ALA A 1 50 ? -10.078 1.091   3.449   1.00 20.84  ? 50  ALA A CA  1 
ATOM   399 C C   . ALA A 1 50 ? -8.757  1.557   2.828   1.00 20.31  ? 50  ALA A C   1 
ATOM   400 O O   . ALA A 1 50 ? -8.750  2.317   1.860   1.00 20.97  ? 50  ALA A O   1 
ATOM   401 C CB  . ALA A 1 50 ? -10.404 1.910   4.682   1.00 23.66  ? 50  ALA A CB  1 
ATOM   402 N N   . LEU A 1 51 ? -7.641  1.081   3.372   1.00 19.87  ? 51  LEU A N   1 
ATOM   403 C CA  . LEU A 1 51 ? -6.331  1.436   2.846   1.00 19.49  ? 51  LEU A CA  1 
ATOM   404 C C   . LEU A 1 51 ? -6.136  0.863   1.451   1.00 18.65  ? 51  LEU A C   1 
ATOM   405 O O   . LEU A 1 51 ? -5.592  1.528   0.576   1.00 19.70  ? 51  LEU A O   1 
ATOM   406 C CB  . LEU A 1 51 ? -5.231  0.950   3.782   1.00 21.34  ? 51  LEU A CB  1 
ATOM   407 C CG  . LEU A 1 51 ? -5.116  1.786   5.059   1.00 24.65  ? 51  LEU A CG  1 
ATOM   408 C CD1 . LEU A 1 51 ? -4.157  1.112   6.031   1.00 27.41  ? 51  LEU A CD1 1 
ATOM   409 C CD2 . LEU A 1 51 ? -4.668  3.223   4.773   1.00 25.89  ? 51  LEU A CD2 1 
ATOM   410 N N   . ILE A 1 52 ? -6.568  -0.378  1.230   1.00 18.05  ? 52  ILE A N   1 
ATOM   411 C CA  . ILE A 1 52 ? -6.484  -0.929  -0.115  1.00 17.54  ? 52  ILE A CA  1 
ATOM   412 C C   . ILE A 1 52 ? -7.313  -0.083  -1.088  1.00 18.59  ? 52  ILE A C   1 
ATOM   413 O O   . ILE A 1 52 ? -6.849  0.262   -2.177  1.00 18.91  ? 52  ILE A O   1 
ATOM   414 C CB  . ILE A 1 52 ? -6.956  -2.379  -0.160  1.00 17.71  ? 52  ILE A CB  1 
ATOM   415 C CG1 . ILE A 1 52 ? -6.027  -3.246  0.690   1.00 19.39  ? 52  ILE A CG1 1 
ATOM   416 C CG2 . ILE A 1 52 ? -7.011  -2.878  -1.600  1.00 19.82  ? 52  ILE A CG2 1 
ATOM   417 C CD1 . ILE A 1 52 ? -6.453  -4.688  0.814   1.00 23.78  ? 52  ILE A CD1 1 
ATOM   418 N N   . ASP A 1 53 ? -8.523  0.264   -0.685  1.00 19.01  ? 53  ASP A N   1 
ATOM   419 C CA  . ASP A 1 53 ? -9.382  1.079   -1.510  1.00 21.34  ? 53  ASP A CA  1 
ATOM   420 C C   . ASP A 1 53 ? -8.683  2.395   -1.848  1.00 21.73  ? 53  ASP A C   1 
ATOM   421 O O   . ASP A 1 53 ? -8.640  2.808   -3.004  1.00 22.63  ? 53  ASP A O   1 
ATOM   422 C CB  . ASP A 1 53 ? -10.701 1.305   -0.763  1.00 23.00  ? 53  ASP A CB  1 
ATOM   423 C CG  . ASP A 1 53 ? -11.880 1.607   -1.678  1.00 28.19  ? 53  ASP A CG  1 
ATOM   424 O OD1 . ASP A 1 53 ? -11.792 1.455   -2.912  1.00 27.78  ? 53  ASP A OD1 1 
ATOM   425 O OD2 . ASP A 1 53 ? -12.935 1.946   -1.123  1.00 31.87  ? 53  ASP A OD2 1 
ATOM   426 N N   . GLU A 1 54 ? -8.090  3.033   -0.843  1.00 21.45  ? 54  GLU A N   1 
ATOM   427 C CA  . GLU A 1 54 ? -7.419  4.304   -1.076  1.00 21.54  ? 54  GLU A CA  1 
ATOM   428 C C   . GLU A 1 54 ? -6.221  4.133   -2.004  1.00 20.72  ? 54  GLU A C   1 
ATOM   429 O O   . GLU A 1 54 ? -5.946  5.008   -2.820  1.00 21.62  ? 54  GLU A O   1 
ATOM   430 C CB  . GLU A 1 54 ? -6.962  4.941   0.232   1.00 22.80  ? 54  GLU A CB  1 
ATOM   431 C CG  . GLU A 1 54 ? -6.403  6.344   0.029   1.00 23.33  ? 54  GLU A CG  1 
ATOM   432 C CD  . GLU A 1 54 ? -5.940  6.999   1.309   1.00 24.97  ? 54  GLU A CD  1 
ATOM   433 O OE1 . GLU A 1 54 ? -5.983  6.344   2.368   1.00 26.01  ? 54  GLU A OE1 1 
ATOM   434 O OE2 . GLU A 1 54 ? -5.512  8.171   1.247   1.00 26.38  ? 54  GLU A OE2 1 
ATOM   435 N N   . SER A 1 55 ? -5.507  3.014   -1.894  1.00 19.31  ? 55  SER A N   1 
ATOM   436 C CA  . SER A 1 55 ? -4.341  2.816   -2.749  1.00 19.57  ? 55  SER A CA  1 
ATOM   437 C C   . SER A 1 55 ? -4.749  2.789   -4.221  1.00 19.25  ? 55  SER A C   1 
ATOM   438 O O   . SER A 1 55 ? -4.005  3.255   -5.088  1.00 20.27  ? 55  SER A O   1 
ATOM   439 C CB  . SER A 1 55 ? -3.584  1.536   -2.370  1.00 19.08  ? 55  SER A CB  1 
ATOM   440 O OG  . SER A 1 55 ? -4.228  0.366   -2.841  1.00 19.67  ? 55  SER A OG  1 
ATOM   441 N N   . GLN A 1 56 ? -5.947  2.297   -4.506  1.00 19.41  ? 56  GLN A N   1 
ATOM   442 C CA  . GLN A 1 56 ? -6.382  2.203   -5.889  1.00 20.60  ? 56  GLN A CA  1 
ATOM   443 C C   . GLN A 1 56 ? -6.843  3.566   -6.415  1.00 20.78  ? 56  GLN A C   1 
ATOM   444 O O   . GLN A 1 56 ? -6.672  3.866   -7.597  1.00 21.88  ? 56  GLN A O   1 
ATOM   445 C CB  . GLN A 1 56 ? -7.469  1.137   -6.019  1.00 21.05  ? 56  GLN A CB  1 
ATOM   446 C CG  . GLN A 1 56 ? -6.941  -0.250  -5.652  1.00 21.85  ? 56  GLN A CG  1 
ATOM   447 C CD  . GLN A 1 56 ? -5.665  -0.589  -6.408  1.00 22.22  ? 56  GLN A CD  1 
ATOM   448 O OE1 . GLN A 1 56 ? -5.709  -0.857  -7.612  1.00 23.80  ? 56  GLN A OE1 1 
ATOM   449 N NE2 . GLN A 1 56 ? -4.520  -0.584  -5.710  1.00 22.50  ? 56  GLN A NE2 1 
ATOM   450 N N   . LYS A 1 57 ? -7.393  4.397   -5.536  1.00 21.53  ? 57  LYS A N   1 
ATOM   451 C CA  . LYS A 1 57 ? -7.676  5.795   -5.866  1.00 23.70  ? 57  LYS A CA  1 
ATOM   452 C C   . LYS A 1 57 ? -6.383  6.525   -6.221  1.00 23.53  ? 57  LYS A C   1 
ATOM   453 O O   . LYS A 1 57 ? -6.286  7.201   -7.247  1.00 24.54  ? 57  LYS A O   1 
ATOM   454 C CB  . LYS A 1 57 ? -8.373  6.489   -4.691  1.00 25.76  ? 57  LYS A CB  1 
ATOM   455 C CG  . LYS A 1 57 ? -8.703  7.965   -4.911  1.00 27.29  ? 57  LYS A CG  1 
ATOM   456 C CD  . LYS A 1 57 ? -9.292  8.584   -3.636  1.00 28.78  ? 57  LYS A CD  1 
ATOM   457 C CE  . LYS A 1 57 ? -9.621  10.060  -3.798  1.00 31.17  ? 57  LYS A CE  1 
ATOM   458 N NZ  . LYS A 1 57 ? -10.351 10.600  -2.617  1.00 32.86  ? 57  LYS A NZ  1 
ATOM   459 N N   . VAL A 1 58 ? -5.382  6.379   -5.362  1.00 23.17  ? 58  VAL A N   1 
ATOM   460 C CA  . VAL A 1 58 ? -4.093  7.018   -5.594  1.00 23.54  ? 58  VAL A CA  1 
ATOM   461 C C   . VAL A 1 58 ? -3.433  6.520   -6.887  1.00 22.01  ? 58  VAL A C   1 
ATOM   462 O O   . VAL A 1 58 ? -2.855  7.299   -7.632  1.00 23.80  ? 58  VAL A O   1 
ATOM   463 C CB  . VAL A 1 58 ? -3.153  6.792   -4.399  1.00 23.73  ? 58  VAL A CB  1 
ATOM   464 C CG1 . VAL A 1 58 ? -1.755  7.315   -4.703  1.00 24.36  ? 58  VAL A CG1 1 
ATOM   465 C CG2 . VAL A 1 58 ? -3.727  7.453   -3.153  1.00 24.70  ? 58  VAL A CG2 1 
ATOM   466 N N   . ARG A 1 59 ? -3.547  5.223   -7.159  1.00 20.93  ? 59  ARG A N   1 
ATOM   467 C CA  . ARG A 1 59 ? -3.031  4.657   -8.404  1.00 21.32  ? 59  ARG A CA  1 
ATOM   468 C C   . ARG A 1 59 ? -3.637  5.342   -9.626  1.00 23.89  ? 59  ARG A C   1 
ATOM   469 O O   . ARG A 1 59 ? -2.927  5.777   -10.536 1.00 23.89  ? 59  ARG A O   1 
ATOM   470 C CB  . ARG A 1 59 ? -3.317  3.155   -8.441  1.00 21.36  ? 59  ARG A CB  1 
ATOM   471 C CG  . ARG A 1 59 ? -2.745  2.419   -9.639  1.00 20.36  ? 59  ARG A CG  1 
ATOM   472 C CD  . ARG A 1 59 ? -3.288  0.987   -9.728  1.00 20.06  ? 59  ARG A CD  1 
ATOM   473 N NE  . ARG A 1 59 ? -2.721  0.284   -10.869 1.00 20.97  ? 59  ARG A NE  1 
ATOM   474 C CZ  . ARG A 1 59 ? -1.569  -0.377  -10.835 1.00 20.06  ? 59  ARG A CZ  1 
ATOM   475 N NH1 . ARG A 1 59 ? -0.865  -0.440  -9.711  1.00 19.95  ? 59  ARG A NH1 1 
ATOM   476 N NH2 . ARG A 1 59 ? -1.115  -0.953  -11.934 1.00 22.52  ? 59  ARG A NH2 1 
ATOM   477 N N   . ARG A 1 60 ? -4.960  5.455   -9.621  1.00 26.12  ? 60  ARG A N   1 
ATOM   478 C CA  . ARG A 1 60 ? -5.680  6.155   -10.682 1.00 28.79  ? 60  ARG A CA  1 
ATOM   479 C C   . ARG A 1 60 ? -5.249  7.615   -10.771 1.00 30.29  ? 60  ARG A C   1 
ATOM   480 O O   . ARG A 1 60 ? -5.006  8.121   -11.868 1.00 32.78  ? 60  ARG A O   1 
ATOM   481 C CB  . ARG A 1 60 ? -7.192  6.046   -10.453 1.00 31.50  ? 60  ARG A CB  1 
ATOM   482 C CG  . ARG A 1 60 ? -7.755  4.706   -10.910 1.00 35.66  ? 60  ARG A CG  1 
ATOM   483 C CD  . ARG A 1 60 ? -9.047  4.322   -10.192 1.00 38.53  ? 60  ARG A CD  1 
ATOM   484 N NE  . ARG A 1 60 ? -10.163 5.208   -10.513 1.00 40.09  ? 60  ARG A NE  1 
ATOM   485 C CZ  . ARG A 1 60 ? -11.435 4.937   -10.233 1.00 40.92  ? 60  ARG A CZ  1 
ATOM   486 N NH1 . ARG A 1 60 ? -12.384 5.795   -10.559 1.00 40.93  ? 60  ARG A NH1 1 
ATOM   487 N NH2 . ARG A 1 60 ? -11.760 3.796   -9.639  1.00 41.76  ? 60  ARG A NH2 1 
ATOM   488 N N   . GLU A 1 61 ? -5.137  8.276   -9.617  1.00 30.12  ? 61  GLU A N   1 
ATOM   489 C CA  . GLU A 1 61 ? -4.680  9.665   -9.563  1.00 32.56  ? 61  GLU A CA  1 
ATOM   490 C C   . GLU A 1 61 ? -3.324  9.811   -10.254 1.00 33.59  ? 61  GLU A C   1 
ATOM   491 O O   . GLU A 1 61 ? -3.098  10.764  -11.000 1.00 34.89  ? 61  GLU A O   1 
ATOM   492 C CB  . GLU A 1 61 ? -4.589  10.167  -8.109  1.00 33.54  ? 61  GLU A CB  1 
ATOM   493 C CG  . GLU A 1 61 ? -5.941  10.370  -7.418  1.00 37.10  ? 61  GLU A CG  1 
ATOM   494 C CD  . GLU A 1 61 ? -5.841  10.902  -5.995  1.00 40.52  ? 61  GLU A CD  1 
ATOM   495 O OE1 . GLU A 1 61 ? -5.032  10.386  -5.199  1.00 41.14  ? 61  GLU A OE1 1 
ATOM   496 O OE2 . GLU A 1 61 ? -6.593  11.846  -5.666  1.00 43.90  ? 61  GLU A OE2 1 
ATOM   497 N N   . GLN A 1 62 ? -2.427  8.857   -10.026 1.00 31.37  ? 62  GLN A N   1 
ATOM   498 C CA  . GLN A 1 62 ? -1.092  8.951   -10.601 1.00 30.74  ? 62  GLN A CA  1 
ATOM   499 C C   . GLN A 1 62 ? -1.120  8.822   -12.117 1.00 30.83  ? 62  GLN A C   1 
ATOM   500 O O   . GLN A 1 62 ? -0.491  9.616   -12.817 1.00 32.79  ? 62  GLN A O   1 
ATOM   501 C CB  . GLN A 1 62 ? -0.173  7.890   -10.003 1.00 28.76  ? 62  GLN A CB  1 
ATOM   502 C CG  . GLN A 1 62 ? 1.234   7.979   -10.568 1.00 28.84  ? 62  GLN A CG  1 
ATOM   503 C CD  . GLN A 1 62 ? 2.217   7.111   -9.830  1.00 30.32  ? 62  GLN A CD  1 
ATOM   504 O OE1 . GLN A 1 62 ? 2.295   7.146   -8.603  1.00 32.51  ? 62  GLN A OE1 1 
ATOM   505 N NE2 . GLN A 1 62 ? 2.976   6.319   -10.572 1.00 30.57  ? 62  GLN A NE2 1 
ATOM   506 N N   . PHE A 1 63 ? -1.828  7.822   -12.629 1.00 30.96  ? 63  PHE A N   1 
ATOM   507 C CA  . PHE A 1 63 ? -1.883  7.605   -14.071 1.00 32.68  ? 63  PHE A CA  1 
ATOM   508 C C   . PHE A 1 63 ? -2.471  8.819   -14.771 1.00 34.58  ? 63  PHE A C   1 
ATOM   509 O O   . PHE A 1 63 ? -1.959  9.268   -15.794 1.00 35.52  ? 63  PHE A O   1 
ATOM   510 C CB  . PHE A 1 63 ? -2.703  6.364   -14.412 1.00 31.76  ? 63  PHE A CB  1 
ATOM   511 C CG  . PHE A 1 63 ? -2.058  5.076   -14.003 1.00 30.92  ? 63  PHE A CG  1 
ATOM   512 C CD1 . PHE A 1 63 ? -0.694  4.999   -13.802 1.00 30.79  ? 63  PHE A CD1 1 
ATOM   513 C CD2 . PHE A 1 63 ? -2.823  3.940   -13.817 1.00 32.07  ? 63  PHE A CD2 1 
ATOM   514 C CE1 . PHE A 1 63 ? -0.103  3.804   -13.423 1.00 30.91  ? 63  PHE A CE1 1 
ATOM   515 C CE2 . PHE A 1 63 ? -2.246  2.753   -13.439 1.00 32.14  ? 63  PHE A CE2 1 
ATOM   516 C CZ  . PHE A 1 63 ? -0.883  2.682   -13.243 1.00 31.72  ? 63  PHE A CZ  1 
ATOM   517 N N   . GLU A 1 64 ? -3.543  9.355   -14.198 1.00 35.51  ? 64  GLU A N   1 
ATOM   518 C CA  . GLU A 1 64 ? -4.227  10.504  -14.769 1.00 36.95  ? 64  GLU A CA  1 
ATOM   519 C C   . GLU A 1 64 ? -3.401  11.788  -14.681 1.00 40.27  ? 64  GLU A C   1 
ATOM   520 O O   . GLU A 1 64 ? -3.317  12.539  -15.654 1.00 42.02  ? 64  GLU A O   1 
ATOM   521 C CB  . GLU A 1 64 ? -5.584  10.671  -14.077 1.00 35.87  ? 64  GLU A CB  1 
ATOM   522 C CG  . GLU A 1 64 ? -6.535  9.557   -14.452 1.00 35.13  ? 64  GLU A CG  1 
ATOM   523 C CD  . GLU A 1 64 ? -7.651  9.328   -13.455 1.00 34.35  ? 64  GLU A CD  1 
ATOM   524 O OE1 . GLU A 1 64 ? -7.732  10.047  -12.435 1.00 32.56  ? 64  GLU A OE1 1 
ATOM   525 O OE2 . GLU A 1 64 ? -8.421  8.384   -13.696 1.00 35.13  ? 64  GLU A OE2 1 
ATOM   526 N N   . SER A 1 65 ? -2.782  12.042  -13.531 1.00 44.21  ? 65  SER A N   1 
ATOM   527 C CA  . SER A 1 65 ? -2.086  13.311  -13.324 1.00 48.60  ? 65  SER A CA  1 
ATOM   528 C C   . SER A 1 65 ? -0.770  13.376  -14.092 1.00 52.05  ? 65  SER A C   1 
ATOM   529 O O   . SER A 1 65 ? -0.237  14.458  -14.332 1.00 50.70  ? 65  SER A O   1 
ATOM   530 C CB  . SER A 1 65 ? -1.819  13.552  -11.837 1.00 49.82  ? 65  SER A CB  1 
ATOM   531 O OG  . SER A 1 65 ? -0.921  12.588  -11.312 1.00 50.31  ? 65  SER A OG  1 
ATOM   532 N N   . ASP A 1 66 ? -0.246  12.218  -14.476 1.00 56.90  ? 66  ASP A N   1 
ATOM   533 C CA  . ASP A 1 66 ? 1.019   12.169  -15.201 1.00 63.06  ? 66  ASP A CA  1 
ATOM   534 C C   . ASP A 1 66 ? 0.882   12.639  -16.644 1.00 72.27  ? 66  ASP A C   1 
ATOM   535 O O   . ASP A 1 66 ? 1.862   13.065  -17.254 1.00 72.06  ? 66  ASP A O   1 
ATOM   536 C CB  . ASP A 1 66 ? 1.581   10.753  -15.165 1.00 60.68  ? 66  ASP A CB  1 
ATOM   537 C CG  . ASP A 1 66 ? 2.226   10.415  -13.836 1.00 59.43  ? 66  ASP A CG  1 
ATOM   538 O OD1 . ASP A 1 66 ? 2.183   11.257  -12.915 1.00 60.34  ? 66  ASP A OD1 1 
ATOM   539 O OD2 . ASP A 1 66 ? 2.734   9.286   -13.694 1.00 58.60  ? 66  ASP A OD2 1 
ATOM   540 N N   . GLU A 1 67 ? -0.331  12.563  -17.181 1.00 81.55  ? 67  GLU A N   1 
ATOM   541 C CA  . GLU A 1 67 ? -0.589  12.995  -18.552 1.00 91.43  ? 67  GLU A CA  1 
ATOM   542 C C   . GLU A 1 67 ? -0.229  14.464  -18.747 1.00 87.29  ? 67  GLU A C   1 
ATOM   543 O O   . GLU A 1 67 ? 0.231   14.865  -19.816 1.00 86.81  ? 67  GLU A O   1 
ATOM   544 C CB  . GLU A 1 67 ? -2.053  12.760  -18.921 1.00 105.63 ? 67  GLU A CB  1 
ATOM   545 C CG  . GLU A 1 67 ? -2.532  11.338  -18.692 1.00 64.44  ? 67  GLU A CG  1 
ATOM   546 C CD  . GLU A 1 67 ? -3.977  11.144  -19.101 1.00 146.82 ? 67  GLU A CD  1 
ATOM   547 O OE1 . GLU A 1 67 ? -4.420  11.825  -20.048 1.00 64.76  ? 67  GLU A OE1 1 
ATOM   548 O OE2 . GLU A 1 67 ? -4.670  10.315  -18.476 1.00 141.49 ? 67  GLU A OE2 1 
ATOM   549 N N   . ALA A 1 68 ? -0.438  15.259  -17.704 1.00 84.07  ? 68  ALA A N   1 
ATOM   550 C CA  . ALA A 1 68 ? -0.082  16.671  -17.732 1.00 81.31  ? 68  ALA A CA  1 
ATOM   551 C C   . ALA A 1 68 ? 1.240   16.912  -17.009 1.00 79.79  ? 68  ALA A C   1 
ATOM   552 O O   . ALA A 1 68 ? 2.054   15.999  -16.861 1.00 78.69  ? 68  ALA A O   1 
ATOM   553 C CB  . ALA A 1 68 ? -1.188  17.509  -17.112 1.00 80.46  ? 68  ALA A CB  1 
HETATM 554 O O   . HOH B 2 .  ? -1.242  -8.449  9.061   1.00 34.30  ? 101 HOH A O   1 
HETATM 555 O O   . HOH B 2 .  ? -7.548  -1.304  -8.982  1.00 56.60  ? 102 HOH A O   1 
HETATM 556 O O   . HOH B 2 .  ? 8.621   -6.921  6.830   1.00 48.73  ? 103 HOH A O   1 
HETATM 557 O O   . HOH B 2 .  ? 2.513   -8.930  11.402  1.00 34.55  ? 104 HOH A O   1 
HETATM 558 O O   . HOH B 2 .  ? -2.778  11.392  -5.436  1.00 84.89  ? 105 HOH A O   1 
HETATM 559 O O   . HOH B 2 .  ? 16.825  -7.010  5.662   1.00 36.70  ? 106 HOH A O   1 
HETATM 560 O O   . HOH B 2 .  ? 2.388   -12.321 -7.651  1.00 43.77  ? 107 HOH A O   1 
HETATM 561 O O   . HOH B 2 .  ? -1.989  -7.505  -12.038 1.00 51.87  ? 108 HOH A O   1 
HETATM 562 O O   . HOH B 2 .  ? -3.080  -3.206  -9.485  1.00 29.77  ? 109 HOH A O   1 
HETATM 563 O O   . HOH B 2 .  ? -7.166  -1.114  14.487  1.00 65.22  ? 110 HOH A O   1 
HETATM 564 O O   . HOH B 2 .  ? -0.174  -12.827 -2.619  0.50 29.42  ? 111 HOH A O   1 
HETATM 565 O O   . HOH B 2 .  ? 2.021   7.865   -15.731 0.50 69.98  ? 112 HOH A O   1 
HETATM 566 O O   . HOH B 2 .  ? 2.562   15.949  -14.325 1.00 50.89  ? 113 HOH A O   1 
HETATM 567 O O   . HOH B 2 .  ? 11.589  0.061   3.054   1.00 32.09  ? 114 HOH A O   1 
HETATM 568 O O   . HOH B 2 .  ? 14.537  -4.990  8.391   1.00 31.04  ? 115 HOH A O   1 
HETATM 569 O O   . HOH B 2 .  ? 6.479   2.666   -8.598  1.00 53.23  ? 116 HOH A O   1 
HETATM 570 O O   . HOH B 2 .  ? 1.349   9.204   -7.209  1.00 43.64  ? 117 HOH A O   1 
HETATM 571 O O   . HOH B 2 .  ? -13.965 2.185   -4.280  1.00 29.91  ? 118 HOH A O   1 
HETATM 572 O O   . HOH B 2 .  ? 1.324   -0.446  13.783  1.00 31.89  ? 119 HOH A O   1 
HETATM 573 O O   . HOH B 2 .  ? -11.897 -0.061  12.387  1.00 29.18  ? 120 HOH A O   1 
HETATM 574 O O   . HOH B 2 .  ? 5.061   9.456   6.209   1.00 61.14  ? 121 HOH A O   1 
HETATM 575 O O   . HOH B 2 .  ? 11.454  -6.473  7.200   1.00 39.67  ? 122 HOH A O   1 
HETATM 576 O O   . HOH B 2 .  ? 0.945   -4.565  -13.432 1.00 33.28  ? 123 HOH A O   1 
HETATM 577 O O   . HOH B 2 .  ? -8.326  -9.227  4.320   1.00 43.09  ? 124 HOH A O   1 
HETATM 578 O O   . HOH B 2 .  ? 5.328   1.910   5.183   1.00 27.32  ? 125 HOH A O   1 
HETATM 579 O O   . HOH B 2 .  ? -7.711  5.060   4.077   1.00 31.80  ? 126 HOH A O   1 
HETATM 580 O O   . HOH B 2 .  ? 1.776   -9.005  -5.701  1.00 23.35  ? 127 HOH A O   1 
HETATM 581 O O   . HOH B 2 .  ? -5.884  10.514  -2.576  1.00 51.58  ? 128 HOH A O   1 
HETATM 582 O O   . HOH B 2 .  ? 4.882   2.191   7.816   1.00 31.48  ? 129 HOH A O   1 
HETATM 583 O O   . HOH B 2 .  ? -17.948 -2.379  9.085   1.00 27.65  ? 130 HOH A O   1 
HETATM 584 O O   . HOH B 2 .  ? -4.010  -13.978 -11.416 1.00 33.24  ? 131 HOH A O   1 
HETATM 585 O O   . HOH B 2 .  ? -2.370  -10.704 3.068   1.00 20.49  ? 132 HOH A O   1 
HETATM 586 O O   . HOH B 2 .  ? -3.234  -16.142 -7.305  1.00 27.94  ? 133 HOH A O   1 
HETATM 587 O O   . HOH B 2 .  ? -4.002  -0.322  -13.269 1.00 36.59  ? 134 HOH A O   1 
HETATM 588 O O   . HOH B 2 .  ? 5.540   6.922   9.998   1.00 48.31  ? 135 HOH A O   1 
HETATM 589 O O   . HOH B 2 .  ? -6.655  -8.777  -3.105  1.00 31.29  ? 136 HOH A O   1 
HETATM 590 O O   . HOH B 2 .  ? -6.036  14.611  -5.939  1.00 75.82  ? 137 HOH A O   1 
HETATM 591 O O   . HOH B 2 .  ? -1.573  9.815   -7.327  1.00 34.37  ? 138 HOH A O   1 
HETATM 592 O O   . HOH B 2 .  ? -15.595 -2.190  5.246   1.00 49.61  ? 139 HOH A O   1 
HETATM 593 O O   . HOH B 2 .  ? 3.487   8.994   3.334   1.00 42.41  ? 140 HOH A O   1 
HETATM 594 O O   . HOH B 2 .  ? 2.355   10.340  10.195  1.00 39.54  ? 141 HOH A O   1 
HETATM 595 O O   . HOH B 2 .  ? -13.428 -0.311  4.747   1.00 30.75  ? 142 HOH A O   1 
HETATM 596 O O   . HOH B 2 .  ? 6.304   4.779   -0.679  1.00 44.44  ? 143 HOH A O   1 
HETATM 597 O O   . HOH B 2 .  ? 4.127   3.828   14.901  1.00 37.41  ? 144 HOH A O   1 
HETATM 598 O O   . HOH B 2 .  ? 0.975   6.678   -1.109  1.00 38.77  ? 145 HOH A O   1 
HETATM 599 O O   . HOH B 2 .  ? -2.287  11.375  2.025   1.00 43.53  ? 146 HOH A O   1 
HETATM 600 O O   . HOH B 2 .  ? -10.707 4.351   1.117   1.00 29.02  ? 147 HOH A O   1 
HETATM 601 O O   . HOH B 2 .  ? 5.476   -4.802  -10.582 1.00 35.71  ? 148 HOH A O   1 
HETATM 602 O O   . HOH B 2 .  ? 16.563  0.821   3.458   1.00 27.24  ? 149 HOH A O   1 
HETATM 603 O O   . HOH B 2 .  ? 3.857   -5.526  16.899  1.00 63.35  ? 150 HOH A O   1 
HETATM 604 O O   . HOH B 2 .  ? 9.857   1.146   4.960   1.00 45.81  ? 151 HOH A O   1 
HETATM 605 O O   . HOH B 2 .  ? 3.153   -3.180  16.841  1.00 63.85  ? 152 HOH A O   1 
HETATM 606 O O   . HOH B 2 .  ? -10.258 13.476  -3.288  1.00 53.03  ? 153 HOH A O   1 
HETATM 607 O O   . HOH B 2 .  ? -16.176 0.121   11.628  1.00 46.58  ? 154 HOH A O   1 
HETATM 608 O O   . HOH B 2 .  ? 18.112  3.165   7.409   1.00 39.37  ? 155 HOH A O   1 
HETATM 609 O O   . HOH B 2 .  ? 6.659   -9.761  9.177   1.00 37.82  ? 156 HOH A O   1 
HETATM 610 O O   . HOH B 2 .  ? 4.468   6.232   -6.755  1.00 45.94  ? 157 HOH A O   1 
HETATM 611 O O   . HOH B 2 .  ? -6.976  1.700   -9.671  1.00 69.33  ? 158 HOH A O   1 
HETATM 612 O O   . HOH B 2 .  ? -6.740  -7.833  -0.506  0.50 37.74  ? 159 HOH A O   1 
HETATM 613 O O   . HOH B 2 .  ? 2.142   12.149  -9.987  1.00 42.25  ? 160 HOH A O   1 
HETATM 614 O O   . HOH B 2 .  ? 8.116   -3.198  12.761  1.00 37.61  ? 161 HOH A O   1 
HETATM 615 O O   . HOH B 2 .  ? -13.249 -3.910  11.127  1.00 35.43  ? 162 HOH A O   1 
HETATM 616 O O   . HOH B 2 .  ? -7.893  9.922   0.378   1.00 40.32  ? 163 HOH A O   1 
HETATM 617 O O   . HOH B 2 .  ? -14.088 -1.474  12.610  1.00 37.80  ? 164 HOH A O   1 
HETATM 618 O O   . HOH B 2 .  ? 10.271  1.785   7.957   1.00 43.54  ? 165 HOH A O   1 
HETATM 619 O O   . HOH B 2 .  ? -11.644 -6.336  12.498  1.00 42.90  ? 166 HOH A O   1 
HETATM 620 O O   . HOH B 2 .  ? -6.952  -6.448  -2.857  1.00 55.24  ? 167 HOH A O   1 
HETATM 621 O O   . HOH B 2 .  ? 4.549   -8.524  -6.116  1.00 43.75  ? 168 HOH A O   1 
HETATM 622 O O   . HOH B 2 .  ? -5.903  3.492   9.701   1.00 48.82  ? 169 HOH A O   1 
HETATM 623 O O   . HOH B 2 .  ? -13.449 0.312   1.922   1.00 40.38  ? 170 HOH A O   1 
HETATM 624 O O   . HOH B 2 .  ? -3.560  0.993   13.922  1.00 58.64  ? 171 HOH A O   1 
HETATM 625 O O   . HOH B 2 .  ? -1.036  8.302   12.560  1.00 41.01  ? 172 HOH A O   1 
HETATM 626 O O   . HOH B 2 .  ? 6.706   5.195   1.923   1.00 46.13  ? 173 HOH A O   1 
HETATM 627 O O   . HOH B 2 .  ? 0.708   12.037  9.008   1.00 32.83  ? 174 HOH A O   1 
HETATM 628 O O   . HOH B 2 .  ? -7.341  3.279   7.506   1.00 44.74  ? 175 HOH A O   1 
HETATM 629 O O   . HOH B 2 .  ? -6.442  -7.388  9.141   1.00 41.68  ? 176 HOH A O   1 
HETATM 630 O O   . HOH B 2 .  ? -11.758 2.259   8.200   1.00 33.15  ? 177 HOH A O   1 
HETATM 631 O O   . HOH B 2 .  ? -8.824  -9.282  -7.879  1.00 42.84  ? 178 HOH A O   1 
HETATM 632 O O   . HOH B 2 .  ? -4.230  -2.989  -11.399 1.00 39.33  ? 179 HOH A O   1 
HETATM 633 O O   . HOH B 2 .  ? -4.650  -7.087  7.811   1.00 40.73  ? 180 HOH A O   1 
HETATM 634 O O   . HOH B 2 .  ? 3.954   -14.483 -1.569  1.00 55.08  ? 181 HOH A O   1 
HETATM 635 O O   . HOH B 2 .  ? -4.545  2.903   11.957  1.00 56.78  ? 182 HOH A O   1 
HETATM 636 O O   . HOH B 2 .  ? -13.902 1.952   6.303   1.00 30.05  ? 183 HOH A O   1 
HETATM 637 O O   . HOH B 2 .  ? 1.793   8.705   -5.023  1.00 57.26  ? 184 HOH A O   1 
HETATM 638 O O   . HOH B 2 .  ? 6.641   3.074   9.154   1.00 45.86  ? 185 HOH A O   1 
HETATM 639 O O   . HOH B 2 .  ? -5.193  -4.687  -5.251  1.00 47.74  ? 186 HOH A O   1 
HETATM 640 O O   . HOH B 2 .  ? -9.718  8.219   1.115   1.00 49.24  ? 187 HOH A O   1 
HETATM 641 O O   . HOH B 2 .  ? 9.753   1.451   12.404  1.00 47.65  ? 188 HOH A O   1 
HETATM 642 O O   . HOH B 2 .  ? -15.221 2.159   10.460  1.00 37.09  ? 189 HOH A O   1 
HETATM 643 O O   . HOH B 2 .  ? 3.188   7.060   -3.513  1.00 55.05  ? 190 HOH A O   1 
HETATM 644 O O   . HOH B 2 .  ? -16.034 1.875   8.008   1.00 45.27  ? 191 HOH A O   1 
HETATM 645 O O   . HOH B 2 .  ? 8.342   3.988   3.020   1.00 52.72  ? 192 HOH A O   1 
HETATM 646 O O   . HOH B 2 .  ? 7.994   2.603   5.013   1.00 36.51  ? 193 HOH A O   1 
HETATM 647 O O   . HOH B 2 .  ? 6.255   4.836   13.481  1.00 45.66  ? 194 HOH A O   1 
HETATM 648 O O   . HOH B 2 .  ? -3.875  -4.067  -13.598 1.00 48.63  ? 195 HOH A O   1 
HETATM 649 O O   . HOH B 2 .  ? 18.064  6.053   7.742   1.00 39.00  ? 196 HOH A O   1 
HETATM 650 O O   . HOH B 2 .  ? -4.076  -12.841 10.412  1.00 53.12  ? 197 HOH A O   1 
HETATM 651 O O   . HOH B 2 .  ? 0.063   6.048   15.906  1.00 30.71  ? 198 HOH A O   1 
HETATM 652 O O   . HOH B 2 .  ? 0.186   -15.443 -10.017 1.00 57.45  ? 199 HOH A O   1 
HETATM 653 O O   . HOH B 2 .  ? 5.779   -12.019 -0.177  1.00 45.06  ? 200 HOH A O   1 
HETATM 654 O O   . HOH B 2 .  ? 1.736   -15.266 -8.131  1.00 57.76  ? 201 HOH A O   1 
HETATM 655 O O   . HOH B 2 .  ? -4.208  -15.394 -13.823 1.00 52.26  ? 202 HOH A O   1 
HETATM 656 O O   . HOH B 2 .  ? 8.938   -10.062 10.498  1.00 57.91  ? 203 HOH A O   1 
HETATM 657 O O   . HOH B 2 .  ? 4.113   -11.973 -10.137 1.00 60.19  ? 204 HOH A O   1 
HETATM 658 O O   . HOH B 2 .  ? 5.827   9.112   11.883  1.00 46.38  ? 205 HOH A O   1 
HETATM 659 O O   . HOH B 2 .  ? 4.946   2.219   16.919  1.00 45.82  ? 206 HOH A O   1 
HETATM 660 O O   . HOH B 2 .  ? -7.207  -3.745  -12.006 1.00 75.64  ? 207 HOH A O   1 
HETATM 661 O O   . HOH B 2 .  ? 7.635   -11.592 12.149  1.00 59.19  ? 208 HOH A O   1 
HETATM 662 O O   . HOH B 2 .  ? 6.416   7.523   14.408  1.00 42.74  ? 209 HOH A O   1 
HETATM 663 O O   . HOH B 2 .  ? 8.499   3.506   14.150  1.00 52.21  ? 210 HOH A O   1 
# 
loop_
_atom_site_anisotrop.id 
_atom_site_anisotrop.type_symbol 
_atom_site_anisotrop.pdbx_label_atom_id 
_atom_site_anisotrop.pdbx_label_alt_id 
_atom_site_anisotrop.pdbx_label_comp_id 
_atom_site_anisotrop.pdbx_label_asym_id 
_atom_site_anisotrop.pdbx_label_seq_id 
_atom_site_anisotrop.pdbx_PDB_ins_code 
_atom_site_anisotrop.U[1][1] 
_atom_site_anisotrop.U[2][2] 
_atom_site_anisotrop.U[3][3] 
_atom_site_anisotrop.U[1][2] 
_atom_site_anisotrop.U[1][3] 
_atom_site_anisotrop.U[2][3] 
_atom_site_anisotrop.pdbx_auth_seq_id 
_atom_site_anisotrop.pdbx_auth_comp_id 
_atom_site_anisotrop.pdbx_auth_asym_id 
_atom_site_anisotrop.pdbx_auth_atom_id 
1   N N   . MET A 1  ? 0.2859 0.4043 0.3122 0.0296  -0.0133 -0.0648 1  MET A N   
2   C CA  . MET A 1  ? 0.2592 0.4490 0.2652 0.0338  -0.0160 -0.0803 1  MET A CA  
3   C C   . MET A 1  ? 0.2413 0.4638 0.2940 0.0375  -0.0104 -0.0818 1  MET A C   
4   O O   . MET A 1  ? 0.2375 0.4381 0.3002 0.0445  0.0009  -0.0815 1  MET A O   
5   C CB  . MET A 1  ? 0.2520 0.4720 0.2649 0.0204  0.0141  -0.0867 1  MET A CB  
6   C CG  . MET A 1  ? 0.2799 0.5186 0.3112 0.0485  0.0256  -0.0675 1  MET A CG  
7   S SD  . MET A 1  ? 0.3301 0.5408 0.3613 0.0745  0.0281  -0.0627 1  MET A SD  
8   C CE  . MET A 1  ? 0.3551 0.5065 0.3011 0.1125  0.0261  -0.0776 1  MET A CE  
9   N N   . LYS A 2  ? 0.2797 0.4921 0.2995 0.0519  -0.0433 -0.0896 2  LYS A N   
10  C CA  . LYS A 2  ? 0.2857 0.5349 0.3009 0.0571  -0.0369 -0.1057 2  LYS A CA  
11  C C   . LYS A 2  ? 0.2645 0.4967 0.2961 0.0250  0.0041  -0.1185 2  LYS A C   
12  O O   . LYS A 2  ? 0.3160 0.4414 0.3421 0.0014  0.0222  -0.1433 2  LYS A O   
13  C CB  . LYS A 2  ? 0.3331 0.5992 0.3587 0.1029  -0.0717 -0.1076 2  LYS A CB  
14  C CG  . LYS A 2  ? 0.4065 0.6444 0.4448 0.1397  -0.0742 -0.1025 2  LYS A CG  
15  C CD  . LYS A 2  ? 0.4909 0.6859 0.5083 0.1625  -0.0536 -0.1113 2  LYS A CD  
16  C CE  . LYS A 2  ? 0.5308 0.7178 0.5516 0.1765  -0.0386 -0.1163 2  LYS A CE  
17  N NZ  . LYS A 2  ? 0.5511 0.7422 0.5823 0.1824  -0.0273 -0.1098 2  LYS A NZ  
18  N N   . ILE A 3  ? 0.2088 0.4665 0.3072 0.0064  0.0221  -0.0953 3  ILE A N   
19  C CA  . ILE A 3  ? 0.2348 0.4982 0.2845 0.0384  0.0106  -0.1239 3  ILE A CA  
20  C C   . ILE A 3  ? 0.2138 0.5134 0.2689 0.0147  0.0321  -0.1475 3  ILE A C   
21  O O   . ILE A 3  ? 0.2547 0.5150 0.3272 -0.0017 0.0420  -0.1348 3  ILE A O   
22  C CB  . ILE A 3  ? 0.2599 0.5145 0.3043 0.0779  0.0061  -0.1274 3  ILE A CB  
23  C CG1 . ILE A 3  ? 0.2523 0.5213 0.2983 0.0947  -0.0069 -0.1276 3  ILE A CG1 
24  C CG2 . ILE A 3  ? 0.2893 0.5292 0.3347 0.0927  0.0204  -0.1184 3  ILE A CG2 
25  C CD1 . ILE A 3  ? 0.2762 0.5252 0.2769 0.1214  -0.0255 -0.1223 3  ILE A CD1 
26  N N   . THR A 4  ? 0.2008 0.5344 0.3005 0.0231  0.0190  -0.1522 4  THR A N   
27  C CA  . THR A 4  ? 0.1861 0.5312 0.3334 0.0231  0.0281  -0.1426 4  THR A CA  
28  C C   . THR A 4  ? 0.1679 0.5175 0.3705 0.0288  0.0288  -0.1471 4  THR A C   
29  O O   . THR A 4  ? 0.1844 0.4746 0.3652 0.0382  0.0194  -0.1460 4  THR A O   
30  C CB  . THR A 4  ? 0.1976 0.5338 0.3558 0.0183  0.0215  -0.1349 4  THR A CB  
31  O OG1 . THR A 4  ? 0.2350 0.5047 0.3609 0.0317  0.0094  -0.1407 4  THR A OG1 
32  C CG2 . THR A 4  ? 0.2197 0.5394 0.4018 0.0038  0.0186  -0.1208 4  THR A CG2 
33  N N   . ASN A 5  ? 0.1797 0.5102 0.3848 0.0298  0.0378  -0.1728 5  ASN A N   
34  C CA  . ASN A 5  ? 0.2077 0.5297 0.4155 0.0297  0.0449  -0.1713 5  ASN A CA  
35  C C   . ASN A 5  ? 0.2013 0.5258 0.3593 0.0576  0.0320  -0.1433 5  ASN A C   
36  O O   . ASN A 5  ? 0.2377 0.4985 0.4103 0.0606  0.0290  -0.0994 5  ASN A O   
37  C CB  . ASN A 5  ? 0.2168 0.5749 0.4667 0.0058  0.0333  -0.1890 5  ASN A CB  
38  C CG  . ASN A 5  ? 0.2819 0.6188 0.4996 0.0116  0.0219  -0.2029 5  ASN A CG  
39  O OD1 . ASN A 5  ? 0.3136 0.6171 0.5109 0.0195  -0.0011 -0.2119 5  ASN A OD1 
40  N ND2 . ASN A 5  ? 0.3303 0.6408 0.5286 0.0200  0.0152  -0.2042 5  ASN A ND2 
41  N N   . ASP A 6  ? 0.1809 0.5216 0.2988 0.0768  -0.0038 -0.1337 6  ASP A N   
42  C CA  . ASP A 6  ? 0.1870 0.5402 0.3113 0.0881  -0.0057 -0.1458 6  ASP A CA  
43  C C   . ASP A 6  ? 0.2003 0.5309 0.2938 0.0683  -0.0068 -0.1558 6  ASP A C   
44  O O   . ASP A 6  ? 0.2368 0.5489 0.3437 0.0837  0.0043  -0.1619 6  ASP A O   
45  C CB  . ASP A 6  ? 0.2344 0.5463 0.3639 0.1099  -0.0042 -0.1535 6  ASP A CB  
46  C CG  . ASP A 6  ? 0.2690 0.5575 0.4096 0.1241  -0.0123 -0.1487 6  ASP A CG  
47  O OD1 . ASP A 6  ? 0.2658 0.6125 0.4045 0.1211  -0.0288 -0.1534 6  ASP A OD1 
48  O OD2 . ASP A 6  ? 0.2825 0.5534 0.4244 0.1587  -0.0280 -0.1339 6  ASP A OD2 
49  N N   . THR A 7  ? 0.2003 0.5056 0.2926 0.0384  0.0002  -0.1184 7  THR A N   
50  C CA  . THR A 7  ? 0.2099 0.4994 0.2498 0.0225  0.0056  -0.1290 7  THR A CA  
51  C C   . THR A 7  ? 0.2059 0.4836 0.2958 0.0176  0.0032  -0.1135 7  THR A C   
52  O O   . THR A 7  ? 0.2162 0.5036 0.3127 0.0405  -0.0136 -0.0829 7  THR A O   
53  C CB  . THR A 7  ? 0.1972 0.5036 0.2525 0.0240  -0.0041 -0.1194 7  THR A CB  
54  O OG1 . THR A 7  ? 0.2187 0.4926 0.2555 0.0259  0.0000  -0.0914 7  THR A OG1 
55  C CG2 . THR A 7  ? 0.1820 0.5107 0.2814 0.0270  -0.0002 -0.1114 7  THR A CG2 
56  N N   . THR A 8  ? 0.2089 0.4510 0.2999 -0.0008 0.0292  -0.1315 8  THR A N   
57  C CA  . THR A 8  ? 0.2065 0.4674 0.3361 0.0100  0.0378  -0.1258 8  THR A CA  
58  C C   . THR A 8  ? 0.1878 0.4159 0.3618 -0.0022 0.0507  -0.0888 8  THR A C   
59  O O   . THR A 8  ? 0.1886 0.3633 0.3592 0.0039  0.0757  -0.0975 8  THR A O   
60  C CB  . THR A 8  ? 0.1515 0.4870 0.3712 0.0308  0.0008  -0.1375 8  THR A CB  
61  O OG1 . THR A 8  ? 0.1547 0.4665 0.3544 0.0421  0.0087  -0.1511 8  THR A OG1 
62  C CG2 . THR A 8  ? 0.1596 0.5063 0.3965 0.0311  0.0052  -0.1222 8  THR A CG2 
63  N N   . THR A 9  ? 0.1977 0.3999 0.3818 -0.0308 0.0538  -0.0635 9  THR A N   
64  C CA  . THR A 9  ? 0.2004 0.3942 0.3603 -0.0234 0.0238  -0.0369 9  THR A CA  
65  C C   . THR A 9  ? 0.2169 0.3676 0.3332 0.0009  0.0326  -0.0502 9  THR A C   
66  O O   . THR A 9  ? 0.1838 0.3622 0.3433 -0.0190 0.0377  -0.0230 9  THR A O   
67  C CB  . THR A 9  ? 0.2367 0.4101 0.4099 -0.0226 0.0143  -0.0171 9  THR A CB  
68  O OG1 . THR A 9  ? 0.2386 0.4213 0.4099 -0.0228 0.0238  0.0046  9  THR A OG1 
69  C CG2 . THR A 9  ? 0.2120 0.4318 0.4359 -0.0163 -0.0164 -0.0077 9  THR A CG2 
70  N N   . TYR A 10 ? 0.1742 0.3891 0.3212 0.0198  0.0190  -0.0596 10 TYR A N   
71  C CA  A TYR A 10 ? 0.1724 0.3633 0.3204 0.0342  0.0151  -0.0724 10 TYR A CA  
72  C CA  B TYR A 10 ? 0.1697 0.3754 0.3196 0.0306  0.0295  -0.0590 10 TYR A CA  
73  C C   . TYR A 10 ? 0.1811 0.3267 0.3031 0.0460  0.0140  -0.0607 10 TYR A C   
74  O O   . TYR A 10 ? 0.1585 0.3050 0.3286 0.0486  0.0132  -0.0375 10 TYR A O   
75  C CB  A TYR A 10 ? 0.1944 0.3639 0.3143 0.0395  0.0096  -0.1023 10 TYR A CB  
76  C CB  B TYR A 10 ? 0.1856 0.3979 0.3157 0.0299  0.0483  -0.0611 10 TYR A CB  
77  C CG  A TYR A 10 ? 0.2116 0.3578 0.3590 0.0595  -0.0097 -0.0961 10 TYR A CG  
78  C CG  B TYR A 10 ? 0.1894 0.4159 0.3584 0.0405  0.0476  -0.0297 10 TYR A CG  
79  C CD1 A TYR A 10 ? 0.2120 0.3407 0.3930 0.0581  -0.0158 -0.0965 10 TYR A CD1 
80  C CD1 B TYR A 10 ? 0.1958 0.4437 0.3573 0.0410  0.0512  -0.0222 10 TYR A CD1 
81  C CD2 A TYR A 10 ? 0.2115 0.3527 0.3838 0.0594  -0.0275 -0.1024 10 TYR A CD2 
82  C CD2 B TYR A 10 ? 0.2005 0.4041 0.4029 0.0269  0.0710  -0.0145 10 TYR A CD2 
83  C CE1 A TYR A 10 ? 0.2264 0.3593 0.4125 0.0567  -0.0170 -0.0914 10 TYR A CE1 
84  C CE1 B TYR A 10 ? 0.2130 0.4392 0.3725 0.0454  0.0503  -0.0139 10 TYR A CE1 
85  C CE2 A TYR A 10 ? 0.2206 0.3460 0.4151 0.0487  -0.0207 -0.0893 10 TYR A CE2 
86  C CE2 B TYR A 10 ? 0.1696 0.3982 0.3695 0.0152  0.0837  -0.0084 10 TYR A CE2 
87  C CZ  A TYR A 10 ? 0.2507 0.3429 0.4230 0.0483  -0.0118 -0.0971 10 TYR A CZ  
88  C CZ  B TYR A 10 ? 0.2185 0.4089 0.3848 0.0274  0.0861  -0.0064 10 TYR A CZ  
89  O OH  A TYR A 10 ? 0.2953 0.3863 0.4305 0.0554  0.0056  -0.1045 10 TYR A OH  
90  O OH  B TYR A 10 ? 0.2653 0.4259 0.4004 0.0533  0.0643  0.0033  10 TYR A OH  
91  N N   . GLU A 11 ? 0.1781 0.3188 0.2995 0.0388  0.0369  -0.0779 11 GLU A N   
92  C CA  . GLU A 11 ? 0.1321 0.3036 0.3263 0.0421  0.0225  -0.0610 11 GLU A CA  
93  C C   . GLU A 11 ? 0.1363 0.2830 0.3024 0.0503  0.0290  -0.0523 11 GLU A C   
94  O O   . GLU A 11 ? 0.1500 0.2640 0.3349 0.0476  0.0328  -0.0413 11 GLU A O   
95  C CB  . GLU A 11 ? 0.1690 0.3428 0.3138 0.0775  -0.0092 -0.0814 11 GLU A CB  
96  C CG  . GLU A 11 ? 0.1970 0.3732 0.3463 0.0951  -0.0094 -0.1079 11 GLU A CG  
97  C CD  . GLU A 11 ? 0.1919 0.4271 0.3706 0.1183  -0.0341 -0.1212 11 GLU A CD  
98  O OE1 . GLU A 11 ? 0.2354 0.4369 0.3576 0.1038  -0.0245 -0.1399 11 GLU A OE1 
99  O OE2 . GLU A 11 ? 0.2230 0.4922 0.3899 0.1390  -0.0249 -0.1412 11 GLU A OE2 
100 N N   . VAL A 12 ? 0.1553 0.2561 0.2884 0.0561  0.0093  -0.0599 12 VAL A N   
101 C CA  . VAL A 12 ? 0.1542 0.2335 0.2988 0.0639  -0.0131 -0.0324 12 VAL A CA  
102 C C   . VAL A 12 ? 0.1585 0.2113 0.2930 0.0583  0.0057  -0.0257 12 VAL A C   
103 O O   . VAL A 12 ? 0.1418 0.2379 0.2673 0.0510  0.0016  -0.0431 12 VAL A O   
104 C CB  . VAL A 12 ? 0.1496 0.2654 0.2878 0.0615  -0.0260 -0.0492 12 VAL A CB  
105 C CG1 . VAL A 12 ? 0.1893 0.2790 0.3041 0.0805  -0.0011 -0.0680 12 VAL A CG1 
106 C CG2 . VAL A 12 ? 0.1568 0.3145 0.3038 0.0575  -0.0203 -0.0376 12 VAL A CG2 
107 N N   . ALA A 13 ? 0.1826 0.2119 0.2501 0.0400  -0.0074 -0.0328 13 ALA A N   
108 C CA  . ALA A 13 ? 0.1824 0.2365 0.2645 0.0174  0.0083  -0.0179 13 ALA A CA  
109 C C   . ALA A 13 ? 0.1595 0.2159 0.2745 0.0316  0.0021  -0.0050 13 ALA A C   
110 O O   . ALA A 13 ? 0.1753 0.2223 0.2606 0.0069  -0.0020 -0.0242 13 ALA A O   
111 C CB  . ALA A 13 ? 0.2140 0.2561 0.2489 0.0105  0.0298  -0.0135 13 ALA A CB  
112 N N   . GLU A 14 ? 0.1963 0.2341 0.2513 0.0347  0.0093  -0.0008 14 GLU A N   
113 C CA  . GLU A 14 ? 0.2360 0.2145 0.2995 0.0254  0.0307  -0.0179 14 GLU A CA  
114 C C   . GLU A 14 ? 0.2187 0.2221 0.2466 0.0270  0.0232  -0.0407 14 GLU A C   
115 O O   . GLU A 14 ? 0.2006 0.2246 0.2506 0.0252  0.0251  -0.0416 14 GLU A O   
116 C CB  . GLU A 14 ? 0.2661 0.2565 0.3555 0.0309  0.0791  -0.0005 14 GLU A CB  
117 C CG  . GLU A 14 ? 0.3443 0.3821 0.4084 0.0542  0.0978  -0.0181 14 GLU A CG  
118 C CD  . GLU A 14 ? 0.4375 0.4825 0.4778 0.0583  0.1216  -0.0070 14 GLU A CD  
119 O OE1 . GLU A 14 ? 0.4637 0.5238 0.5204 0.0633  0.1099  -0.0044 14 GLU A OE1 
120 O OE2 . GLU A 14 ? 0.4826 0.4969 0.5146 0.0539  0.1151  -0.0035 14 GLU A OE2 
121 N N   . LEU A 15 ? 0.2087 0.2228 0.2346 0.0272  0.0138  -0.0455 15 LEU A N   
122 C CA  . LEU A 15 ? 0.2447 0.2236 0.2525 0.0296  0.0241  -0.0645 15 LEU A CA  
123 C C   . LEU A 15 ? 0.2271 0.2307 0.2511 0.0339  0.0187  -0.0633 15 LEU A C   
124 O O   . LEU A 15 ? 0.2237 0.2535 0.2654 0.0083  0.0063  -0.0534 15 LEU A O   
125 C CB  . LEU A 15 ? 0.2867 0.2409 0.2738 0.0166  0.0431  -0.0651 15 LEU A CB  
126 C CG  . LEU A 15 ? 0.2969 0.2861 0.2843 0.0119  0.0116  -0.0551 15 LEU A CG  
127 C CD1 . LEU A 15 ? 0.2582 0.3150 0.2758 0.0130  -0.0039 -0.0446 15 LEU A CD1 
128 C CD2 . LEU A 15 ? 0.3296 0.2687 0.2881 0.0113  0.0103  -0.0816 15 LEU A CD2 
129 N N   . MET A 16 ? 0.2149 0.2279 0.2808 0.0423  0.0101  -0.0688 16 MET A N   
130 C CA  . MET A 16 ? 0.1994 0.2296 0.3004 0.0116  0.0277  -0.0674 16 MET A CA  
131 C C   . MET A 16 ? 0.2032 0.2476 0.3575 0.0073  0.0183  -0.0829 16 MET A C   
132 O O   . MET A 16 ? 0.2051 0.2948 0.4934 -0.0025 0.0284  -0.1433 16 MET A O   
133 C CB  . MET A 16 ? 0.2240 0.2010 0.2834 0.0298  0.0233  -0.0632 16 MET A CB  
134 C CG  . MET A 16 ? 0.2258 0.1887 0.2613 0.0326  0.0045  -0.0678 16 MET A CG  
135 S SD  . MET A 16 ? 0.2175 0.1969 0.3057 0.0301  -0.0003 -0.0535 16 MET A SD  
136 C CE  . MET A 16 ? 0.2359 0.2387 0.3167 0.0686  -0.0244 -0.0418 16 MET A CE  
137 N N   . GLY A 17 ? 0.2213 0.2099 0.2717 0.0117  0.0278  -0.0616 17 GLY A N   
138 C CA  . GLY A 17 ? 0.1913 0.2155 0.2628 0.0214  0.0133  -0.0437 17 GLY A CA  
139 C C   . GLY A 17 ? 0.1923 0.2168 0.2444 0.0385  0.0053  -0.0248 17 GLY A C   
140 O O   . GLY A 17 ? 0.2086 0.2054 0.2621 0.0284  0.0204  -0.0307 17 GLY A O   
141 N N   . SER A 18 ? 0.2043 0.2018 0.2555 0.0512  0.0099  -0.0258 18 SER A N   
142 C CA  . SER A 18 ? 0.2325 0.2015 0.2811 0.0446  0.0374  -0.0501 18 SER A CA  
143 C C   . SER A 18 ? 0.2577 0.2431 0.2575 0.0596  0.0331  -0.0461 18 SER A C   
144 O O   . SER A 18 ? 0.2781 0.2448 0.2694 0.0636  0.0331  -0.0536 18 SER A O   
145 C CB  . SER A 18 ? 0.2135 0.1905 0.2985 0.0487  0.0341  -0.0553 18 SER A CB  
146 O OG  . SER A 18 ? 0.2150 0.2510 0.3159 0.0432  0.0105  -0.0445 18 SER A OG  
147 N N   . GLU A 19 ? 0.2627 0.2380 0.2543 0.0548  -0.0012 -0.0394 19 GLU A N   
148 C CA  . GLU A 19 ? 0.2832 0.2389 0.2563 0.0377  -0.0123 -0.0405 19 GLU A CA  
149 C C   . GLU A 19 ? 0.2931 0.2223 0.2551 0.0453  -0.0006 -0.0305 19 GLU A C   
150 O O   . GLU A 19 ? 0.3407 0.2435 0.2772 0.0456  -0.0110 -0.0163 19 GLU A O   
151 C CB  . GLU A 19 ? 0.2962 0.2432 0.2611 0.0439  -0.0208 -0.0290 19 GLU A CB  
152 C CG  . GLU A 19 ? 0.2919 0.2575 0.2666 0.0310  -0.0224 -0.0501 19 GLU A CG  
153 C CD  . GLU A 19 ? 0.3191 0.2842 0.3275 0.0301  -0.0435 -0.0533 19 GLU A CD  
154 O OE1 . GLU A 19 ? 0.3273 0.3380 0.3960 0.0537  -0.0632 -0.0569 19 GLU A OE1 
155 O OE2 . GLU A 19 ? 0.3122 0.3469 0.3115 0.0276  -0.0600 -0.0455 19 GLU A OE2 
156 N N   . ALA A 20 ? 0.2479 0.2139 0.2614 0.0309  0.0079  -0.0285 20 ALA A N   
157 C CA  . ALA A 20 ? 0.2312 0.1979 0.2504 0.0191  0.0482  -0.0372 20 ALA A CA  
158 C C   . ALA A 20 ? 0.2397 0.2025 0.2649 0.0435  0.0440  -0.0063 20 ALA A C   
159 O O   . ALA A 20 ? 0.2504 0.1941 0.3789 0.0411  0.0614  0.0143  20 ALA A O   
160 C CB  . ALA A 20 ? 0.2551 0.1595 0.3070 -0.0007 0.0391  -0.0613 20 ALA A CB  
161 N N   . ASP A 21 ? 0.2308 0.2113 0.2625 0.0357  0.0414  -0.0018 21 ASP A N   
162 C CA  . ASP A 21 ? 0.2400 0.2034 0.2829 0.0462  0.0292  0.0071  21 ASP A CA  
163 C C   . ASP A 21 ? 0.2194 0.1924 0.2768 0.0470  0.0222  -0.0152 21 ASP A C   
164 O O   . ASP A 21 ? 0.2329 0.2074 0.2685 0.0581  0.0040  -0.0146 21 ASP A O   
165 C CB  . ASP A 21 ? 0.2487 0.2127 0.2802 0.0487  0.0086  -0.0041 21 ASP A CB  
166 C CG  . ASP A 21 ? 0.2372 0.2157 0.2679 0.0494  0.0052  -0.0064 21 ASP A CG  
167 O OD1 . ASP A 21 ? 0.2265 0.2029 0.2697 0.0397  0.0063  -0.0326 21 ASP A OD1 
168 O OD2 . ASP A 21 ? 0.3127 0.2408 0.3049 0.0747  0.0072  0.0056  21 ASP A OD2 
169 N N   . GLU A 22 ? 0.2072 0.2505 0.3132 0.0483  0.0298  -0.0268 22 GLU A N   
170 C CA  . GLU A 22 ? 0.1987 0.2838 0.3453 0.0238  0.0190  -0.0412 22 GLU A CA  
171 C C   . GLU A 22 ? 0.1969 0.2486 0.2987 0.0509  0.0005  -0.0359 22 GLU A C   
172 O O   . GLU A 22 ? 0.1978 0.2721 0.3042 0.0547  0.0163  -0.0331 22 GLU A O   
173 C CB  . GLU A 22 ? 0.2521 0.3669 0.4853 -0.0130 -0.0080 -0.0801 22 GLU A CB  
174 C CG  . GLU A 22 ? 0.3929 0.4893 0.5774 -0.0147 -0.0440 -0.1159 22 GLU A CG  
175 C CD  . GLU A 22 ? 0.5105 0.5815 0.6954 -0.0130 -0.0526 -0.1461 22 GLU A CD  
176 O OE1 . GLU A 22 ? 0.5560 0.6271 0.7584 0.0060  -0.0578 -0.1412 22 GLU A OE1 
177 O OE2 . GLU A 22 ? 0.5506 0.6247 0.7650 -0.0170 -0.0381 -0.1793 22 GLU A OE2 
178 N N   . LEU A 23 ? 0.1858 0.2233 0.3212 0.0511  0.0230  -0.0216 23 LEU A N   
179 C CA  . LEU A 23 ? 0.2155 0.2229 0.2909 0.0485  0.0107  -0.0193 23 LEU A CA  
180 C C   . LEU A 23 ? 0.1898 0.1919 0.3075 0.0214  0.0092  -0.0196 23 LEU A C   
181 O O   . LEU A 23 ? 0.2186 0.1989 0.2952 0.0150  0.0054  -0.0387 23 LEU A O   
182 C CB  . LEU A 23 ? 0.2284 0.2176 0.3036 0.0450  0.0067  -0.0105 23 LEU A CB  
183 C CG  . LEU A 23 ? 0.2132 0.2220 0.3304 0.0311  0.0126  -0.0094 23 LEU A CG  
184 C CD1 . LEU A 23 ? 0.2359 0.2126 0.3697 0.0173  0.0357  -0.0207 23 LEU A CD1 
185 C CD2 . LEU A 23 ? 0.2432 0.2619 0.3431 0.0633  -0.0169 0.0039  23 LEU A CD2 
186 N N   . ASP A 24 ? 0.1916 0.1942 0.2998 0.0292  0.0066  -0.0156 24 ASP A N   
187 C CA  . ASP A 24 ? 0.1698 0.1751 0.2969 0.0324  -0.0014 -0.0317 24 ASP A CA  
188 C C   . ASP A 24 ? 0.1752 0.1644 0.3020 0.0410  0.0117  -0.0413 24 ASP A C   
189 O O   . ASP A 24 ? 0.1834 0.1800 0.3110 0.0274  0.0184  -0.0599 24 ASP A O   
190 C CB  . ASP A 24 ? 0.1705 0.1911 0.3024 0.0087  0.0086  -0.0367 24 ASP A CB  
191 C CG  . ASP A 24 ? 0.1814 0.2026 0.3197 0.0294  0.0072  -0.0477 24 ASP A CG  
192 O OD1 . ASP A 24 ? 0.1763 0.2205 0.3317 0.0458  -0.0070 -0.0526 24 ASP A OD1 
193 O OD2 . ASP A 24 ? 0.2289 0.2029 0.3155 0.0425  -0.0162 -0.0477 24 ASP A OD2 
194 N N   . GLY A 25 ? 0.1856 0.1931 0.3004 0.0583  0.0164  -0.0192 25 GLY A N   
195 C CA  . GLY A 25 ? 0.2027 0.2123 0.2647 0.0627  0.0005  -0.0388 25 GLY A CA  
196 C C   . GLY A 25 ? 0.1857 0.2256 0.2694 0.0471  0.0192  -0.0546 25 GLY A C   
197 O O   . GLY A 25 ? 0.1749 0.2565 0.2791 0.0542  -0.0010 -0.0717 25 GLY A O   
198 N N   . ARG A 26 ? 0.1635 0.2254 0.2933 0.0235  0.0117  -0.0633 26 ARG A N   
199 C CA  . ARG A 26 ? 0.1704 0.2432 0.3355 0.0186  0.0328  -0.0816 26 ARG A CA  
200 C C   . ARG A 26 ? 0.1572 0.2293 0.3265 0.0212  0.0238  -0.0860 26 ARG A C   
201 O O   . ARG A 26 ? 0.1752 0.2508 0.3663 0.0210  0.0257  -0.0870 26 ARG A O   
202 C CB  . ARG A 26 ? 0.1814 0.3258 0.4355 0.0112  0.0729  -0.0998 26 ARG A CB  
203 C CG  . ARG A 26 ? 0.2265 0.4151 0.5587 0.0113  0.0909  -0.0832 26 ARG A CG  
204 C CD  . ARG A 26 ? 0.2673 0.4655 0.6969 0.0100  0.1289  -0.0735 26 ARG A CD  
205 N NE  . ARG A 26 ? 0.2992 0.5102 0.8256 0.0164  0.1573  -0.0657 26 ARG A NE  
206 C CZ  . ARG A 26 ? 0.3399 0.5579 0.9216 0.0385  0.1500  -0.0653 26 ARG A CZ  
207 N NH1 . ARG A 26 ? 0.3605 0.5780 0.9526 0.0446  0.1410  -0.0740 26 ARG A NH1 
208 N NH2 . ARG A 26 ? 0.3302 0.5933 0.9710 0.0459  0.1504  -0.0742 26 ARG A NH2 
209 N N   . ILE A 27 ? 0.1597 0.2062 0.3501 0.0382  0.0179  -0.0595 27 ILE A N   
210 C CA  . ILE A 27 ? 0.1506 0.2063 0.3732 0.0311  0.0213  -0.0517 27 ILE A CA  
211 C C   . ILE A 27 ? 0.1617 0.2097 0.3586 0.0307  0.0220  -0.0774 27 ILE A C   
212 O O   . ILE A 27 ? 0.1864 0.2175 0.3595 0.0164  0.0343  -0.1075 27 ILE A O   
213 C CB  . ILE A 27 ? 0.1457 0.2318 0.3693 0.0275  0.0252  -0.0503 27 ILE A CB  
214 C CG1 . ILE A 27 ? 0.1710 0.2717 0.3720 0.0449  0.0098  -0.0688 27 ILE A CG1 
215 C CG2 . ILE A 27 ? 0.1525 0.2361 0.4166 0.0249  0.0312  -0.0398 27 ILE A CG2 
216 C CD1 . ILE A 27 ? 0.1815 0.2790 0.4004 0.0564  -0.0017 -0.0532 27 ILE A CD1 
217 N N   . MET A 28 ? 0.1525 0.1936 0.3510 0.0278  0.0203  -0.0629 28 MET A N   
218 C CA  . MET A 28 ? 0.1555 0.2218 0.3281 0.0217  0.0281  -0.0873 28 MET A CA  
219 C C   . MET A 28 ? 0.1348 0.2467 0.3357 0.0065  0.0434  -0.0888 28 MET A C   
220 O O   . MET A 28 ? 0.1901 0.2698 0.3319 -0.0065 0.0472  -0.1088 28 MET A O   
221 C CB  . MET A 28 ? 0.1892 0.2049 0.2943 0.0355  0.0164  -0.0922 28 MET A CB  
222 C CG  . MET A 28 ? 0.1663 0.2347 0.3006 0.0255  0.0590  -0.0769 28 MET A CG  
223 S SD  . MET A 28 ? 0.1908 0.2405 0.3380 0.0226  0.0412  -0.0919 28 MET A SD  
224 C CE  . MET A 28 ? 0.1619 0.3009 0.3238 0.0459  0.0111  -0.0896 28 MET A CE  
225 N N   . MET A 29 ? 0.1596 0.2705 0.3255 0.0091  -0.0008 -0.0929 29 MET A N   
226 C CA  A MET A 29 ? 0.1491 0.3060 0.3326 0.0223  -0.0102 -0.1057 29 MET A CA  
227 C CA  B MET A 29 ? 0.1762 0.3201 0.3462 0.0187  -0.0134 -0.1110 29 MET A CA  
228 C C   . MET A 29 ? 0.1764 0.3071 0.3655 0.0117  -0.0022 -0.1235 29 MET A C   
229 O O   . MET A 29 ? 0.1848 0.3309 0.3653 -0.0040 0.0049  -0.1329 29 MET A O   
230 C CB  A MET A 29 ? 0.1217 0.3100 0.3391 0.0402  -0.0144 -0.0988 29 MET A CB  
231 C CB  B MET A 29 ? 0.2022 0.3683 0.3700 0.0363  -0.0329 -0.1161 29 MET A CB  
232 C CG  A MET A 29 ? 0.1192 0.2835 0.3763 0.0362  -0.0032 -0.0991 29 MET A CG  
233 C CG  B MET A 29 ? 0.2404 0.4076 0.4233 0.0440  -0.0439 -0.1239 29 MET A CG  
234 S SD  A MET A 29 ? 0.1482 0.3099 0.4273 0.0602  0.0014  -0.0866 29 MET A SD  
235 S SD  B MET A 29 ? 0.2935 0.4216 0.4952 0.0539  -0.0477 -0.1267 29 MET A SD  
236 C CE  A MET A 29 ? 0.1817 0.3022 0.4325 0.0744  -0.0205 -0.0837 29 MET A CE  
237 C CE  B MET A 29 ? 0.3077 0.4107 0.4984 0.0493  -0.0513 -0.1325 29 MET A CE  
238 N N   . GLY A 30 ? 0.1661 0.2811 0.4247 -0.0147 0.0353  -0.1395 30 GLY A N   
239 C CA  . GLY A 30 ? 0.2178 0.2506 0.4231 -0.0203 0.0590  -0.1572 30 GLY A CA  
240 C C   . GLY A 30 ? 0.2087 0.2918 0.4117 -0.0129 0.0569  -0.1674 30 GLY A C   
241 O O   . GLY A 30 ? 0.2230 0.2982 0.4428 -0.0128 0.0626  -0.1859 30 GLY A O   
242 N N   . LEU A 31 ? 0.1850 0.2560 0.4145 -0.0136 0.0571  -0.1436 31 LEU A N   
243 C CA  . LEU A 31 ? 0.1875 0.2775 0.4049 0.0016  0.0416  -0.1326 31 LEU A CA  
244 C C   . LEU A 31 ? 0.1916 0.2740 0.3830 0.0143  0.0243  -0.1469 31 LEU A C   
245 O O   . LEU A 31 ? 0.2248 0.2983 0.3774 0.0138  0.0390  -0.1688 31 LEU A O   
246 C CB  . LEU A 31 ? 0.1955 0.2659 0.3953 0.0025  0.0440  -0.1376 31 LEU A CB  
247 C CG  . LEU A 31 ? 0.2058 0.2531 0.3990 0.0158  0.0248  -0.1202 31 LEU A CG  
248 C CD1 . LEU A 31 ? 0.2075 0.2532 0.4241 0.0034  0.0161  -0.1237 31 LEU A CD1 
249 C CD2 . LEU A 31 ? 0.2562 0.2304 0.4303 0.0178  0.0144  -0.0985 31 LEU A CD2 
250 N N   . LEU A 32 ? 0.2064 0.2888 0.3880 0.0228  0.0089  -0.1232 32 LEU A N   
251 C CA  . LEU A 32 ? 0.2220 0.2924 0.3680 0.0102  0.0047  -0.1255 32 LEU A CA  
252 C C   . LEU A 32 ? 0.2319 0.3536 0.3471 -0.0124 0.0124  -0.1432 32 LEU A C   
253 O O   . LEU A 32 ? 0.2577 0.3958 0.3395 0.0003  0.0242  -0.1451 32 LEU A O   
254 C CB  . LEU A 32 ? 0.2270 0.2808 0.3428 0.0209  0.0133  -0.1318 32 LEU A CB  
255 C CG  . LEU A 32 ? 0.2367 0.2825 0.3009 0.0122  0.0258  -0.1109 32 LEU A CG  
256 C CD1 . LEU A 32 ? 0.2725 0.2918 0.3208 0.0377  0.0141  -0.1115 32 LEU A CD1 
257 C CD2 . LEU A 32 ? 0.2597 0.3259 0.2769 0.0319  0.0219  -0.0680 32 LEU A CD2 
258 N N   . SER A 33 ? 0.2193 0.3769 0.3587 -0.0246 0.0121  -0.1673 33 SER A N   
259 C CA  . SER A 33 ? 0.2329 0.3912 0.4020 -0.0395 0.0121  -0.1754 33 SER A CA  
260 C C   . SER A 33 ? 0.2434 0.3963 0.4224 -0.0399 0.0164  -0.1909 33 SER A C   
261 O O   . SER A 33 ? 0.2510 0.4221 0.4059 -0.0436 0.0165  -0.2007 33 SER A O   
262 C CB  . SER A 33 ? 0.2096 0.4462 0.4633 -0.0663 -0.0031 -0.1654 33 SER A CB  
263 O OG  . SER A 33 ? 0.2505 0.5247 0.4988 -0.0509 -0.0020 -0.1517 33 SER A OG  
264 N N   . ARG A 34 ? 0.2530 0.3554 0.4322 -0.0280 0.0480  -0.2110 34 ARG A N   
265 C CA  . ARG A 34 ? 0.2782 0.3250 0.4496 -0.0176 0.0504  -0.2166 34 ARG A CA  
266 C C   . ARG A 34 ? 0.2833 0.3788 0.3982 -0.0108 0.0445  -0.2286 34 ARG A C   
267 O O   . ARG A 34 ? 0.3390 0.3889 0.4375 -0.0061 0.0662  -0.2340 34 ARG A O   
268 C CB  . ARG A 34 ? 0.2492 0.3147 0.4818 -0.0178 0.0702  -0.1964 34 ARG A CB  
269 C CG  . ARG A 34 ? 0.2794 0.2579 0.5175 -0.0079 0.0623  -0.1768 34 ARG A CG  
270 C CD  . ARG A 34 ? 0.2671 0.2493 0.5424 -0.0029 0.0655  -0.1527 34 ARG A CD  
271 N NE  . ARG A 34 ? 0.2559 0.2476 0.5601 0.0207  0.0718  -0.1515 34 ARG A NE  
272 C CZ  . ARG A 34 ? 0.3037 0.2182 0.5262 0.0258  0.0670  -0.1409 34 ARG A CZ  
273 N NH1 . ARG A 34 ? 0.3247 0.2557 0.5079 0.0327  0.0903  -0.1526 34 ARG A NH1 
274 N NH2 . ARG A 34 ? 0.2797 0.2158 0.5415 0.0263  0.0829  -0.1247 34 ARG A NH2 
275 N N   . GLU A 35 ? 0.2320 0.3754 0.4240 -0.0158 0.0366  -0.2180 35 GLU A N   
276 C CA  . GLU A 35 ? 0.2838 0.3914 0.4293 -0.0044 0.0519  -0.2352 35 GLU A CA  
277 C C   . GLU A 35 ? 0.3047 0.4583 0.4113 -0.0114 0.0568  -0.2425 35 GLU A C   
278 O O   . GLU A 35 ? 0.3106 0.5179 0.4040 -0.0086 0.0479  -0.2234 35 GLU A O   
279 C CB  . GLU A 35 ? 0.2936 0.3770 0.4725 0.0199  0.0435  -0.2266 35 GLU A CB  
280 C CG  . GLU A 35 ? 0.2956 0.4168 0.5231 0.0443  0.0671  -0.2034 35 GLU A CG  
281 C CD  . GLU A 35 ? 0.3622 0.5080 0.5628 0.0991  0.0901  -0.1814 35 GLU A CD  
282 O OE1 . GLU A 35 ? 0.3801 0.5372 0.6029 0.1126  0.1097  -0.1782 35 GLU A OE1 
283 O OE2 . GLU A 35 ? 0.3778 0.5642 0.5909 0.1243  0.1101  -0.1605 35 GLU A OE2 
284 N N   . CYS A 36 ? 0.3142 0.4641 0.4193 -0.0261 0.0441  -0.2367 36 CYS A N   
285 C CA  . CYS A 36 ? 0.3328 0.5149 0.3841 -0.0260 0.0300  -0.2382 36 CYS A CA  
286 C C   . CYS A 36 ? 0.3055 0.5318 0.3471 -0.0206 0.0154  -0.2158 36 CYS A C   
287 O O   . CYS A 36 ? 0.3402 0.5567 0.3364 -0.0087 0.0141  -0.2137 36 CYS A O   
288 C CB  . CYS A 36 ? 0.3778 0.5370 0.4195 -0.0454 0.0226  -0.2529 36 CYS A CB  
289 S SG  . CYS A 36 ? 0.4397 0.5639 0.4401 -0.0604 0.0316  -0.2788 36 CYS A SG  
290 N N   . VAL A 37 ? 0.2640 0.5103 0.3310 -0.0148 -0.0290 -0.1941 37 VAL A N   
291 C CA  . VAL A 37 ? 0.2959 0.4913 0.3492 0.0066  -0.0318 -0.1606 37 VAL A CA  
292 C C   . VAL A 37 ? 0.3060 0.4762 0.3443 0.0144  -0.0022 -0.1622 37 VAL A C   
293 O O   . VAL A 37 ? 0.3606 0.4932 0.3488 0.0360  0.0143  -0.1529 37 VAL A O   
294 C CB  . VAL A 37 ? 0.3110 0.4844 0.3521 0.0121  -0.0683 -0.1478 37 VAL A CB  
295 C CG1 . VAL A 37 ? 0.3279 0.4830 0.3590 0.0105  -0.0658 -0.1612 37 VAL A CG1 
296 C CG2 . VAL A 37 ? 0.3018 0.4651 0.3980 0.0053  -0.0725 -0.1207 37 VAL A CG2 
297 N N   . VAL A 38 ? 0.3069 0.4667 0.3607 0.0258  -0.0214 -0.1636 38 VAL A N   
298 C CA  . VAL A 38 ? 0.2949 0.4865 0.3647 0.0245  -0.0370 -0.1585 38 VAL A CA  
299 C C   . VAL A 38 ? 0.2938 0.4799 0.3349 0.0237  -0.0358 -0.1519 38 VAL A C   
300 O O   . VAL A 38 ? 0.2936 0.4759 0.3623 0.0235  -0.0150 -0.1523 38 VAL A O   
301 C CB  . VAL A 38 ? 0.3323 0.4769 0.4294 0.0159  -0.0306 -0.1553 38 VAL A CB  
302 C CG1 . VAL A 38 ? 0.3435 0.4678 0.4684 0.0112  -0.0200 -0.1487 38 VAL A CG1 
303 C CG2 . VAL A 38 ? 0.3449 0.4922 0.3984 0.0218  -0.0316 -0.1610 38 VAL A CG2 
304 N N   . ASP A 39 ? 0.3050 0.4667 0.2931 0.0195  -0.0184 -0.1453 39 ASP A N   
305 C CA  . ASP A 39 ? 0.3058 0.4787 0.3122 0.0264  -0.0330 -0.1151 39 ASP A CA  
306 C C   . ASP A 39 ? 0.2732 0.4604 0.2866 0.0171  -0.0227 -0.1269 39 ASP A C   
307 O O   . ASP A 39 ? 0.2840 0.5065 0.2720 0.0227  -0.0062 -0.1290 39 ASP A O   
308 C CB  . ASP A 39 ? 0.3521 0.5227 0.3382 0.0459  -0.0456 -0.0921 39 ASP A CB  
309 C CG  . ASP A 39 ? 0.3868 0.5574 0.3507 0.0740  -0.0778 -0.0835 39 ASP A CG  
310 O OD1 . ASP A 39 ? 0.3813 0.5559 0.3742 0.0683  -0.0791 -0.0762 39 ASP A OD1 
311 O OD2 . ASP A 39 ? 0.4162 0.5801 0.4023 0.0806  -0.0717 -0.0701 39 ASP A OD2 
312 N N   . THR A 40 ? 0.2341 0.4088 0.2984 0.0119  -0.0211 -0.1072 40 THR A N   
313 C CA  . THR A 40 ? 0.2604 0.3977 0.2661 0.0252  -0.0169 -0.1043 40 THR A CA  
314 C C   . THR A 40 ? 0.3041 0.4341 0.3075 0.0337  -0.0096 -0.0788 40 THR A C   
315 O O   . THR A 40 ? 0.3113 0.4338 0.2918 0.0473  -0.0037 -0.0917 40 THR A O   
316 C CB  . THR A 40 ? 0.2963 0.3502 0.2588 0.0479  -0.0119 -0.0867 40 THR A CB  
317 O OG1 . THR A 40 ? 0.2766 0.3715 0.2745 0.0579  -0.0150 -0.0759 40 THR A OG1 
318 C CG2 . THR A 40 ? 0.3270 0.3367 0.2829 0.0494  -0.0153 -0.0853 40 THR A CG2 
319 N N   . ASP A 41 ? 0.3253 0.4807 0.3866 0.0440  0.0121  -0.0436 41 ASP A N   
320 C CA  . ASP A 41 ? 0.3837 0.5386 0.4637 0.0691  -0.0009 -0.0186 41 ASP A CA  
321 C C   . ASP A 41 ? 0.3699 0.6036 0.4006 0.0833  0.0117  -0.0195 41 ASP A C   
322 O O   . ASP A 41 ? 0.3698 0.6206 0.4366 0.0828  0.0224  -0.0007 41 ASP A O   
323 C CB  . ASP A 41 ? 0.4529 0.5440 0.5855 0.0927  -0.0203 -0.0062 41 ASP A CB  
324 C CG  . ASP A 41 ? 0.5076 0.5427 0.6952 0.1066  -0.0349 0.0000  41 ASP A CG  
325 O OD1 . ASP A 41 ? 0.5232 0.5296 0.7357 0.1061  -0.0422 0.0126  41 ASP A OD1 
326 O OD2 . ASP A 41 ? 0.5363 0.5666 0.7491 0.1180  -0.0370 -0.0056 41 ASP A OD2 
327 N N   . ASP A 42 ? 0.3599 0.6298 0.3235 0.0879  0.0275  -0.0461 42 ASP A N   
328 C CA  . ASP A 42 ? 0.3650 0.6404 0.2979 0.0841  0.0412  -0.0714 42 ASP A CA  
329 C C   . ASP A 42 ? 0.3505 0.6288 0.2855 0.0800  0.0466  -0.0914 42 ASP A C   
330 O O   . ASP A 42 ? 0.3868 0.6471 0.3087 0.0989  0.0533  -0.1010 42 ASP A O   
331 C CB  . ASP A 42 ? 0.3888 0.6582 0.3021 0.0906  0.0234  -0.0666 42 ASP A CB  
332 C CG  . ASP A 42 ? 0.4127 0.6602 0.3461 0.0932  0.0216  -0.0486 42 ASP A CG  
333 O OD1 . ASP A 42 ? 0.4306 0.6824 0.3566 0.0938  0.0170  -0.0382 42 ASP A OD1 
334 O OD2 . ASP A 42 ? 0.4206 0.6502 0.3638 0.0938  0.0193  -0.0526 42 ASP A OD2 
335 N N   . LEU A 43 ? 0.3052 0.5812 0.2717 0.0592  0.0275  -0.0988 43 LEU A N   
336 C CA  . LEU A 43 ? 0.2902 0.5401 0.2991 0.0330  0.0414  -0.0925 43 LEU A CA  
337 C C   . LEU A 43 ? 0.2865 0.5112 0.3217 0.0303  0.0364  -0.0850 43 LEU A C   
338 O O   . LEU A 43 ? 0.2991 0.5071 0.3523 0.0360  0.0253  -0.0751 43 LEU A O   
339 C CB  . LEU A 43 ? 0.2987 0.5209 0.2937 0.0217  0.0511  -0.0988 43 LEU A CB  
340 C CG  . LEU A 43 ? 0.2966 0.4986 0.3039 0.0138  0.0527  -0.1013 43 LEU A CG  
341 C CD1 . LEU A 43 ? 0.3109 0.4983 0.2885 0.0261  0.0324  -0.0952 43 LEU A CD1 
342 C CD2 . LEU A 43 ? 0.3277 0.4893 0.3480 0.0199  0.0497  -0.1002 43 LEU A CD2 
343 N N   . SER A 44 ? 0.2724 0.4924 0.3241 0.0104  0.0471  -0.0822 44 SER A N   
344 C CA  . SER A 44 ? 0.2829 0.4597 0.3168 -0.0011 0.0593  -0.0685 44 SER A CA  
345 C C   . SER A 44 ? 0.2821 0.4109 0.3219 -0.0188 0.0407  -0.0629 44 SER A C   
346 O O   . SER A 44 ? 0.2498 0.4090 0.2994 -0.0312 0.0510  -0.0794 44 SER A O   
347 C CB  . SER A 44 ? 0.2970 0.4768 0.3316 -0.0027 0.0916  -0.0567 44 SER A CB  
348 O OG  . SER A 44 ? 0.3138 0.4957 0.3535 0.0012  0.0826  -0.0543 44 SER A OG  
349 N N   . GLU A 45 ? 0.2898 0.3755 0.3393 -0.0354 0.0189  -0.0536 45 GLU A N   
350 C CA  . GLU A 45 ? 0.3001 0.3301 0.3408 -0.0527 0.0058  -0.0300 45 GLU A CA  
351 C C   . GLU A 45 ? 0.2654 0.3456 0.3414 -0.0417 0.0188  -0.0211 45 GLU A C   
352 O O   . GLU A 45 ? 0.2606 0.3429 0.2931 -0.0561 0.0332  -0.0193 45 GLU A O   
353 C CB  . GLU A 45 ? 0.3346 0.3423 0.3552 -0.0588 0.0034  -0.0306 45 GLU A CB  
354 C CG  . GLU A 45 ? 0.3535 0.3612 0.3766 -0.0580 -0.0278 -0.0397 45 GLU A CG  
355 C CD  . GLU A 45 ? 0.3900 0.3861 0.3845 -0.0388 -0.0477 -0.0422 45 GLU A CD  
356 O OE1 . GLU A 45 ? 0.3992 0.4345 0.4378 -0.0301 -0.0413 -0.0360 45 GLU A OE1 
357 O OE2 . GLU A 45 ? 0.4326 0.3579 0.3913 -0.0352 -0.0410 -0.0387 45 GLU A OE2 
358 N N   . ASP A 46 ? 0.2212 0.3519 0.3628 -0.0307 0.0266  -0.0153 46 ASP A N   
359 C CA  . ASP A 46 ? 0.2385 0.3665 0.3691 -0.0136 0.0509  -0.0385 46 ASP A CA  
360 C C   . ASP A 46 ? 0.2013 0.3737 0.3506 0.0010  0.0355  -0.0660 46 ASP A C   
361 O O   . ASP A 46 ? 0.1952 0.3527 0.3669 0.0031  0.0549  -0.0767 46 ASP A O   
362 C CB  . ASP A 46 ? 0.2518 0.3581 0.4136 -0.0184 0.0641  -0.0513 46 ASP A CB  
363 C CG  . ASP A 46 ? 0.2775 0.3793 0.4494 -0.0123 0.0661  -0.0555 46 ASP A CG  
364 O OD1 . ASP A 46 ? 0.2916 0.3473 0.4600 -0.0191 0.0438  -0.0706 46 ASP A OD1 
365 O OD2 . ASP A 46 ? 0.2800 0.4363 0.4816 -0.0097 0.0905  -0.0450 46 ASP A OD2 
366 N N   . GLN A 47 ? 0.1945 0.3678 0.3432 -0.0085 0.0345  -0.0939 47 GLN A N   
367 C CA  . GLN A 47 ? 0.2232 0.3510 0.3368 -0.0027 0.0424  -0.1045 47 GLN A CA  
368 C C   . GLN A 47 ? 0.2103 0.3025 0.3007 -0.0080 0.0471  -0.0979 47 GLN A C   
369 O O   . GLN A 47 ? 0.2240 0.2890 0.3285 0.0013  0.0560  -0.0891 47 GLN A O   
370 C CB  . GLN A 47 ? 0.2588 0.4055 0.3191 0.0029  0.0608  -0.1262 47 GLN A CB  
371 C CG  . GLN A 47 ? 0.2753 0.4411 0.3292 0.0030  0.0679  -0.1422 47 GLN A CG  
372 C CD  . GLN A 47 ? 0.3133 0.4767 0.3502 0.0113  0.0561  -0.1461 47 GLN A CD  
373 O OE1 . GLN A 47 ? 0.3245 0.4791 0.3520 0.0013  0.0437  -0.1500 47 GLN A OE1 
374 N NE2 . GLN A 47 ? 0.3386 0.4840 0.3889 0.0218  0.0521  -0.1470 47 GLN A NE2 
375 N N   . TRP A 48 ? 0.2029 0.3191 0.3035 0.0102  0.0298  -0.0880 48 TRP A N   
376 C CA  . TRP A 48 ? 0.2231 0.2856 0.2959 0.0078  0.0402  -0.0671 48 TRP A CA  
377 C C   . TRP A 48 ? 0.1975 0.2329 0.3260 -0.0068 0.0432  -0.0506 48 TRP A C   
378 O O   . TRP A 48 ? 0.2043 0.2335 0.3159 0.0183  0.0462  -0.0561 48 TRP A O   
379 C CB  . TRP A 48 ? 0.2709 0.2919 0.2900 0.0264  0.0349  -0.0734 48 TRP A CB  
380 C CG  . TRP A 48 ? 0.2716 0.2994 0.2899 0.0403  0.0059  -0.0591 48 TRP A CG  
381 C CD1 . TRP A 48 ? 0.3130 0.2749 0.3222 0.0577  -0.0014 -0.0545 48 TRP A CD1 
382 C CD2 . TRP A 48 ? 0.2346 0.2872 0.2815 0.0280  0.0195  -0.0450 48 TRP A CD2 
383 N NE1 . TRP A 48 ? 0.2950 0.2763 0.3268 0.0564  -0.0145 -0.0473 48 TRP A NE1 
384 C CE2 . TRP A 48 ? 0.2696 0.3201 0.3052 0.0415  0.0034  -0.0471 48 TRP A CE2 
385 C CE3 . TRP A 48 ? 0.2136 0.3437 0.2982 0.0310  0.0415  -0.0385 48 TRP A CE3 
386 C CZ2 . TRP A 48 ? 0.2476 0.3464 0.2972 0.0476  -0.0158 -0.0518 48 TRP A CZ2 
387 C CZ3 . TRP A 48 ? 0.2503 0.3520 0.3093 0.0433  0.0274  -0.0595 48 TRP A CZ3 
388 C CH2 . TRP A 48 ? 0.2457 0.3404 0.3222 0.0420  0.0038  -0.0540 48 TRP A CH2 
389 N N   . LEU A 49 ? 0.2026 0.2485 0.3324 0.0001  0.0283  -0.0535 49 LEU A N   
390 C CA  . LEU A 49 ? 0.1999 0.2504 0.3397 -0.0243 0.0129  -0.0580 49 LEU A CA  
391 C C   . LEU A 49 ? 0.1784 0.2537 0.3361 0.0066  0.0162  -0.0687 49 LEU A C   
392 O O   . LEU A 49 ? 0.1684 0.2134 0.3400 0.0145  0.0067  -0.0586 49 LEU A O   
393 C CB  . LEU A 49 ? 0.2136 0.3090 0.3416 -0.0399 0.0163  -0.0355 49 LEU A CB  
394 C CG  . LEU A 49 ? 0.2492 0.3018 0.3667 -0.0567 0.0304  -0.0208 49 LEU A CG  
395 C CD1 . LEU A 49 ? 0.2523 0.3186 0.3934 -0.0806 0.0263  -0.0110 49 LEU A CD1 
396 C CD2 . LEU A 49 ? 0.2827 0.2823 0.3619 -0.0494 0.0410  -0.0387 49 LEU A CD2 
397 N N   . ALA A 50 ? 0.1765 0.2396 0.3630 0.0078  0.0325  -0.0769 50 ALA A N   
398 C CA  . ALA A 50 ? 0.1829 0.2469 0.3622 0.0204  0.0607  -0.0814 50 ALA A CA  
399 C C   . ALA A 50 ? 0.1720 0.2220 0.3776 0.0257  0.0354  -0.0589 50 ALA A C   
400 O O   . ALA A 50 ? 0.1827 0.2183 0.3957 0.0170  0.0336  -0.0638 50 ALA A O   
401 C CB  . ALA A 50 ? 0.2181 0.2693 0.4115 0.0321  0.0623  -0.0959 50 ALA A CB  
402 N N   . LEU A 51 ? 0.1367 0.2450 0.3734 0.0213  0.0233  -0.0526 51 LEU A N   
403 C CA  . LEU A 51 ? 0.1495 0.2375 0.3536 0.0265  0.0102  -0.0619 51 LEU A CA  
404 C C   . LEU A 51 ? 0.1501 0.2067 0.3517 0.0178  0.0212  -0.0723 51 LEU A C   
405 O O   . LEU A 51 ? 0.1558 0.2122 0.3804 0.0254  0.0305  -0.0619 51 LEU A O   
406 C CB  . LEU A 51 ? 0.1851 0.2577 0.3681 0.0008  0.0148  -0.0745 51 LEU A CB  
407 C CG  . LEU A 51 ? 0.2672 0.2590 0.4104 -0.0025 0.0129  -0.0846 51 LEU A CG  
408 C CD1 . LEU A 51 ? 0.3005 0.3259 0.4150 0.0161  -0.0098 -0.0908 51 LEU A CD1 
409 C CD2 . LEU A 51 ? 0.2966 0.2708 0.4165 -0.0052 0.0182  -0.0906 51 LEU A CD2 
410 N N   . ILE A 52 ? 0.1468 0.1942 0.3448 0.0251  0.0205  -0.0737 52 ILE A N   
411 C CA  . ILE A 52 ? 0.1485 0.1721 0.3460 0.0274  0.0048  -0.0449 52 ILE A CA  
412 C C   . ILE A 52 ? 0.1355 0.1975 0.3735 0.0423  0.0161  -0.0299 52 ILE A C   
413 O O   . ILE A 52 ? 0.1712 0.1639 0.3834 0.0414  0.0161  -0.0049 52 ILE A O   
414 C CB  . ILE A 52 ? 0.1745 0.1865 0.3118 0.0288  -0.0162 -0.0498 52 ILE A CB  
415 C CG1 . ILE A 52 ? 0.1980 0.2003 0.3384 0.0207  0.0003  -0.0562 52 ILE A CG1 
416 C CG2 . ILE A 52 ? 0.2292 0.2166 0.3074 0.0362  -0.0321 -0.0482 52 ILE A CG2 
417 C CD1 . ILE A 52 ? 0.2665 0.2802 0.3567 0.0112  -0.0079 -0.0669 52 ILE A CD1 
418 N N   . ASP A 53 ? 0.1401 0.1872 0.3950 0.0384  0.0066  -0.0355 53 ASP A N   
419 C CA  . ASP A 53 ? 0.1444 0.2146 0.4517 0.0340  0.0339  0.0023  53 ASP A CA  
420 C C   . ASP A 53 ? 0.1464 0.2154 0.4639 0.0454  0.0118  -0.0064 53 ASP A C   
421 O O   . ASP A 53 ? 0.1655 0.2093 0.4850 0.0341  0.0052  -0.0078 53 ASP A O   
422 C CB  . ASP A 53 ? 0.1360 0.2653 0.4724 0.0399  0.0434  0.0410  53 ASP A CB  
423 C CG  . ASP A 53 ? 0.2069 0.3235 0.5405 0.0562  0.0487  0.0735  53 ASP A CG  
424 O OD1 . ASP A 53 ? 0.2188 0.2983 0.5384 0.0280  0.0407  0.1011  53 ASP A OD1 
425 O OD2 . ASP A 53 ? 0.2383 0.4171 0.5555 0.0914  0.0203  0.0598  53 ASP A OD2 
426 N N   . GLU A 54 ? 0.1433 0.1958 0.4759 0.0341  0.0381  -0.0270 54 GLU A N   
427 C CA  . GLU A 54 ? 0.1649 0.1804 0.4730 0.0343  0.0448  -0.0328 54 GLU A CA  
428 C C   . GLU A 54 ? 0.1627 0.1811 0.4436 0.0331  0.0404  -0.0448 54 GLU A C   
429 O O   . GLU A 54 ? 0.1668 0.1965 0.4582 0.0281  0.0311  -0.0430 54 GLU A O   
430 C CB  . GLU A 54 ? 0.2109 0.2104 0.4453 0.0327  0.0770  -0.0445 54 GLU A CB  
431 C CG  . GLU A 54 ? 0.2289 0.1986 0.4591 0.0217  0.0790  -0.0472 54 GLU A CG  
432 C CD  . GLU A 54 ? 0.2624 0.2098 0.4768 0.0170  0.0977  -0.0510 54 GLU A CD  
433 O OE1 . GLU A 54 ? 0.2743 0.2368 0.4774 0.0224  0.0896  -0.0525 54 GLU A OE1 
434 O OE2 . GLU A 54 ? 0.3147 0.2080 0.4796 0.0104  0.1083  -0.0618 54 GLU A OE2 
435 N N   . SER A 55 ? 0.1370 0.2020 0.3948 0.0249  0.0407  -0.0494 55 SER A N   
436 C CA  . SER A 55 ? 0.1405 0.2017 0.4014 0.0400  0.0260  -0.0405 55 SER A CA  
437 C C   . SER A 55 ? 0.1476 0.1816 0.4021 0.0366  0.0274  -0.0267 55 SER A C   
438 O O   . SER A 55 ? 0.1681 0.1963 0.4059 0.0363  0.0379  -0.0087 55 SER A O   
439 C CB  . SER A 55 ? 0.1565 0.1831 0.3854 0.0380  0.0369  -0.0498 55 SER A CB  
440 O OG  . SER A 55 ? 0.1820 0.1915 0.3740 0.0469  0.0184  -0.0427 55 SER A OG  
441 N N   . GLN A 56 ? 0.1715 0.1937 0.3724 0.0566  0.0014  -0.0034 56 GLN A N   
442 C CA  . GLN A 56 ? 0.1787 0.2203 0.3835 0.0423  -0.0048 -0.0028 56 GLN A CA  
443 C C   . GLN A 56 ? 0.1721 0.2112 0.4061 0.0474  0.0116  0.0065  56 GLN A C   
444 O O   . GLN A 56 ? 0.1926 0.2431 0.3954 0.0601  0.0056  0.0259  56 GLN A O   
445 C CB  . GLN A 56 ? 0.2033 0.2175 0.3789 0.0424  -0.0028 -0.0013 56 GLN A CB  
446 C CG  . GLN A 56 ? 0.1868 0.2665 0.3769 0.0540  0.0067  -0.0068 56 GLN A CG  
447 C CD  . GLN A 56 ? 0.2193 0.2519 0.3731 0.0509  0.0069  -0.0083 56 GLN A CD  
448 O OE1 . GLN A 56 ? 0.2421 0.2944 0.3676 0.0332  0.0024  -0.0252 56 GLN A OE1 
449 N NE2 . GLN A 56 ? 0.2234 0.2365 0.3951 0.0341  0.0419  -0.0017 56 GLN A NE2 
450 N N   . LYS A 57 ? 0.1513 0.1917 0.4751 0.0475  0.0241  0.0203  57 LYS A N   
451 C CA  . LYS A 57 ? 0.1900 0.2068 0.5036 0.0653  0.0613  0.0232  57 LYS A CA  
452 C C   . LYS A 57 ? 0.1805 0.2098 0.5036 0.0591  0.0682  0.0339  57 LYS A C   
453 O O   . LYS A 57 ? 0.1907 0.2172 0.5248 0.0632  0.0699  0.0582  57 LYS A O   
454 C CB  . LYS A 57 ? 0.2301 0.2214 0.5273 0.0876  0.0631  0.0282  57 LYS A CB  
455 C CG  . LYS A 57 ? 0.2559 0.2344 0.5465 0.0955  0.0842  0.0138  57 LYS A CG  
456 C CD  . LYS A 57 ? 0.3061 0.2359 0.5518 0.1041  0.0983  -0.0034 57 LYS A CD  
457 C CE  . LYS A 57 ? 0.3551 0.2766 0.5525 0.1101  0.0747  -0.0106 57 LYS A CE  
458 N NZ  . LYS A 57 ? 0.3709 0.3234 0.5542 0.1143  0.0472  -0.0086 57 LYS A NZ  
459 N N   . VAL A 58 ? 0.1737 0.2136 0.4931 0.0535  0.0703  -0.0010 58 VAL A N   
460 C CA  . VAL A 58 ? 0.2031 0.1811 0.5102 0.0453  0.0842  -0.0129 58 VAL A CA  
461 C C   . VAL A 58 ? 0.1730 0.1813 0.4820 0.0475  0.0635  0.0045  58 VAL A C   
462 O O   . VAL A 58 ? 0.1868 0.1875 0.5299 0.0439  0.0842  0.0279  58 VAL A O   
463 C CB  . VAL A 58 ? 0.2163 0.1798 0.5055 0.0261  0.0816  -0.0413 58 VAL A CB  
464 C CG1 . VAL A 58 ? 0.1971 0.1925 0.5360 0.0129  0.0683  -0.0192 58 VAL A CG1 
465 C CG2 . VAL A 58 ? 0.2271 0.2139 0.4975 0.0146  0.0834  -0.0582 58 VAL A CG2 
466 N N   . ARG A 59 ? 0.1711 0.1777 0.4465 0.0603  0.0326  0.0026  59 ARG A N   
467 C CA  . ARG A 59 ? 0.1855 0.1837 0.4410 0.0657  0.0112  0.0316  59 ARG A CA  
468 C C   . ARG A 59 ? 0.1818 0.2354 0.4903 0.0677  0.0551  0.0652  59 ARG A C   
469 O O   . ARG A 59 ? 0.1918 0.2472 0.4687 0.0574  0.0450  0.0674  59 ARG A O   
470 C CB  . ARG A 59 ? 0.2035 0.1770 0.4309 0.0249  0.0184  0.0132  59 ARG A CB  
471 C CG  . ARG A 59 ? 0.2113 0.1979 0.3643 0.0334  -0.0101 0.0073  59 ARG A CG  
472 C CD  . ARG A 59 ? 0.1828 0.2091 0.3702 0.0198  0.0029  -0.0078 59 ARG A CD  
473 N NE  . ARG A 59 ? 0.2302 0.1939 0.3727 0.0371  -0.0152 -0.0153 59 ARG A NE  
474 C CZ  . ARG A 59 ? 0.2338 0.1903 0.3380 0.0371  -0.0195 -0.0120 59 ARG A CZ  
475 N NH1 . ARG A 59 ? 0.2379 0.2033 0.3167 0.0167  0.0003  0.0005  59 ARG A NH1 
476 N NH2 . ARG A 59 ? 0.2690 0.2184 0.3681 0.0421  0.0115  -0.0255 59 ARG A NH2 
477 N N   . ARG A 60 ? 0.1960 0.2608 0.5356 0.0759  0.0630  0.0951  60 ARG A N   
478 C CA  . ARG A 60 ? 0.1915 0.3320 0.5703 0.0691  0.0480  0.1456  60 ARG A CA  
479 C C   . ARG A 60 ? 0.2144 0.3355 0.6009 0.0777  0.0869  0.1642  60 ARG A C   
480 O O   . ARG A 60 ? 0.2329 0.3905 0.6221 0.0901  0.0903  0.2021  60 ARG A O   
481 C CB  . ARG A 60 ? 0.2182 0.3866 0.5918 0.0710  0.0261  0.1526  60 ARG A CB  
482 C CG  . ARG A 60 ? 0.3214 0.4137 0.6199 0.0796  0.0331  0.1323  60 ARG A CG  
483 C CD  . ARG A 60 ? 0.3779 0.4483 0.6380 0.0939  0.0417  0.1153  60 ARG A CD  
484 N NE  . ARG A 60 ? 0.4224 0.4472 0.6536 0.0935  0.0584  0.0965  60 ARG A NE  
485 C CZ  . ARG A 60 ? 0.4792 0.4058 0.6697 0.0915  0.0654  0.0910  60 ARG A CZ  
486 N NH1 . ARG A 60 ? 0.5105 0.3682 0.6766 0.0800  0.0839  0.0712  60 ARG A NH1 
487 N NH2 . ARG A 60 ? 0.5154 0.3947 0.6765 0.1057  0.0625  0.1015  60 ARG A NH2 
488 N N   . GLU A 61 ? 0.2450 0.2565 0.6428 0.0667  0.1298  0.1469  61 GLU A N   
489 C CA  . GLU A 61 ? 0.3078 0.2368 0.6926 0.0618  0.1967  0.0954  61 GLU A CA  
490 C C   . GLU A 61 ? 0.3073 0.2585 0.7105 0.0645  0.2059  0.0953  61 GLU A C   
491 O O   . GLU A 61 ? 0.3171 0.2447 0.7640 0.0457  0.2290  0.1076  61 GLU A O   
492 C CB  . GLU A 61 ? 0.3588 0.2218 0.6938 0.0496  0.2160  0.0367  61 GLU A CB  
493 C CG  . GLU A 61 ? 0.4072 0.2820 0.7202 0.0673  0.2132  -0.0168 61 GLU A CG  
494 C CD  . GLU A 61 ? 0.4853 0.3119 0.7423 0.0793  0.1898  -0.0485 61 GLU A CD  
495 O OE1 . GLU A 61 ? 0.5179 0.2983 0.7468 0.0870  0.1771  -0.0442 61 GLU A OE1 
496 O OE2 . GLU A 61 ? 0.5438 0.3789 0.7454 0.0778  0.1934  -0.0784 61 GLU A OE2 
497 N N   . GLN A 62 ? 0.2729 0.2652 0.6538 0.0491  0.1937  0.0775  62 GLN A N   
498 C CA  . GLN A 62 ? 0.2636 0.2822 0.6221 0.0678  0.1750  0.0748  62 GLN A CA  
499 C C   . GLN A 62 ? 0.2573 0.2989 0.6150 0.0773  0.1669  0.1253  62 GLN A C   
500 O O   . GLN A 62 ? 0.2846 0.3486 0.6125 0.0847  0.1940  0.1083  62 GLN A O   
501 C CB  . GLN A 62 ? 0.2650 0.2625 0.5654 0.0718  0.1631  0.0247  62 GLN A CB  
502 C CG  . GLN A 62 ? 0.2468 0.2426 0.6063 0.0438  0.1662  0.0314  62 GLN A CG  
503 C CD  . GLN A 62 ? 0.2733 0.2466 0.6320 0.0169  0.1474  0.0095  62 GLN A CD  
504 O OE1 . GLN A 62 ? 0.2924 0.2807 0.6621 0.0150  0.1238  0.0177  62 GLN A OE1 
505 N NE2 . GLN A 62 ? 0.2735 0.2263 0.6617 0.0058  0.1445  -0.0006 62 GLN A NE2 
506 N N   . PHE A 63 ? 0.2460 0.3200 0.6101 0.0930  0.1186  0.1683  63 PHE A N   
507 C CA  . PHE A 63 ? 0.2289 0.3935 0.6191 0.0896  0.0992  0.1828  63 PHE A CA  
508 C C   . PHE A 63 ? 0.2367 0.4396 0.6377 0.0885  0.1022  0.2151  63 PHE A C   
509 O O   . PHE A 63 ? 0.2401 0.4583 0.6513 0.0842  0.0996  0.2375  63 PHE A O   
510 C CB  . PHE A 63 ? 0.2301 0.3775 0.5992 0.0654  0.0927  0.1665  63 PHE A CB  
511 C CG  . PHE A 63 ? 0.2516 0.3638 0.5593 0.0455  0.0873  0.1498  63 PHE A CG  
512 C CD1 . PHE A 63 ? 0.2722 0.3427 0.5551 0.0557  0.0709  0.1371  63 PHE A CD1 
513 C CD2 . PHE A 63 ? 0.2819 0.3795 0.5572 0.0459  0.0847  0.1293  63 PHE A CD2 
514 C CE1 . PHE A 63 ? 0.2891 0.3347 0.5505 0.0480  0.0707  0.1283  63 PHE A CE1 
515 C CE2 . PHE A 63 ? 0.3068 0.3670 0.5475 0.0511  0.0734  0.1234  63 PHE A CE2 
516 C CZ  . PHE A 63 ? 0.3049 0.3541 0.5463 0.0519  0.0702  0.1171  63 PHE A CZ  
517 N N   . GLU A 64 ? 0.2659 0.4233 0.6601 0.1060  0.1060  0.2405  64 GLU A N   
518 C CA  . GLU A 64 ? 0.2792 0.4019 0.7228 0.0963  0.1290  0.2537  64 GLU A CA  
519 C C   . GLU A 64 ? 0.3041 0.4022 0.8238 0.0771  0.1559  0.2904  64 GLU A C   
520 O O   . GLU A 64 ? 0.3398 0.4386 0.8184 0.0606  0.1814  0.2851  64 GLU A O   
521 C CB  . GLU A 64 ? 0.2833 0.3749 0.7047 0.0991  0.1296  0.2357  64 GLU A CB  
522 C CG  . GLU A 64 ? 0.2873 0.3643 0.6834 0.1056  0.1215  0.2196  64 GLU A CG  
523 C CD  . GLU A 64 ? 0.2748 0.3560 0.6745 0.1023  0.1107  0.2032  64 GLU A CD  
524 O OE1 . GLU A 64 ? 0.2565 0.3414 0.6391 0.0930  0.1122  0.2043  64 GLU A OE1 
525 O OE2 . GLU A 64 ? 0.2849 0.3489 0.7009 0.1017  0.1373  0.1985  64 GLU A OE2 
526 N N   . SER A 65 ? 0.3395 0.4249 0.9154 0.0458  0.1630  0.2864  65 SER A N   
527 C CA  . SER A 65 ? 0.3744 0.4789 0.9930 0.0119  0.1817  0.2736  65 SER A CA  
528 C C   . SER A 65 ? 0.4166 0.5348 1.0264 -0.0349 0.1938  0.2594  65 SER A C   
529 O O   . SER A 65 ? 0.4125 0.4903 1.0235 -0.0282 0.1718  0.2675  65 SER A O   
530 C CB  . SER A 65 ? 0.3859 0.4765 1.0305 0.0258  0.1851  0.2620  65 SER A CB  
531 O OG  . SER A 65 ? 0.3750 0.4789 1.0576 0.0192  0.2010  0.2495  65 SER A OG  
532 N N   . ASP A 66 ? 0.4583 0.6469 1.0569 -0.0806 0.2299  0.2363  66 ASP A N   
533 C CA  . ASP A 66 ? 0.5520 0.7676 1.0765 -0.0924 0.2510  0.2058  66 ASP A CA  
534 C C   . ASP A 66 ? 0.7201 0.8744 1.1515 -0.0896 0.1977  0.1699  66 ASP A C   
535 O O   . ASP A 66 ? 0.7328 0.8652 1.1401 -0.0823 0.1955  0.1710  66 ASP A O   
536 C CB  . ASP A 66 ? 0.4990 0.7955 1.0113 -0.0940 0.3035  0.1912  66 ASP A CB  
537 C CG  . ASP A 66 ? 0.4848 0.8152 0.9581 -0.0820 0.3077  0.1737  66 ASP A CG  
538 O OD1 . ASP A 66 ? 0.4956 0.8182 0.9787 -0.0675 0.2968  0.1851  66 ASP A OD1 
539 O OD2 . ASP A 66 ? 0.4761 0.8323 0.9181 -0.0660 0.3149  0.1546  66 ASP A OD2 
540 N N   . GLU A 67 ? 0.8585 0.9868 1.2534 -0.1080 0.1556  0.1384  67 GLU A N   
541 C CA  . GLU A 67 ? 1.0042 1.0984 1.3712 -0.1247 0.1136  0.1083  67 GLU A CA  
542 C C   . GLU A 67 ? 0.9863 1.0261 1.3043 -0.1344 0.0870  0.1067  67 GLU A C   
543 O O   . GLU A 67 ? 0.9953 1.0134 1.2898 -0.1293 0.0758  0.1030  67 GLU A O   
549 N N   . ALA A 68 ? 0.9587 0.9697 1.2658 -0.1511 0.0768  0.1130  68 ALA A N   
550 C CA  . ALA A 68 ? 0.9332 0.9160 1.2401 -0.1679 0.0693  0.1200  68 ALA A CA  
551 C C   . ALA A 68 ? 0.9205 0.8797 1.2314 -0.1801 0.0685  0.1254  68 ALA A C   
552 O O   . ALA A 68 ? 0.9134 0.8588 1.2177 -0.1832 0.0609  0.1303  68 ALA A O   
553 C CB  . ALA A 68 ? 0.9233 0.9081 1.2258 -0.1694 0.0613  0.1199  68 ALA A CB  
# 
